data_6ZFU
#
_entry.id   6ZFU
#
_cell.length_a   210.740
_cell.length_b   210.740
_cell.length_c   343.935
_cell.angle_alpha   90.000
_cell.angle_beta   90.000
_cell.angle_gamma   120.000
#
_symmetry.space_group_name_H-M   'P 65 2 2'
#
loop_
_entity.id
_entity.type
_entity.pdbx_description
1 polymer 'Cytochrome b-c1 complex subunit 1, mitochondrial'
2 polymer 'Cytochrome b-c1 complex subunit 2, mitochondrial'
3 polymer 'Cytochrome b'
4 polymer 'Cytochrome c1, heme protein, mitochondrial'
5 polymer 'Cytochrome b-c1 complex subunit Rieske, mitochondrial'
6 polymer 'Cytochrome b-c1 complex subunit 7'
7 polymer 'Cytochrome b-c1 complex subunit 8'
8 polymer 'Cytochrome b-c1 complex subunit 6, mitochondrial'
9 polymer 'Cytochrome b-c1 complex subunit Rieske, mitochondrial'
10 polymer 'Cytochrome b-c1 complex subunit 9'
11 non-polymer 'TETRAETHYLENE GLYCOL'
12 non-polymer 1,2-DIHEXANOYL-SN-GLYCERO-3-PHOSPHOETHANOLAMINE
13 non-polymer CARDIOLIPIN
14 non-polymer 'PROTOPORPHYRIN IX CONTAINING FE'
15 non-polymer DODECYL-BETA-D-MALTOSIDE
16 non-polymer 1,2-dioleoyl-sn-glycero-3-phosphoethanolamine
17 non-polymer 3-methyl-1-oxidanyl-2-[4-[[4-(trifluoromethyloxy)phenyl]methyl]phenyl]quinolin-4-one
18 non-polymer 'HEME C'
19 non-polymer 'PHOSPHATE ION'
20 non-polymer 'FE2/S2 (INORGANIC) CLUSTER'
21 non-polymer 1,2-DIMYRISTOYL-SN-GLYCERO-3-PHOSPHOCHOLINE
22 water water
#
loop_
_entity_poly.entity_id
_entity_poly.type
_entity_poly.pdbx_seq_one_letter_code
_entity_poly.pdbx_strand_id
1 'polypeptide(L)'
;ATYAQALQSVPETQVSQLDNGLRVASEQSSQPTCTVGVWIDAGSRYESEKNNGAGYFVEHLAFKGTKNRPGNALEKEVES
MGAHLNAYSTREHTAYYIKALSKDLPKAVELLADIVQNCSLEDSQIEKERDVILQELQENDTSMRDVVFNYLHATAFQGT
PLAQSVEGPSENVRKLSRADLTEYLSRHYKAPRMVLAAAGGLEHRQLLDLAQKHFSGLSGTYDEETVPTLSPCRFTGSQI
CHREDGLPLAHVAIAVEGPGWAHPDNVALQVANAIIGHYDCTYGGGAHLSSPLASIAATNKLCQSFQTFNICYADTGLLG
AHFVCDHMSIDDMMFVLQGQWMRLCTSATESEVLRGKNLLRNALVSHLDGTTPVCEDIGRSLLTYGRRIPLAEWESRIAE
VDARVVREVCSKYFYDQCPAVAGFGPIEQLPDYNRIRSGMFWLR
;
A
2 'polypeptide(L)'
;HPQDLEFTRLPNGLVIASLENYAPASRIGLFIKAGSRYENSNNLGTSHLLRLASSLTTKGASSFKITRGIEAVGGKLSVT
STRENMAYTVECLRDDVDILMEFLLNVTTAPEFRRWEVAALQPQLRIDKAVALQNPQAHVIENLHAAAYRNALANSLYCP
DYRIGKVTPVELHDYVQNHFTSARMALIGLGVSHPVLKQVAEQFLNIRGGLGLSGAKAKYHGGEIREQNGDSLVHAALVA
ESAAIGSAEANAFSVLQHVLGAGPHVKRGSNATSSLYQAVAKGVHQPFDVSAFNASYSDSGLFGFYTISQAASAGDVIKA
AYNQVKTIAQGNLSNPDVQAAKNKLKAGYLMSVESSEGFLDEVGSQALAAGSYTPPSTVLQQIDAVADADVINAAKKFVS
GRKSMAASGNLGHTPFIDEL
;
B
3 'polypeptide(L)'
;TNIRKSHPLMKIVNNAFIDLPAPSNISSWWNFGSLLGICLILQILTGLFLAMHYTSDTTTAFSSVTHICRDVNYGWIIRY
MHANGASMFFICLYMHVGRGLYYGSYTFLETWNIGVILLLTVMATAFMGYVLPWGQMSFWGATVITNLLSAIPYIGTNLV
EWIWGGFSVDKATLTRFFAFHFILPFIIMAIAMVHLLFLHETGSNNPTGISSDVDKIPFHPYYTIKDILGALLLILALML
LVLFAPDLLGDPDNYTPANPLNTPPHIKPEWYFLFAYAILRSIPNKLGGVLALAFSILILALIPLLHTSKQRSMMFRPLS
QCLFWALVADLLTLTWIGGQPVEHPYITIGQLASVLYFLLILVLMPTAGTIENKLLKW
;
C
4 'polypeptide(L)'
;DLELHPPSYPWSHRGLLSSLDHTSIRRGFQVYKQVCSSCHSMDYVAYRHLVGVCYTEDEAKALAEEVEVQDGPNEDGEMF
MRPGKLSDYFPKPYPNPEAARAANNGALPPDLSYIVRARHGGEDYVFSLLTGYCEPPTGVSLREGLYFNPYFPGQAIGMA
PPIYNEVLEFDDGTPATMSQVAKDVCTFLRWAAEPEHDHRKRMGLKMLLMMGLLLPLVYAMKRHKWSVLKSRKLAYRPP
;
D
5 'polypeptide(L)'
;SHTDIKVPDFSDYRRPEVLDSTKSSKESSEARKGFSYLVTATTTVGVAYAAKNVVSQFVSSMSASADVLAMSKIEIKLSD
IPEGKNMAFKWRGKPLFVRHRTKKEIDQEAAVEVSQLRDPQHDLERVKKPEWVILIGVCTHLGCVPIANAGDFGGYYCPC
HGSHYDASGRIRKGPAPLNLEVPSYEFTSDDMVIVG
;
E
6 'polypeptide(L)'
;RWLEGIRKWYYNAAGFNKLGLMRDDTIHENDDVKEAIRRLPENLYNDRVFRIKRALDLSMRQQILPKEQWTKYEEDKSYL
EPYLKEVIRERKEREEWAK
;
F
7 'polypeptide(L)' RQFGHLTRVRHVITYSLSPFEQRAFPHYFSKGIPNVLRRTRACILRVAPPFVAFYLVYTWGTQEFEKSKRKNPA G
8 'polypeptide(L)' LVDPLTTVREQCEQLEKCVKARERLELCDERVSSRSQTEEDCTEELLDFLHARDHCVAHKLFNSL H
9 'polypeptide(L)' AVPATSESPVLDLKRSVLCRESLRGQAAGRPLVASVSLNVPASVRY I
10 'polypeptide(L)' APTLTARLYSLLFRRTSTFALTIVVGALFFERAFDQGADAIYEHINEGKLWKHIKHKYE J
#
# COMPACT_ATOMS: atom_id res chain seq x y z
N ALA A 1 32.11 8.26 46.93
CA ALA A 1 30.63 8.06 46.96
C ALA A 1 30.01 7.79 45.56
N THR A 2 29.92 6.51 45.17
CA THR A 2 29.49 6.15 43.80
C THR A 2 27.97 6.03 43.62
N TYR A 3 27.51 5.91 42.37
CA TYR A 3 26.09 5.76 42.04
C TYR A 3 25.52 4.42 42.49
N ALA A 4 26.28 3.34 42.25
CA ALA A 4 25.92 2.00 42.68
C ALA A 4 25.67 1.97 44.18
N GLN A 5 26.59 2.60 44.93
CA GLN A 5 26.47 2.78 46.38
C GLN A 5 25.22 3.59 46.76
N ALA A 6 25.02 4.74 46.11
CA ALA A 6 23.91 5.65 46.42
C ALA A 6 22.57 4.94 46.47
N LEU A 7 22.38 4.00 45.57
CA LEU A 7 21.15 3.21 45.46
C LEU A 7 20.92 2.33 46.66
N GLN A 8 21.99 1.87 47.30
CA GLN A 8 21.91 0.98 48.45
C GLN A 8 21.36 1.64 49.70
N SER A 9 21.62 2.93 49.83
CA SER A 9 21.19 3.72 50.99
C SER A 9 20.09 4.72 50.62
N VAL A 10 19.18 4.29 49.76
CA VAL A 10 17.94 5.00 49.55
C VAL A 10 16.97 4.48 50.62
N PRO A 11 16.19 5.39 51.27
CA PRO A 11 15.18 4.96 52.27
C PRO A 11 14.24 3.83 51.79
N GLU A 12 14.16 2.71 52.53
CA GLU A 12 13.27 1.58 52.19
C GLU A 12 11.79 1.90 52.37
N THR A 13 10.92 1.13 51.72
CA THR A 13 9.48 1.31 51.85
C THR A 13 8.90 0.29 52.82
N GLN A 14 8.22 0.80 53.85
CA GLN A 14 7.56 -0.02 54.89
C GLN A 14 6.21 -0.52 54.39
N VAL A 15 5.82 -1.74 54.75
CA VAL A 15 4.60 -2.36 54.21
C VAL A 15 3.86 -3.17 55.30
N SER A 16 2.70 -2.67 55.71
CA SER A 16 1.86 -3.36 56.70
C SER A 16 0.41 -3.45 56.20
N GLN A 17 -0.38 -4.34 56.81
CA GLN A 17 -1.78 -4.58 56.39
C GLN A 17 -2.75 -4.56 57.58
N LEU A 18 -3.99 -4.10 57.35
CA LEU A 18 -5.05 -4.09 58.39
C LEU A 18 -5.92 -5.35 58.35
N ASP A 19 -6.75 -5.49 59.40
CA ASP A 19 -7.68 -6.61 59.57
C ASP A 19 -8.55 -6.77 58.33
N ASN A 20 -9.19 -5.66 57.93
CA ASN A 20 -10.07 -5.65 56.77
C ASN A 20 -9.36 -5.87 55.44
N GLY A 21 -8.04 -5.66 55.43
CA GLY A 21 -7.20 -5.90 54.25
C GLY A 21 -6.58 -4.68 53.60
N LEU A 22 -6.79 -3.51 54.21
CA LEU A 22 -6.19 -2.26 53.72
C LEU A 22 -4.68 -2.26 53.94
N ARG A 23 -3.93 -2.01 52.88
CA ARG A 23 -2.49 -1.91 53.00
C ARG A 23 -2.04 -0.51 53.31
N VAL A 24 -1.10 -0.43 54.24
CA VAL A 24 -0.50 0.81 54.65
C VAL A 24 0.98 0.77 54.25
N ALA A 25 1.40 1.77 53.49
CA ALA A 25 2.76 1.84 52.96
C ALA A 25 3.34 3.24 53.10
N SER A 26 4.65 3.28 53.37
CA SER A 26 5.30 4.46 53.88
C SER A 26 6.77 4.53 53.46
N GLU A 27 7.19 5.72 53.03
CA GLU A 27 8.62 6.06 52.92
C GLU A 27 8.91 7.29 53.77
N GLN A 28 9.93 7.18 54.62
CA GLN A 28 10.26 8.20 55.60
C GLN A 28 11.59 8.90 55.34
N SER A 29 11.62 10.20 55.64
CA SER A 29 12.84 11.01 55.74
C SER A 29 12.53 12.24 56.57
N SER A 30 13.53 12.82 57.24
CA SER A 30 13.30 14.05 57.99
C SER A 30 13.02 15.24 57.06
N GLN A 31 11.72 15.46 56.83
CA GLN A 31 11.18 16.46 55.92
C GLN A 31 10.05 17.21 56.66
N PRO A 32 9.93 18.55 56.44
CA PRO A 32 8.90 19.35 57.13
C PRO A 32 7.48 19.14 56.62
N THR A 33 7.39 18.63 55.39
CA THR A 33 6.15 18.46 54.63
C THR A 33 5.99 17.00 54.28
N CYS A 34 4.77 16.64 53.84
CA CYS A 34 4.44 15.27 53.44
C CYS A 34 3.33 15.21 52.39
N THR A 35 3.16 14.02 51.80
CA THR A 35 2.02 13.67 50.95
C THR A 35 1.49 12.29 51.36
N VAL A 36 0.18 12.19 51.53
CA VAL A 36 -0.51 10.96 51.93
C VAL A 36 -1.78 10.81 51.13
N GLY A 37 -2.17 9.58 50.81
CA GLY A 37 -3.38 9.35 50.06
C GLY A 37 -3.83 7.91 49.90
N VAL A 38 -4.98 7.75 49.26
CA VAL A 38 -5.66 6.45 49.06
C VAL A 38 -5.66 6.12 47.56
N TRP A 39 -5.03 5.00 47.20
CA TRP A 39 -5.08 4.48 45.84
C TRP A 39 -5.96 3.23 45.77
N ILE A 40 -6.83 3.16 44.77
CA ILE A 40 -7.91 2.15 44.69
C ILE A 40 -7.88 1.47 43.31
N ASP A 41 -7.97 0.14 43.29
CA ASP A 41 -8.24 -0.60 42.03
C ASP A 41 -9.69 -0.40 41.57
N ALA A 42 -9.90 0.75 40.93
CA ALA A 42 -11.21 1.21 40.44
C ALA A 42 -11.03 2.24 39.31
N GLY A 43 -11.87 2.16 38.28
CA GLY A 43 -11.79 3.06 37.11
C GLY A 43 -12.73 2.58 36.02
N SER A 44 -12.50 3.03 34.78
CA SER A 44 -13.39 2.74 33.65
C SER A 44 -13.44 1.25 33.25
N ARG A 45 -12.34 0.53 33.45
CA ARG A 45 -12.27 -0.91 33.13
C ARG A 45 -13.23 -1.74 33.99
N TYR A 46 -13.45 -1.29 35.23
CA TYR A 46 -14.34 -1.97 36.20
C TYR A 46 -15.81 -1.58 35.99
N GLU A 47 -16.05 -0.53 35.20
CA GLU A 47 -17.39 -0.08 34.88
C GLU A 47 -17.98 -0.85 33.70
N SER A 48 -19.29 -1.09 33.75
CA SER A 48 -20.04 -1.67 32.63
C SER A 48 -20.46 -0.52 31.72
N GLU A 49 -21.22 -0.85 30.69
CA GLU A 49 -21.69 0.15 29.73
C GLU A 49 -22.77 1.06 30.31
N LYS A 50 -23.57 0.53 31.23
CA LYS A 50 -24.71 1.25 31.82
C LYS A 50 -24.28 2.26 32.88
N ASN A 51 -23.12 2.02 33.50
CA ASN A 51 -22.61 2.89 34.55
C ASN A 51 -21.25 3.50 34.26
N ASN A 52 -20.85 3.52 32.99
CA ASN A 52 -19.57 4.12 32.58
C ASN A 52 -19.52 5.61 32.92
N GLY A 53 -18.38 6.04 33.46
CA GLY A 53 -18.16 7.42 33.92
C GLY A 53 -18.64 7.72 35.32
N ALA A 54 -19.02 6.69 36.07
CA ALA A 54 -19.47 6.83 37.44
C ALA A 54 -18.30 7.23 38.34
N GLY A 55 -17.17 6.53 38.20
CA GLY A 55 -15.95 6.81 38.99
C GLY A 55 -15.44 8.22 38.80
N TYR A 56 -15.66 8.75 37.60
CA TYR A 56 -15.36 10.14 37.25
C TYR A 56 -16.36 11.08 37.91
N PHE A 57 -17.64 10.73 37.85
CA PHE A 57 -18.73 11.48 38.47
C PHE A 57 -18.46 11.58 39.98
N VAL A 58 -18.09 10.46 40.60
CA VAL A 58 -17.76 10.41 42.02
C VAL A 58 -16.64 11.40 42.33
N GLU A 59 -15.56 11.36 41.53
CA GLU A 59 -14.39 12.20 41.73
C GLU A 59 -14.78 13.67 41.91
N HIS A 60 -15.74 14.14 41.12
CA HIS A 60 -16.31 15.49 41.25
C HIS A 60 -17.01 15.74 42.58
N LEU A 61 -17.72 14.73 43.07
CA LEU A 61 -18.46 14.80 44.35
C LEU A 61 -17.61 14.56 45.61
N ALA A 62 -16.43 13.96 45.47
CA ALA A 62 -15.58 13.59 46.61
C ALA A 62 -15.25 14.73 47.58
N PHE A 63 -14.92 15.89 47.02
CA PHE A 63 -14.48 17.02 47.82
C PHE A 63 -15.61 18.01 48.11
N LYS A 64 -16.86 17.61 47.87
CA LYS A 64 -18.03 18.51 48.02
C LYS A 64 -18.78 18.34 49.36
N GLY A 65 -18.11 17.74 50.34
CA GLY A 65 -18.69 17.55 51.67
C GLY A 65 -18.73 16.11 52.10
N THR A 66 -18.91 15.91 53.40
CA THR A 66 -19.03 14.57 54.01
C THR A 66 -20.17 14.61 55.02
N LYS A 67 -20.51 13.47 55.63
CA LYS A 67 -21.47 13.47 56.73
C LYS A 67 -20.92 14.23 57.97
N ASN A 68 -19.64 14.02 58.29
CA ASN A 68 -18.98 14.70 59.42
C ASN A 68 -18.67 16.18 59.17
N ARG A 69 -18.41 16.52 57.90
CA ARG A 69 -18.06 17.87 57.46
C ARG A 69 -18.93 18.28 56.26
N PRO A 70 -20.17 18.77 56.52
CA PRO A 70 -21.13 19.01 55.44
C PRO A 70 -20.74 20.18 54.55
N GLY A 71 -20.99 20.03 53.25
CA GLY A 71 -20.73 21.09 52.27
C GLY A 71 -19.28 21.51 52.19
N ASN A 72 -19.04 22.79 52.43
CA ASN A 72 -17.71 23.40 52.30
C ASN A 72 -16.85 23.30 53.57
N ALA A 73 -17.31 22.53 54.54
CA ALA A 73 -16.56 22.35 55.79
C ALA A 73 -15.28 21.57 55.53
N LEU A 74 -15.38 20.52 54.71
CA LEU A 74 -14.22 19.74 54.27
C LEU A 74 -13.22 20.64 53.55
N GLU A 75 -13.74 21.43 52.63
CA GLU A 75 -12.97 22.42 51.86
C GLU A 75 -12.25 23.45 52.75
N LYS A 76 -13.00 24.07 53.67
CA LYS A 76 -12.48 25.09 54.60
C LYS A 76 -11.30 24.58 55.42
N GLU A 77 -11.43 23.35 55.92
CA GLU A 77 -10.46 22.76 56.83
C GLU A 77 -9.12 22.45 56.15
N VAL A 78 -9.20 22.02 54.88
CA VAL A 78 -8.00 21.73 54.08
C VAL A 78 -7.25 23.04 53.81
N GLU A 79 -8.00 24.05 53.38
CA GLU A 79 -7.45 25.36 53.06
C GLU A 79 -6.79 26.06 54.25
N SER A 80 -7.43 26.03 55.43
CA SER A 80 -6.96 26.74 56.63
C SER A 80 -5.72 26.12 57.30
N MET A 81 -5.41 24.86 56.99
CA MET A 81 -4.17 24.23 57.48
C MET A 81 -3.04 24.19 56.43
N GLY A 82 -3.27 24.91 55.34
CA GLY A 82 -2.30 25.03 54.24
C GLY A 82 -2.18 23.79 53.39
N ALA A 83 -3.12 22.86 53.57
CA ALA A 83 -3.11 21.59 52.85
C ALA A 83 -3.62 21.77 51.43
N HIS A 84 -3.20 20.85 50.57
CA HIS A 84 -3.58 20.83 49.16
C HIS A 84 -4.21 19.48 48.85
N LEU A 85 -5.47 19.52 48.42
CA LEU A 85 -6.30 18.33 48.21
C LEU A 85 -6.48 18.05 46.72
N ASN A 86 -6.22 16.80 46.30
CA ASN A 86 -6.23 16.44 44.87
C ASN A 86 -6.65 14.99 44.57
N ALA A 87 -7.21 14.78 43.37
CA ALA A 87 -7.67 13.47 42.92
C ALA A 87 -7.42 13.23 41.42
N TYR A 88 -7.34 11.96 41.02
CA TYR A 88 -7.31 11.57 39.62
C TYR A 88 -7.92 10.18 39.41
N SER A 89 -8.44 9.93 38.20
CA SER A 89 -8.97 8.61 37.78
C SER A 89 -8.37 8.22 36.44
N THR A 90 -7.81 7.01 36.39
CA THR A 90 -7.39 6.37 35.12
C THR A 90 -8.38 5.24 34.80
N ARG A 91 -8.14 4.49 33.73
CA ARG A 91 -8.99 3.33 33.39
C ARG A 91 -8.96 2.20 34.44
N GLU A 92 -7.89 2.15 35.24
CA GLU A 92 -7.73 1.13 36.29
C GLU A 92 -7.55 1.65 37.73
N HIS A 93 -7.18 2.93 37.89
CA HIS A 93 -6.85 3.48 39.23
C HIS A 93 -7.51 4.81 39.53
N THR A 94 -8.30 4.85 40.61
CA THR A 94 -8.82 6.10 41.19
C THR A 94 -7.88 6.39 42.39
N ALA A 95 -7.59 7.67 42.64
CA ALA A 95 -6.67 8.09 43.72
C ALA A 95 -6.96 9.47 44.30
N TYR A 96 -7.03 9.55 45.63
CA TYR A 96 -7.25 10.79 46.39
C TYR A 96 -6.07 10.96 47.32
N TYR A 97 -5.47 12.15 47.31
CA TYR A 97 -4.30 12.42 48.15
C TYR A 97 -4.25 13.87 48.61
N ILE A 98 -3.51 14.08 49.70
CA ILE A 98 -3.40 15.37 50.35
C ILE A 98 -1.93 15.70 50.64
N LYS A 99 -1.52 16.92 50.28
CA LYS A 99 -0.19 17.44 50.58
C LYS A 99 -0.33 18.39 51.77
N ALA A 100 0.37 18.09 52.86
CA ALA A 100 0.21 18.83 54.13
C ALA A 100 1.53 19.00 54.89
N LEU A 101 1.50 19.84 55.92
CA LEU A 101 2.60 19.94 56.87
C LEU A 101 2.71 18.64 57.65
N SER A 102 3.94 18.25 57.97
CA SER A 102 4.19 16.93 58.58
C SER A 102 3.47 16.75 59.90
N LYS A 103 3.49 17.77 60.75
CA LYS A 103 2.76 17.79 62.03
C LYS A 103 1.23 17.58 61.88
N ASP A 104 0.68 17.95 60.72
CA ASP A 104 -0.75 17.81 60.44
C ASP A 104 -1.16 16.46 59.82
N LEU A 105 -0.25 15.47 59.80
CA LEU A 105 -0.54 14.13 59.24
C LEU A 105 -1.73 13.37 59.87
N PRO A 106 -1.87 13.38 61.23
CA PRO A 106 -3.08 12.81 61.83
C PRO A 106 -4.40 13.35 61.24
N LYS A 107 -4.54 14.67 61.20
CA LYS A 107 -5.72 15.30 60.61
C LYS A 107 -5.83 14.99 59.10
N ALA A 108 -4.67 14.96 58.44
CA ALA A 108 -4.61 14.61 57.02
C ALA A 108 -5.21 13.24 56.73
N VAL A 109 -4.79 12.23 57.52
CA VAL A 109 -5.28 10.85 57.36
C VAL A 109 -6.77 10.77 57.70
N GLU A 110 -7.17 11.50 58.74
CA GLU A 110 -8.57 11.62 59.15
C GLU A 110 -9.49 12.15 58.04
N LEU A 111 -9.05 13.21 57.37
CA LEU A 111 -9.81 13.84 56.29
C LEU A 111 -9.98 12.95 55.05
N LEU A 112 -8.90 12.25 54.68
CA LEU A 112 -8.91 11.29 53.58
C LEU A 112 -9.95 10.21 53.83
N ALA A 113 -9.94 9.68 55.06
CA ALA A 113 -10.89 8.68 55.53
C ALA A 113 -12.34 9.16 55.45
N ASP A 114 -12.55 10.43 55.80
CA ASP A 114 -13.87 11.02 55.77
C ASP A 114 -14.40 11.20 54.36
N ILE A 115 -13.49 11.54 53.43
CA ILE A 115 -13.81 11.70 51.99
C ILE A 115 -14.25 10.37 51.36
N VAL A 116 -13.42 9.33 51.52
CA VAL A 116 -13.68 8.00 50.94
C VAL A 116 -14.99 7.41 51.47
N GLN A 117 -15.05 7.23 52.79
CA GLN A 117 -16.14 6.50 53.46
C GLN A 117 -17.47 7.24 53.60
N ASN A 118 -17.42 8.50 54.06
CA ASN A 118 -18.64 9.24 54.44
C ASN A 118 -19.06 10.35 53.46
N CYS A 119 -18.84 10.10 52.17
CA CYS A 119 -19.08 11.05 51.09
C CYS A 119 -20.57 11.38 50.92
N SER A 120 -20.94 12.65 51.13
CA SER A 120 -22.34 13.14 51.09
C SER A 120 -23.17 12.68 49.88
N LEU A 121 -22.70 12.99 48.67
CA LEU A 121 -23.42 12.73 47.40
C LEU A 121 -24.83 13.32 47.39
N GLU A 122 -24.89 14.63 47.62
CA GLU A 122 -26.12 15.41 47.77
C GLU A 122 -26.93 15.49 46.47
N ASP A 123 -28.27 15.50 46.59
CA ASP A 123 -29.16 15.55 45.41
C ASP A 123 -28.92 16.77 44.53
N SER A 124 -28.92 17.95 45.15
CA SER A 124 -28.68 19.22 44.45
C SER A 124 -27.25 19.28 43.91
N GLN A 125 -26.30 18.77 44.70
CA GLN A 125 -24.89 18.75 44.32
C GLN A 125 -24.62 17.84 43.13
N ILE A 126 -25.38 16.75 43.03
CA ILE A 126 -25.32 15.85 41.87
C ILE A 126 -25.79 16.57 40.62
N GLU A 127 -26.96 17.21 40.68
CA GLU A 127 -27.53 17.91 39.53
C GLU A 127 -26.69 19.10 39.09
N LYS A 128 -25.95 19.69 40.03
CA LYS A 128 -25.00 20.76 39.73
C LYS A 128 -23.75 20.20 39.03
N GLU A 129 -23.15 19.16 39.62
CA GLU A 129 -21.95 18.53 39.04
C GLU A 129 -22.23 17.75 37.75
N ARG A 130 -23.51 17.56 37.43
CA ARG A 130 -23.93 16.97 36.17
C ARG A 130 -23.58 17.89 34.98
N ASP A 131 -23.96 19.16 35.08
CA ASP A 131 -23.67 20.17 34.06
C ASP A 131 -22.20 20.48 33.92
N VAL A 132 -21.49 20.42 35.05
CA VAL A 132 -20.04 20.64 35.07
C VAL A 132 -19.30 19.61 34.22
N ILE A 133 -19.69 18.34 34.35
CA ILE A 133 -19.07 17.26 33.59
C ILE A 133 -19.36 17.41 32.09
N LEU A 134 -20.60 17.76 31.77
CA LEU A 134 -20.99 18.01 30.38
C LEU A 134 -20.14 19.10 29.72
N GLN A 135 -19.78 20.14 30.48
CA GLN A 135 -18.91 21.19 29.97
C GLN A 135 -17.45 20.80 29.88
N GLU A 136 -17.00 19.91 30.78
CA GLU A 136 -15.65 19.35 30.68
C GLU A 136 -15.52 18.42 29.47
N LEU A 137 -16.59 17.69 29.18
CA LEU A 137 -16.66 16.83 28.00
C LEU A 137 -16.57 17.63 26.70
N GLN A 138 -17.09 18.85 26.73
CA GLN A 138 -17.00 19.78 25.60
C GLN A 138 -15.61 20.40 25.47
N GLU A 139 -15.01 20.79 26.59
CA GLU A 139 -13.61 21.20 26.58
C GLU A 139 -12.72 20.10 26.01
N ASN A 140 -12.91 18.86 26.49
CA ASN A 140 -12.16 17.71 26.01
C ASN A 140 -12.19 17.48 24.50
N ASP A 141 -13.32 17.81 23.87
CA ASP A 141 -13.45 17.71 22.41
C ASP A 141 -12.48 18.63 21.68
N THR A 142 -12.05 19.70 22.34
CA THR A 142 -11.13 20.68 21.74
C THR A 142 -9.64 20.30 21.91
N SER A 143 -9.37 19.29 22.72
CA SER A 143 -8.01 18.78 22.90
C SER A 143 -7.78 17.60 21.98
N MET A 144 -7.09 17.83 20.86
CA MET A 144 -6.85 16.81 19.84
C MET A 144 -6.04 15.63 20.38
N ARG A 145 -5.11 15.92 21.28
CA ARG A 145 -4.33 14.91 21.97
C ARG A 145 -5.26 13.95 22.73
N ASP A 146 -6.11 14.51 23.59
CA ASP A 146 -7.07 13.72 24.37
C ASP A 146 -7.99 12.88 23.50
N VAL A 147 -8.50 13.49 22.43
CA VAL A 147 -9.40 12.82 21.49
C VAL A 147 -8.75 11.62 20.80
N VAL A 148 -7.52 11.80 20.30
CA VAL A 148 -6.82 10.74 19.54
C VAL A 148 -6.48 9.54 20.43
N PHE A 149 -6.16 9.79 21.71
CA PHE A 149 -5.85 8.73 22.68
C PHE A 149 -7.08 7.95 23.11
N ASN A 150 -8.16 8.68 23.38
CA ASN A 150 -9.45 8.04 23.61
C ASN A 150 -9.88 7.16 22.43
N TYR A 151 -9.62 7.66 21.22
CA TYR A 151 -9.82 6.87 20.00
C TYR A 151 -8.94 5.64 19.91
N LEU A 152 -7.66 5.78 20.27
CA LEU A 152 -6.72 4.66 20.22
C LEU A 152 -7.24 3.50 21.05
N HIS A 153 -7.62 3.79 22.30
CA HIS A 153 -8.20 2.81 23.20
C HIS A 153 -9.48 2.22 22.62
N ALA A 154 -10.35 3.09 22.12
CA ALA A 154 -11.66 2.71 21.61
C ALA A 154 -11.58 1.72 20.48
N THR A 155 -10.57 1.87 19.62
CA THR A 155 -10.34 0.94 18.51
C THR A 155 -9.45 -0.24 18.91
N ALA A 156 -8.41 0.04 19.71
CA ALA A 156 -7.45 -1.00 20.12
C ALA A 156 -8.12 -2.11 20.92
N PHE A 157 -8.87 -1.72 21.94
CA PHE A 157 -9.56 -2.65 22.83
C PHE A 157 -11.07 -2.66 22.59
N GLN A 158 -11.45 -2.58 21.30
CA GLN A 158 -12.86 -2.46 20.93
C GLN A 158 -13.70 -3.64 21.40
N GLY A 159 -14.93 -3.33 21.80
CA GLY A 159 -15.86 -4.32 22.35
C GLY A 159 -15.50 -4.90 23.73
N THR A 160 -14.70 -4.16 24.51
CA THR A 160 -14.32 -4.54 25.87
C THR A 160 -14.48 -3.31 26.76
N PRO A 161 -14.26 -3.46 28.09
CA PRO A 161 -14.25 -2.29 28.98
C PRO A 161 -13.06 -1.33 28.82
N LEU A 162 -11.97 -1.80 28.19
CA LEU A 162 -10.83 -0.93 27.94
C LEU A 162 -11.03 0.06 26.81
N ALA A 163 -11.96 -0.24 25.89
CA ALA A 163 -12.39 0.73 24.85
C ALA A 163 -13.05 1.98 25.44
N GLN A 164 -13.66 1.85 26.62
CA GLN A 164 -14.40 2.91 27.29
C GLN A 164 -13.51 4.03 27.80
N SER A 165 -13.98 5.27 27.62
CA SER A 165 -13.36 6.48 28.15
C SER A 165 -13.65 6.58 29.65
N VAL A 166 -12.73 7.23 30.37
CA VAL A 166 -12.81 7.42 31.82
C VAL A 166 -14.03 8.30 32.17
N GLU A 167 -14.31 9.29 31.33
CA GLU A 167 -15.32 10.29 31.62
C GLU A 167 -16.76 9.82 31.33
N GLY A 168 -16.88 8.84 30.42
CA GLY A 168 -18.16 8.23 30.04
C GLY A 168 -18.87 8.98 28.93
N PRO A 169 -19.85 8.34 28.26
CA PRO A 169 -20.58 9.04 27.21
C PRO A 169 -21.57 10.02 27.82
N SER A 170 -21.89 11.10 27.11
CA SER A 170 -22.76 12.18 27.65
C SER A 170 -24.15 11.67 28.08
N GLU A 171 -24.64 10.65 27.35
CA GLU A 171 -25.86 9.92 27.70
C GLU A 171 -25.88 9.43 29.16
N ASN A 172 -24.79 8.79 29.59
CA ASN A 172 -24.63 8.29 30.96
C ASN A 172 -24.53 9.44 31.96
N VAL A 173 -23.77 10.48 31.62
CA VAL A 173 -23.60 11.65 32.50
C VAL A 173 -24.95 12.29 32.81
N ARG A 174 -25.80 12.37 31.78
CA ARG A 174 -27.09 13.02 31.92
C ARG A 174 -28.11 12.18 32.70
N LYS A 175 -27.89 10.87 32.78
CA LYS A 175 -28.85 9.92 33.39
C LYS A 175 -28.48 9.28 34.75
N LEU A 176 -27.18 9.13 35.05
CA LEU A 176 -26.67 8.49 36.29
C LEU A 176 -27.28 9.08 37.56
N SER A 177 -28.09 8.27 38.24
CA SER A 177 -28.73 8.69 39.50
C SER A 177 -27.81 8.43 40.69
N ARG A 178 -28.21 8.91 41.87
CA ARG A 178 -27.41 8.75 43.09
C ARG A 178 -27.36 7.29 43.57
N ALA A 179 -28.40 6.53 43.20
CA ALA A 179 -28.47 5.08 43.37
C ALA A 179 -27.34 4.35 42.66
N ASP A 180 -27.05 4.76 41.42
CA ASP A 180 -25.94 4.20 40.64
C ASP A 180 -24.57 4.44 41.27
N LEU A 181 -24.37 5.65 41.78
CA LEU A 181 -23.10 6.07 42.35
C LEU A 181 -22.76 5.35 43.66
N THR A 182 -23.76 5.20 44.53
CA THR A 182 -23.60 4.50 45.81
C THR A 182 -23.39 2.99 45.63
N GLU A 183 -24.03 2.43 44.61
CA GLU A 183 -23.84 1.02 44.24
C GLU A 183 -22.43 0.80 43.71
N TYR A 184 -21.98 1.69 42.82
CA TYR A 184 -20.61 1.65 42.30
C TYR A 184 -19.58 1.70 43.43
N LEU A 185 -19.81 2.57 44.41
CA LEU A 185 -18.86 2.80 45.51
C LEU A 185 -18.67 1.58 46.40
N SER A 186 -19.78 1.04 46.90
CA SER A 186 -19.75 -0.09 47.83
C SER A 186 -19.23 -1.39 47.18
N ARG A 187 -19.35 -1.51 45.85
CA ARG A 187 -18.82 -2.66 45.11
C ARG A 187 -17.31 -2.60 44.91
N HIS A 188 -16.79 -1.41 44.61
CA HIS A 188 -15.40 -1.26 44.19
C HIS A 188 -14.44 -0.69 45.24
N TYR A 189 -14.93 0.17 46.12
CA TYR A 189 -14.08 0.74 47.17
C TYR A 189 -14.02 -0.19 48.39
N LYS A 190 -13.15 -1.19 48.34
CA LYS A 190 -13.04 -2.18 49.42
C LYS A 190 -11.61 -2.23 49.93
N ALA A 191 -11.43 -2.52 51.22
CA ALA A 191 -10.09 -2.54 51.84
C ALA A 191 -9.00 -3.34 51.07
N PRO A 192 -9.28 -4.60 50.63
CA PRO A 192 -8.21 -5.29 49.88
C PRO A 192 -7.88 -4.71 48.49
N ARG A 193 -8.82 -3.96 47.90
CA ARG A 193 -8.61 -3.21 46.63
C ARG A 193 -7.88 -1.86 46.81
N MET A 194 -7.66 -1.45 48.06
CA MET A 194 -7.15 -0.11 48.44
C MET A 194 -5.80 -0.10 49.16
N VAL A 195 -5.07 1.01 49.01
CA VAL A 195 -3.75 1.22 49.63
C VAL A 195 -3.66 2.65 50.17
N LEU A 196 -3.26 2.79 51.44
CA LEU A 196 -2.91 4.09 52.03
C LEU A 196 -1.41 4.30 51.95
N ALA A 197 -1.00 5.27 51.14
CA ALA A 197 0.41 5.55 50.90
C ALA A 197 0.77 6.89 51.49
N ALA A 198 2.00 6.99 52.01
CA ALA A 198 2.53 8.23 52.58
C ALA A 198 4.03 8.41 52.46
N ALA A 199 4.45 9.65 52.17
CA ALA A 199 5.85 10.02 52.05
C ALA A 199 6.10 11.42 52.64
N GLY A 200 7.31 11.60 53.18
CA GLY A 200 7.71 12.83 53.88
C GLY A 200 8.22 12.50 55.26
N GLY A 201 8.10 13.47 56.17
CA GLY A 201 8.41 13.26 57.60
C GLY A 201 7.27 12.54 58.28
N LEU A 202 7.35 11.21 58.32
CA LEU A 202 6.27 10.34 58.80
C LEU A 202 6.84 9.04 59.37
N GLU A 203 6.57 8.77 60.67
CA GLU A 203 6.94 7.49 61.31
C GLU A 203 5.93 6.44 60.82
N HIS A 204 6.39 5.35 60.21
CA HIS A 204 5.47 4.37 59.62
C HIS A 204 4.49 3.79 60.65
N ARG A 205 5.02 3.51 61.83
CA ARG A 205 4.26 3.02 62.97
C ARG A 205 3.04 3.90 63.26
N GLN A 206 3.22 5.22 63.21
CA GLN A 206 2.15 6.21 63.44
C GLN A 206 1.06 6.13 62.39
N LEU A 207 1.47 6.01 61.13
CA LEU A 207 0.54 5.95 60.01
C LEU A 207 -0.38 4.73 60.16
N LEU A 208 0.21 3.59 60.47
CA LEU A 208 -0.52 2.33 60.64
C LEU A 208 -1.58 2.43 61.73
N ASP A 209 -1.22 3.10 62.83
CA ASP A 209 -2.15 3.35 63.93
C ASP A 209 -3.23 4.35 63.54
N LEU A 210 -2.87 5.35 62.74
CA LEU A 210 -3.85 6.31 62.23
C LEU A 210 -4.84 5.64 61.27
N ALA A 211 -4.34 4.65 60.52
CA ALA A 211 -5.16 3.87 59.60
C ALA A 211 -6.20 3.06 60.35
N GLN A 212 -5.77 2.42 61.44
CA GLN A 212 -6.67 1.75 62.38
C GLN A 212 -7.79 2.69 62.83
N LYS A 213 -7.41 3.86 63.36
CA LYS A 213 -8.37 4.83 63.93
C LYS A 213 -9.50 5.24 62.98
N HIS A 214 -9.21 5.38 61.69
CA HIS A 214 -10.15 5.99 60.72
C HIS A 214 -10.59 5.08 59.58
N PHE A 215 -9.73 4.14 59.18
CA PHE A 215 -10.03 3.24 58.06
C PHE A 215 -10.42 1.82 58.49
N SER A 216 -10.73 1.63 59.78
CA SER A 216 -11.15 0.31 60.30
C SER A 216 -12.49 -0.14 59.75
N GLY A 217 -13.38 0.84 59.52
CA GLY A 217 -14.74 0.59 59.06
C GLY A 217 -14.88 0.14 57.62
N LEU A 218 -13.85 0.38 56.83
CA LEU A 218 -13.76 -0.06 55.44
C LEU A 218 -14.11 -1.55 55.30
N SER A 219 -15.04 -1.84 54.38
CA SER A 219 -15.53 -3.19 54.13
C SER A 219 -14.55 -4.00 53.29
N GLY A 220 -14.28 -5.21 53.77
CA GLY A 220 -13.31 -6.10 53.14
C GLY A 220 -13.82 -7.50 52.81
N THR A 221 -15.14 -7.66 52.74
CA THR A 221 -15.76 -8.93 52.32
C THR A 221 -16.60 -8.66 51.05
N TYR A 222 -16.77 -9.68 50.20
CA TYR A 222 -17.75 -9.60 49.13
C TYR A 222 -18.78 -10.74 49.29
N ASP A 223 -20.04 -10.45 48.95
CA ASP A 223 -21.18 -11.40 49.08
C ASP A 223 -21.13 -12.56 48.09
N GLU A 224 -21.87 -13.62 48.39
CA GLU A 224 -21.93 -14.89 47.64
C GLU A 224 -21.78 -14.83 46.10
N GLU A 225 -22.67 -14.11 45.41
CA GLU A 225 -22.45 -13.80 43.98
C GLU A 225 -21.49 -12.62 43.79
N THR A 226 -20.51 -12.83 42.91
CA THR A 226 -19.58 -11.79 42.37
C THR A 226 -18.47 -11.38 43.34
N VAL A 227 -17.29 -11.13 42.75
CA VAL A 227 -16.02 -10.63 43.36
C VAL A 227 -15.31 -9.97 42.17
N PRO A 228 -15.11 -8.64 42.16
CA PRO A 228 -14.44 -7.97 41.04
C PRO A 228 -13.19 -8.70 40.52
N THR A 229 -13.27 -9.26 39.32
CA THR A 229 -12.13 -9.97 38.67
C THR A 229 -12.10 -9.56 37.18
N LEU A 230 -11.14 -8.69 36.79
CA LEU A 230 -11.05 -8.16 35.43
C LEU A 230 -10.81 -9.30 34.45
N SER A 231 -11.65 -9.38 33.41
CA SER A 231 -11.38 -10.28 32.28
C SER A 231 -10.18 -9.74 31.49
N PRO A 232 -9.41 -10.62 30.79
CA PRO A 232 -8.38 -10.10 29.87
C PRO A 232 -9.02 -9.26 28.76
N CYS A 233 -8.25 -8.40 28.09
CA CYS A 233 -8.83 -7.57 27.03
C CYS A 233 -8.24 -7.85 25.66
N ARG A 234 -9.12 -8.17 24.72
CA ARG A 234 -8.75 -8.45 23.33
C ARG A 234 -8.27 -7.19 22.59
N PHE A 235 -7.00 -7.20 22.22
CA PHE A 235 -6.44 -6.20 21.32
C PHE A 235 -6.86 -6.55 19.89
N THR A 236 -7.20 -5.52 19.12
CA THR A 236 -7.55 -5.66 17.71
C THR A 236 -6.67 -4.75 16.86
N GLY A 237 -6.06 -5.32 15.81
CA GLY A 237 -5.38 -4.54 14.78
C GLY A 237 -6.46 -3.81 14.00
N SER A 238 -6.52 -2.50 14.17
CA SER A 238 -7.62 -1.70 13.64
C SER A 238 -7.18 -0.26 13.39
N GLN A 239 -8.02 0.48 12.67
CA GLN A 239 -7.81 1.90 12.41
C GLN A 239 -9.10 2.68 12.69
N ILE A 240 -8.94 3.84 13.31
CA ILE A 240 -10.03 4.82 13.44
C ILE A 240 -9.52 6.15 12.86
N CYS A 241 -10.22 6.64 11.84
CA CYS A 241 -9.85 7.86 11.14
C CYS A 241 -10.94 8.87 11.17
N HIS A 242 -10.78 9.83 12.06
CA HIS A 242 -11.66 10.97 12.15
C HIS A 242 -11.08 12.10 11.30
N ARG A 243 -11.65 12.24 10.10
CA ARG A 243 -11.17 13.20 9.11
C ARG A 243 -11.91 14.49 9.37
N GLU A 244 -11.13 15.50 9.69
CA GLU A 244 -11.63 16.84 9.96
C GLU A 244 -10.63 17.93 9.49
N ASP A 245 -10.76 18.27 8.21
CA ASP A 245 -9.88 19.18 7.51
C ASP A 245 -9.89 20.60 8.08
N GLY A 246 -10.97 20.95 8.78
CA GLY A 246 -11.08 22.27 9.40
C GLY A 246 -10.08 22.60 10.51
N LEU A 247 -9.45 21.57 11.07
CA LEU A 247 -8.43 21.76 12.10
C LEU A 247 -7.04 21.90 11.49
N PRO A 248 -6.14 22.72 12.12
CA PRO A 248 -4.92 23.07 11.39
C PRO A 248 -3.76 22.06 11.45
N LEU A 249 -3.64 21.26 12.52
CA LEU A 249 -2.65 20.17 12.54
C LEU A 249 -3.21 18.77 12.80
N ALA A 250 -2.56 17.75 12.23
CA ALA A 250 -3.01 16.37 12.31
C ALA A 250 -2.40 15.65 13.50
N HIS A 251 -3.23 14.92 14.25
CA HIS A 251 -2.76 14.07 15.33
C HIS A 251 -2.88 12.62 14.91
N VAL A 252 -1.79 11.87 15.04
CA VAL A 252 -1.79 10.43 14.80
C VAL A 252 -1.24 9.70 16.04
N ALA A 253 -1.93 8.63 16.47
CA ALA A 253 -1.47 7.77 17.56
C ALA A 253 -1.52 6.30 17.13
N ILE A 254 -0.36 5.64 17.15
CA ILE A 254 -0.18 4.27 16.67
C ILE A 254 0.51 3.38 17.72
N ALA A 255 -0.01 2.17 17.93
CA ALA A 255 0.53 1.22 18.92
C ALA A 255 0.25 -0.28 18.64
N VAL A 256 1.18 -1.12 19.09
CA VAL A 256 1.05 -2.57 19.14
C VAL A 256 0.65 -2.96 20.56
N GLU A 257 0.19 -4.21 20.73
CA GLU A 257 -0.19 -4.72 22.05
C GLU A 257 1.03 -4.87 22.94
N GLY A 258 1.03 -4.12 24.04
CA GLY A 258 2.07 -4.22 25.07
C GLY A 258 1.78 -5.32 26.08
N PRO A 259 2.77 -5.64 26.93
CA PRO A 259 2.65 -6.81 27.80
C PRO A 259 1.82 -6.60 29.07
N GLY A 260 1.73 -5.37 29.57
CA GLY A 260 1.00 -5.09 30.81
C GLY A 260 1.90 -5.11 32.03
N TRP A 261 1.37 -4.59 33.14
CA TRP A 261 2.13 -4.20 34.35
C TRP A 261 3.21 -5.19 34.75
N ALA A 262 2.79 -6.44 34.91
CA ALA A 262 3.59 -7.54 35.48
C ALA A 262 4.94 -7.83 34.82
N HIS A 263 4.93 -7.76 33.50
CA HIS A 263 5.98 -8.38 32.69
C HIS A 263 7.35 -7.69 32.75
N PRO A 264 8.45 -8.46 32.96
CA PRO A 264 9.82 -7.92 33.02
C PRO A 264 10.30 -7.22 31.75
N ASP A 265 9.86 -7.72 30.60
CA ASP A 265 10.10 -7.10 29.30
C ASP A 265 9.85 -5.60 29.25
N ASN A 266 8.97 -5.11 30.11
CA ASN A 266 8.70 -3.66 30.23
C ASN A 266 9.96 -2.81 30.41
N VAL A 267 10.94 -3.33 31.16
CA VAL A 267 12.25 -2.67 31.35
C VAL A 267 13.04 -2.49 30.03
N ALA A 268 13.20 -3.58 29.26
CA ALA A 268 13.86 -3.52 27.94
C ALA A 268 13.12 -2.62 26.94
N LEU A 269 11.78 -2.64 27.00
CA LEU A 269 10.93 -1.79 26.15
C LEU A 269 11.03 -0.31 26.49
N GLN A 270 11.24 -0.01 27.77
CA GLN A 270 11.53 1.35 28.22
C GLN A 270 12.85 1.84 27.63
N VAL A 271 13.86 0.97 27.66
CA VAL A 271 15.17 1.25 27.07
C VAL A 271 15.05 1.57 25.56
N ALA A 272 14.28 0.76 24.85
CA ALA A 272 14.05 0.97 23.43
C ALA A 272 13.32 2.28 23.13
N ASN A 273 12.26 2.58 23.90
CA ASN A 273 11.50 3.81 23.78
C ASN A 273 12.32 5.05 24.12
N ALA A 274 13.29 4.90 25.02
CA ALA A 274 14.19 5.99 25.35
C ALA A 274 15.13 6.31 24.19
N ILE A 275 15.55 5.27 23.45
CA ILE A 275 16.43 5.43 22.26
C ILE A 275 15.77 6.34 21.24
N ILE A 276 14.55 5.96 20.85
CA ILE A 276 13.71 6.72 19.90
C ILE A 276 13.32 8.06 20.52
N GLY A 277 12.90 8.02 21.78
CA GLY A 277 12.71 9.22 22.59
C GLY A 277 11.48 10.04 22.25
N HIS A 278 11.64 11.35 22.30
CA HIS A 278 10.56 12.30 22.07
C HIS A 278 11.16 13.61 21.59
N TYR A 279 10.32 14.48 21.03
CA TYR A 279 10.76 15.73 20.41
C TYR A 279 9.61 16.69 20.34
N ASP A 280 9.92 17.99 20.41
CA ASP A 280 9.08 19.06 19.84
C ASP A 280 9.89 20.25 19.34
N CYS A 281 9.21 21.19 18.72
CA CYS A 281 9.83 22.32 18.04
C CYS A 281 10.58 23.32 18.92
N THR A 282 10.46 23.21 20.24
CA THR A 282 11.17 24.10 21.17
C THR A 282 12.46 23.50 21.71
N TYR A 283 12.76 22.25 21.32
CA TYR A 283 13.97 21.54 21.82
C TYR A 283 15.24 22.13 21.28
N GLY A 284 16.24 22.21 22.14
CA GLY A 284 17.52 22.81 21.82
C GLY A 284 18.35 22.01 20.82
N GLY A 285 18.16 20.68 20.84
CA GLY A 285 18.98 19.77 20.06
C GLY A 285 19.01 19.89 18.54
N GLY A 286 17.84 19.84 17.90
CA GLY A 286 17.76 19.91 16.44
C GLY A 286 18.45 18.76 15.72
N ALA A 287 19.29 19.11 14.74
CA ALA A 287 20.01 18.16 13.86
C ALA A 287 20.93 17.21 14.63
N HIS A 288 21.53 17.77 15.68
CA HIS A 288 22.53 17.08 16.46
C HIS A 288 21.94 16.19 17.57
N LEU A 289 20.61 16.05 17.59
CA LEU A 289 19.98 15.14 18.53
C LEU A 289 20.41 13.69 18.32
N SER A 290 20.41 12.95 19.42
CA SER A 290 20.89 11.57 19.47
C SER A 290 19.98 10.61 18.74
N SER A 291 18.68 10.70 19.03
CA SER A 291 17.64 9.94 18.34
C SER A 291 17.65 10.28 16.84
N PRO A 292 17.83 9.25 15.98
CA PRO A 292 17.66 9.48 14.55
C PRO A 292 16.26 9.99 14.16
N LEU A 293 15.18 9.50 14.79
CA LEU A 293 13.82 10.03 14.51
C LEU A 293 13.70 11.52 14.79
N ALA A 294 14.26 11.95 15.92
CA ALA A 294 14.23 13.35 16.32
C ALA A 294 15.06 14.25 15.41
N SER A 295 16.28 13.84 15.08
CA SER A 295 17.17 14.64 14.23
C SER A 295 16.64 14.77 12.81
N ILE A 296 16.04 13.70 12.29
CA ILE A 296 15.42 13.68 10.96
C ILE A 296 14.15 14.54 10.98
N ALA A 297 13.33 14.38 12.03
CA ALA A 297 12.13 15.19 12.25
C ALA A 297 12.42 16.70 12.36
N ALA A 298 13.49 17.03 13.09
CA ALA A 298 13.92 18.42 13.26
C ALA A 298 14.46 19.03 11.98
N THR A 299 15.40 18.36 11.32
CA THR A 299 16.03 18.89 10.10
C THR A 299 15.06 19.06 8.95
N ASN A 300 14.10 18.14 8.80
CA ASN A 300 13.13 18.22 7.69
C ASN A 300 11.77 18.80 8.05
N LYS A 301 11.67 19.32 9.28
CA LYS A 301 10.40 19.86 9.82
C LYS A 301 9.20 18.93 9.54
N LEU A 302 9.42 17.62 9.72
CA LEU A 302 8.36 16.63 9.52
C LEU A 302 7.23 16.87 10.50
N CYS A 303 7.52 16.82 11.79
CA CYS A 303 6.49 17.06 12.78
C CYS A 303 6.73 18.30 13.62
N GLN A 304 5.69 18.69 14.37
CA GLN A 304 5.77 19.70 15.41
C GLN A 304 6.16 19.08 16.75
N SER A 305 5.76 17.84 16.99
CA SER A 305 6.04 17.10 18.23
C SER A 305 5.80 15.60 18.07
N PHE A 306 6.48 14.80 18.88
CA PHE A 306 6.18 13.36 19.02
C PHE A 306 6.68 12.81 20.35
N GLN A 307 6.02 11.77 20.86
CA GLN A 307 6.57 10.94 21.96
C GLN A 307 6.28 9.45 21.77
N THR A 308 7.21 8.61 22.21
CA THR A 308 6.98 7.19 22.38
C THR A 308 6.25 7.00 23.71
N PHE A 309 5.50 5.92 23.88
CA PHE A 309 4.81 5.77 25.16
C PHE A 309 4.93 4.52 26.03
N ASN A 310 4.55 3.33 25.54
CA ASN A 310 4.32 2.13 26.41
C ASN A 310 3.35 2.24 27.62
N ILE A 311 2.05 2.27 27.32
CA ILE A 311 0.99 2.34 28.34
C ILE A 311 0.67 0.94 28.86
N CYS A 312 0.72 0.78 30.19
CA CYS A 312 0.46 -0.50 30.85
C CYS A 312 -0.90 -0.62 31.50
N TYR A 313 -1.61 -1.70 31.19
CA TYR A 313 -2.80 -2.11 31.91
C TYR A 313 -2.55 -3.51 32.47
N ALA A 314 -3.56 -4.16 33.05
CA ALA A 314 -3.37 -5.44 33.74
C ALA A 314 -2.74 -6.65 33.06
N ASP A 315 -3.38 -7.09 31.96
CA ASP A 315 -2.88 -8.23 31.16
C ASP A 315 -2.70 -7.74 29.72
N THR A 316 -2.38 -6.44 29.58
CA THR A 316 -2.22 -5.86 28.24
C THR A 316 -1.80 -4.39 28.29
N GLY A 317 -1.63 -3.75 27.13
CA GLY A 317 -1.23 -2.35 27.07
C GLY A 317 -1.10 -1.81 25.66
N LEU A 318 -0.62 -0.58 25.54
CA LEU A 318 -0.45 0.07 24.25
C LEU A 318 1.00 0.53 24.12
N LEU A 319 1.74 -0.08 23.19
CA LEU A 319 3.14 0.27 23.00
C LEU A 319 3.30 0.91 21.65
N GLY A 320 3.73 2.17 21.64
CA GLY A 320 3.93 2.87 20.37
C GLY A 320 4.39 4.30 20.50
N ALA A 321 3.68 5.19 19.81
CA ALA A 321 4.07 6.58 19.63
C ALA A 321 2.89 7.45 19.19
N HIS A 322 2.95 8.73 19.53
CA HIS A 322 1.96 9.72 19.11
C HIS A 322 2.76 10.87 18.44
N PHE A 323 2.25 11.43 17.35
CA PHE A 323 2.87 12.61 16.74
C PHE A 323 1.85 13.60 16.23
N VAL A 324 2.30 14.87 16.13
CA VAL A 324 1.47 15.99 15.67
C VAL A 324 2.25 16.70 14.54
N CYS A 325 1.64 16.79 13.36
CA CYS A 325 2.38 17.30 12.21
C CYS A 325 1.52 17.98 11.18
N ASP A 326 2.21 18.65 10.27
CA ASP A 326 1.66 19.28 9.09
C ASP A 326 0.89 18.26 8.25
N HIS A 327 -0.13 18.71 7.52
CA HIS A 327 -1.00 17.79 6.77
C HIS A 327 -0.31 17.06 5.60
N MET A 328 0.86 17.58 5.20
CA MET A 328 1.70 17.01 4.13
C MET A 328 2.83 16.11 4.63
N SER A 329 2.92 15.94 5.95
CA SER A 329 4.04 15.24 6.53
C SER A 329 3.70 13.90 7.13
N ILE A 330 2.41 13.54 7.14
CA ILE A 330 1.95 12.37 7.90
C ILE A 330 2.60 11.08 7.36
N ASP A 331 2.61 10.94 6.03
CA ASP A 331 3.26 9.80 5.38
C ASP A 331 4.73 9.66 5.74
N ASP A 332 5.46 10.77 5.68
CA ASP A 332 6.88 10.73 5.98
C ASP A 332 7.14 10.50 7.46
N MET A 333 6.31 11.05 8.35
CA MET A 333 6.48 10.78 9.77
C MET A 333 6.37 9.31 10.07
N MET A 334 5.30 8.69 9.54
CA MET A 334 4.99 7.26 9.73
C MET A 334 6.13 6.39 9.27
N PHE A 335 6.65 6.73 8.10
CA PHE A 335 7.75 6.03 7.46
C PHE A 335 9.00 5.98 8.34
N VAL A 336 9.38 7.13 8.91
CA VAL A 336 10.60 7.21 9.69
C VAL A 336 10.42 6.53 11.04
N LEU A 337 9.24 6.71 11.66
CA LEU A 337 8.89 6.09 12.96
C LEU A 337 8.89 4.55 12.89
N GLN A 338 8.16 4.01 11.92
CA GLN A 338 8.17 2.57 11.65
C GLN A 338 9.57 2.08 11.27
N GLY A 339 10.30 2.90 10.50
CA GLY A 339 11.71 2.62 10.19
C GLY A 339 12.59 2.44 11.42
N GLN A 340 12.33 3.23 12.47
CA GLN A 340 13.05 3.13 13.73
C GLN A 340 12.74 1.85 14.49
N TRP A 341 11.46 1.51 14.54
CA TRP A 341 11.04 0.26 15.17
C TRP A 341 11.73 -0.93 14.51
N MET A 342 11.79 -0.94 13.18
CA MET A 342 12.44 -2.01 12.43
C MET A 342 13.94 -2.10 12.69
N ARG A 343 14.59 -0.94 12.77
CA ARG A 343 16.04 -0.89 13.03
C ARG A 343 16.42 -1.42 14.43
N LEU A 344 15.60 -1.12 15.43
CA LEU A 344 15.79 -1.63 16.78
C LEU A 344 15.55 -3.12 16.87
N CYS A 345 14.50 -3.60 16.20
CA CYS A 345 14.19 -5.03 16.12
C CYS A 345 15.35 -5.81 15.53
N THR A 346 15.83 -5.36 14.38
CA THR A 346 16.80 -6.12 13.61
C THR A 346 18.26 -5.86 13.98
N SER A 347 18.59 -4.62 14.30
CA SER A 347 19.98 -4.19 14.28
C SER A 347 20.40 -3.11 15.31
N ALA A 348 19.76 -3.09 16.48
CA ALA A 348 20.13 -2.17 17.58
C ALA A 348 21.60 -2.39 18.01
N THR A 349 22.33 -1.29 18.25
CA THR A 349 23.75 -1.34 18.65
C THR A 349 23.94 -1.23 20.18
N GLU A 350 25.10 -1.66 20.65
CA GLU A 350 25.41 -1.66 22.09
C GLU A 350 25.42 -0.26 22.69
N SER A 351 26.04 0.67 21.97
CA SER A 351 26.27 2.02 22.46
C SER A 351 24.97 2.81 22.53
N GLU A 352 24.05 2.54 21.61
CA GLU A 352 22.75 3.23 21.62
C GLU A 352 21.83 2.69 22.69
N VAL A 353 21.94 1.39 22.96
CA VAL A 353 21.19 0.75 24.05
C VAL A 353 21.74 1.26 25.39
N LEU A 354 23.06 1.42 25.46
CA LEU A 354 23.68 2.03 26.63
C LEU A 354 23.14 3.42 26.87
N ARG A 355 22.99 4.22 25.81
CA ARG A 355 22.35 5.54 25.91
C ARG A 355 20.92 5.42 26.45
N GLY A 356 20.15 4.48 25.89
CA GLY A 356 18.78 4.24 26.35
C GLY A 356 18.70 3.88 27.80
N LYS A 357 19.63 3.03 28.25
CA LYS A 357 19.73 2.61 29.64
C LYS A 357 19.95 3.84 30.50
N ASN A 358 20.95 4.64 30.13
CA ASN A 358 21.33 5.86 30.85
C ASN A 358 20.20 6.87 30.94
N LEU A 359 19.40 6.98 29.87
CA LEU A 359 18.21 7.84 29.88
C LEU A 359 17.20 7.33 30.89
N LEU A 360 16.95 6.01 30.87
CA LEU A 360 15.96 5.39 31.74
C LEU A 360 16.36 5.43 33.22
N ARG A 361 17.66 5.19 33.47
CA ARG A 361 18.24 5.32 34.81
C ARG A 361 17.91 6.71 35.33
N ASN A 362 18.32 7.72 34.56
CA ASN A 362 18.05 9.13 34.86
C ASN A 362 16.57 9.45 35.02
N ALA A 363 15.75 8.85 34.15
CA ALA A 363 14.33 9.13 34.07
C ALA A 363 13.64 8.87 35.39
N LEU A 364 13.75 7.63 35.87
CA LEU A 364 13.02 7.21 37.05
C LEU A 364 13.70 7.56 38.38
N VAL A 365 14.99 7.91 38.35
CA VAL A 365 15.67 8.42 39.54
C VAL A 365 15.29 9.88 39.86
N SER A 366 15.14 10.71 38.84
CA SER A 366 14.85 12.11 39.05
C SER A 366 13.34 12.38 39.06
N HIS A 367 12.55 11.46 38.51
CA HIS A 367 11.07 11.56 38.61
C HIS A 367 10.59 11.39 40.06
N LEU A 368 11.27 10.52 40.80
CA LEU A 368 10.94 10.27 42.20
C LEU A 368 11.63 11.30 43.11
N ASP A 369 11.22 12.55 42.95
CA ASP A 369 11.86 13.69 43.62
C ASP A 369 10.74 14.56 44.20
N GLY A 370 10.72 14.67 45.53
CA GLY A 370 9.64 15.34 46.24
C GLY A 370 8.70 14.28 46.74
N THR A 371 7.85 14.63 47.69
CA THR A 371 7.03 13.62 48.38
C THR A 371 5.86 13.10 47.54
N THR A 372 5.25 13.97 46.73
CA THR A 372 4.07 13.62 45.92
C THR A 372 4.32 12.47 44.92
N PRO A 373 5.35 12.59 44.03
CA PRO A 373 5.62 11.46 43.12
C PRO A 373 6.03 10.16 43.82
N VAL A 374 6.69 10.28 44.97
CA VAL A 374 7.10 9.13 45.78
C VAL A 374 5.89 8.50 46.47
N CYS A 375 4.98 9.32 47.00
CA CYS A 375 3.71 8.84 47.57
C CYS A 375 2.91 8.07 46.51
N GLU A 376 2.87 8.63 45.30
CA GLU A 376 2.15 8.01 44.19
C GLU A 376 2.76 6.72 43.71
N ASP A 377 4.09 6.68 43.69
CA ASP A 377 4.84 5.47 43.36
C ASP A 377 4.54 4.35 44.35
N ILE A 378 4.44 4.69 45.63
CA ILE A 378 4.08 3.74 46.69
C ILE A 378 2.66 3.23 46.48
N GLY A 379 1.72 4.17 46.31
CA GLY A 379 0.30 3.85 46.18
C GLY A 379 0.03 2.90 45.03
N ARG A 380 0.54 3.26 43.86
CA ARG A 380 0.21 2.54 42.65
C ARG A 380 1.00 1.24 42.48
N SER A 381 2.28 1.25 42.86
CA SER A 381 3.14 0.05 42.81
C SER A 381 2.53 -1.10 43.60
N LEU A 382 1.97 -0.79 44.76
CA LEU A 382 1.27 -1.78 45.58
C LEU A 382 0.04 -2.39 44.89
N LEU A 383 -0.65 -1.59 44.07
CA LEU A 383 -1.77 -2.06 43.28
C LEU A 383 -1.33 -2.85 42.05
N THR A 384 -0.34 -2.35 41.34
CA THR A 384 0.09 -2.95 40.06
C THR A 384 1.01 -4.14 40.22
N TYR A 385 2.05 -4.01 41.05
CA TYR A 385 3.06 -5.06 41.24
C TYR A 385 2.79 -5.92 42.46
N GLY A 386 2.13 -5.35 43.45
CA GLY A 386 1.93 -5.98 44.74
C GLY A 386 2.97 -5.58 45.76
N ARG A 387 3.86 -4.64 45.39
CA ARG A 387 5.03 -4.23 46.18
C ARG A 387 5.66 -2.97 45.61
N ARG A 388 6.45 -2.26 46.40
CA ARG A 388 7.37 -1.23 45.87
C ARG A 388 8.69 -1.89 45.48
N ILE A 389 9.12 -1.64 44.26
CA ILE A 389 10.35 -2.18 43.74
C ILE A 389 11.43 -1.14 44.02
N PRO A 390 12.46 -1.51 44.82
CA PRO A 390 13.51 -0.52 45.14
C PRO A 390 14.30 -0.07 43.92
N LEU A 391 14.90 1.12 44.01
CA LEU A 391 15.71 1.65 42.91
C LEU A 391 16.88 0.74 42.56
N ALA A 392 17.45 0.10 43.58
CA ALA A 392 18.53 -0.87 43.41
C ALA A 392 18.14 -2.05 42.50
N GLU A 393 16.87 -2.46 42.55
CA GLU A 393 16.35 -3.55 41.71
C GLU A 393 16.08 -3.13 40.28
N TRP A 394 15.52 -1.92 40.11
CA TRP A 394 15.35 -1.33 38.78
C TRP A 394 16.70 -1.30 38.06
N GLU A 395 17.73 -0.85 38.78
CA GLU A 395 19.10 -0.76 38.26
C GLU A 395 19.66 -2.11 37.83
N SER A 396 19.31 -3.17 38.56
CA SER A 396 19.75 -4.53 38.21
C SER A 396 19.09 -5.03 36.94
N ARG A 397 17.82 -4.73 36.78
CA ARG A 397 17.08 -5.04 35.54
C ARG A 397 17.58 -4.25 34.32
N ILE A 398 17.98 -3.00 34.56
CA ILE A 398 18.52 -2.12 33.51
C ILE A 398 19.91 -2.58 33.03
N ALA A 399 20.82 -2.89 33.97
CA ALA A 399 22.18 -3.38 33.63
C ALA A 399 22.15 -4.67 32.83
N GLU A 400 21.11 -5.48 33.06
CA GLU A 400 20.91 -6.74 32.33
C GLU A 400 20.59 -6.58 30.84
N VAL A 401 20.03 -5.43 30.45
CA VAL A 401 19.65 -5.15 29.05
C VAL A 401 20.91 -4.82 28.22
N ASP A 402 21.15 -5.61 27.18
CA ASP A 402 22.18 -5.31 26.17
C ASP A 402 21.53 -5.24 24.80
N ALA A 403 22.33 -5.02 23.75
CA ALA A 403 21.84 -4.92 22.36
C ALA A 403 21.00 -6.11 21.92
N ARG A 404 21.46 -7.30 22.29
CA ARG A 404 20.77 -8.55 22.00
C ARG A 404 19.37 -8.60 22.61
N VAL A 405 19.23 -8.14 23.86
CA VAL A 405 17.94 -8.08 24.56
C VAL A 405 16.97 -7.15 23.85
N VAL A 406 17.42 -5.93 23.54
CA VAL A 406 16.60 -4.89 22.90
C VAL A 406 16.04 -5.41 21.59
N ARG A 407 16.90 -6.07 20.79
CA ARG A 407 16.49 -6.71 19.54
C ARG A 407 15.38 -7.73 19.79
N GLU A 408 15.71 -8.74 20.60
CA GLU A 408 14.80 -9.86 20.89
C GLU A 408 13.47 -9.41 21.51
N VAL A 409 13.52 -8.47 22.46
CA VAL A 409 12.32 -7.94 23.10
C VAL A 409 11.45 -7.14 22.10
N CYS A 410 12.06 -6.20 21.37
CA CYS A 410 11.33 -5.40 20.37
C CYS A 410 10.73 -6.24 19.27
N SER A 411 11.45 -7.27 18.83
CA SER A 411 10.97 -8.17 17.79
C SER A 411 9.70 -8.90 18.22
N LYS A 412 9.64 -9.26 19.51
CA LYS A 412 8.48 -9.92 20.09
C LYS A 412 7.20 -9.09 19.86
N TYR A 413 7.25 -7.81 20.20
CA TYR A 413 6.06 -6.95 20.22
C TYR A 413 5.78 -6.13 18.95
N PHE A 414 6.84 -5.65 18.30
CA PHE A 414 6.73 -4.78 17.12
C PHE A 414 6.77 -5.51 15.79
N TYR A 415 7.73 -6.40 15.62
CA TYR A 415 8.02 -6.98 14.30
C TYR A 415 6.89 -7.91 13.79
N ASP A 416 6.40 -7.60 12.59
CA ASP A 416 5.31 -8.33 11.92
C ASP A 416 4.05 -8.49 12.76
N GLN A 417 3.67 -7.40 13.43
CA GLN A 417 2.50 -7.36 14.28
C GLN A 417 1.51 -6.26 13.86
N CYS A 418 0.21 -6.51 14.04
CA CYS A 418 -0.86 -5.58 13.65
C CYS A 418 -1.00 -4.46 14.67
N PRO A 419 -0.83 -3.20 14.23
CA PRO A 419 -1.00 -2.12 15.19
C PRO A 419 -2.43 -1.59 15.23
N ALA A 420 -2.72 -0.81 16.27
CA ALA A 420 -3.90 0.05 16.31
C ALA A 420 -3.50 1.47 15.94
N VAL A 421 -4.22 2.05 14.96
CA VAL A 421 -3.98 3.42 14.48
C VAL A 421 -5.20 4.31 14.80
N ALA A 422 -4.94 5.48 15.38
CA ALA A 422 -5.94 6.54 15.49
C ALA A 422 -5.38 7.82 14.91
N GLY A 423 -6.13 8.42 13.99
CA GLY A 423 -5.80 9.73 13.42
C GLY A 423 -6.96 10.71 13.52
N PHE A 424 -6.63 11.97 13.77
CA PHE A 424 -7.64 13.02 13.91
C PHE A 424 -7.13 14.31 13.23
N GLY A 425 -8.00 14.97 12.47
CA GLY A 425 -7.68 16.24 11.82
C GLY A 425 -7.53 16.15 10.32
N PRO A 426 -6.62 16.96 9.72
CA PRO A 426 -6.43 16.94 8.27
C PRO A 426 -5.55 15.76 7.88
N ILE A 427 -6.17 14.59 7.89
CA ILE A 427 -5.45 13.33 7.79
C ILE A 427 -5.58 12.67 6.42
N GLU A 428 -5.74 13.49 5.37
CA GLU A 428 -5.86 12.96 4.03
C GLU A 428 -4.68 12.09 3.65
N GLN A 429 -3.49 12.49 4.09
CA GLN A 429 -2.26 11.80 3.72
C GLN A 429 -2.02 10.51 4.51
N LEU A 430 -2.47 10.50 5.78
CA LEU A 430 -2.32 9.38 6.71
C LEU A 430 -2.37 8.04 5.98
N PRO A 431 -1.22 7.32 5.92
CA PRO A 431 -1.09 6.09 5.14
C PRO A 431 -2.22 5.08 5.34
N ASP A 432 -2.59 4.40 4.26
CA ASP A 432 -3.53 3.29 4.29
C ASP A 432 -3.06 2.20 5.28
N TYR A 433 -4.01 1.54 5.97
CA TYR A 433 -3.66 0.50 6.97
C TYR A 433 -2.74 -0.59 6.42
N ASN A 434 -2.99 -1.03 5.18
CA ASN A 434 -2.12 -2.01 4.54
C ASN A 434 -0.67 -1.56 4.38
N ARG A 435 -0.49 -0.30 4.02
CA ARG A 435 0.85 0.28 3.92
C ARG A 435 1.51 0.42 5.28
N ILE A 436 0.73 0.77 6.30
CA ILE A 436 1.17 0.80 7.70
C ILE A 436 1.54 -0.61 8.16
N ARG A 437 0.69 -1.59 7.89
CA ARG A 437 0.93 -2.97 8.32
C ARG A 437 2.12 -3.61 7.61
N SER A 438 2.29 -3.27 6.33
CA SER A 438 3.46 -3.71 5.57
C SER A 438 4.76 -3.06 6.06
N GLY A 439 4.62 -1.89 6.68
CA GLY A 439 5.72 -1.15 7.29
C GLY A 439 6.18 -1.66 8.64
N MET A 440 5.53 -2.75 9.11
CA MET A 440 5.90 -3.48 10.34
C MET A 440 6.83 -4.66 10.10
N PHE A 441 7.32 -4.81 8.86
CA PHE A 441 8.39 -5.76 8.54
C PHE A 441 9.33 -5.27 7.44
N TRP A 442 10.52 -5.84 7.42
CA TRP A 442 11.53 -5.57 6.42
C TRP A 442 11.74 -6.79 5.53
N LEU A 443 12.01 -6.58 4.24
CA LEU A 443 12.37 -7.71 3.35
C LEU A 443 13.90 -7.89 3.26
N ARG A 444 14.49 -8.41 4.34
CA ARG A 444 15.94 -8.70 4.46
C ARG A 444 16.27 -9.52 5.71
N HIS B 1 25.97 9.38 58.41
CA HIS B 1 26.47 10.69 57.87
C HIS B 1 25.34 11.69 57.49
N PRO B 2 24.66 12.32 58.49
CA PRO B 2 23.50 13.20 58.25
C PRO B 2 23.90 14.64 57.89
N GLN B 3 23.42 15.14 56.74
CA GLN B 3 24.01 16.34 56.11
C GLN B 3 23.09 17.57 56.02
N ASP B 4 23.64 18.75 56.32
CA ASP B 4 23.02 20.07 56.03
C ASP B 4 23.93 20.96 55.14
N LEU B 5 23.43 22.11 54.68
CA LEU B 5 24.08 22.92 53.63
C LEU B 5 25.41 23.57 54.02
N GLU B 6 26.37 23.58 53.09
CA GLU B 6 27.62 24.34 53.21
C GLU B 6 27.62 25.58 52.32
N PHE B 7 28.44 26.58 52.66
CA PHE B 7 28.40 27.89 52.00
C PHE B 7 29.76 28.59 51.97
N THR B 8 30.10 29.20 50.84
CA THR B 8 31.36 29.95 50.64
C THR B 8 31.08 31.18 49.75
N ARG B 9 31.66 32.33 50.11
CA ARG B 9 31.75 33.49 49.20
C ARG B 9 33.22 33.84 49.00
N LEU B 10 33.73 33.58 47.78
CA LEU B 10 35.13 33.86 47.42
C LEU B 10 35.45 35.37 47.43
N PRO B 11 36.75 35.75 47.62
CA PRO B 11 37.11 37.17 47.61
C PRO B 11 36.77 37.91 46.31
N ASN B 12 36.64 37.17 45.20
CA ASN B 12 36.21 37.74 43.92
C ASN B 12 34.67 37.97 43.74
N GLY B 13 33.91 37.71 44.80
CA GLY B 13 32.44 37.96 44.83
C GLY B 13 31.51 36.76 44.68
N LEU B 14 32.05 35.71 44.05
CA LEU B 14 31.28 34.52 43.68
C LEU B 14 30.87 33.68 44.88
N VAL B 15 29.63 33.22 44.88
CA VAL B 15 29.10 32.35 45.94
C VAL B 15 29.11 30.87 45.51
N ILE B 16 29.60 29.98 46.38
CA ILE B 16 29.43 28.52 46.22
C ILE B 16 28.60 28.01 47.39
N ALA B 17 27.55 27.25 47.10
CA ALA B 17 26.76 26.57 48.15
C ALA B 17 26.47 25.15 47.72
N SER B 18 26.53 24.22 48.67
CA SER B 18 26.35 22.81 48.33
C SER B 18 26.03 21.89 49.51
N LEU B 19 24.94 21.16 49.36
CA LEU B 19 24.60 20.10 50.28
C LEU B 19 24.97 18.78 49.62
N GLU B 20 25.97 18.08 50.18
CA GLU B 20 26.26 16.71 49.77
C GLU B 20 25.26 15.78 50.46
N ASN B 21 24.28 15.25 49.72
CA ASN B 21 23.21 14.45 50.34
C ASN B 21 23.22 12.96 49.97
N TYR B 22 24.21 12.55 49.17
CA TYR B 22 24.39 11.15 48.76
C TYR B 22 23.19 10.52 48.04
N ALA B 23 22.47 11.34 47.28
CA ALA B 23 21.43 10.86 46.38
C ALA B 23 22.07 10.24 45.12
N PRO B 24 21.32 9.44 44.33
CA PRO B 24 21.94 8.92 43.08
C PRO B 24 22.11 10.00 42.02
N ALA B 25 21.18 10.96 41.97
CA ALA B 25 21.23 12.08 41.03
C ALA B 25 21.94 13.32 41.60
N SER B 26 22.54 14.12 40.70
CA SER B 26 23.22 15.37 41.07
C SER B 26 22.77 16.56 40.22
N ARG B 27 22.16 17.57 40.85
CA ARG B 27 21.81 18.83 40.16
C ARG B 27 22.82 19.91 40.52
N ILE B 28 23.34 20.59 39.49
CA ILE B 28 24.29 21.69 39.63
C ILE B 28 23.74 22.90 38.86
N GLY B 29 23.69 24.06 39.53
CA GLY B 29 23.16 25.27 38.94
C GLY B 29 24.10 26.46 39.05
N LEU B 30 24.38 27.09 37.90
CA LEU B 30 25.10 28.36 37.88
C LEU B 30 24.12 29.53 37.67
N PHE B 31 23.91 30.30 38.74
CA PHE B 31 22.97 31.43 38.78
C PHE B 31 23.73 32.72 38.50
N ILE B 32 23.18 33.53 37.59
CA ILE B 32 23.85 34.75 37.11
C ILE B 32 22.88 35.93 37.12
N LYS B 33 23.30 37.09 37.63
CA LYS B 33 22.53 38.34 37.47
C LYS B 33 22.64 38.81 36.01
N ALA B 34 21.78 38.25 35.17
CA ALA B 34 21.77 38.49 33.72
C ALA B 34 20.37 38.32 33.09
N GLY B 35 19.35 38.72 33.86
CA GLY B 35 17.97 38.65 33.40
C GLY B 35 17.62 39.77 32.45
N SER B 36 16.37 39.78 31.98
CA SER B 36 15.91 40.70 30.94
C SER B 36 16.11 42.18 31.30
N ARG B 37 16.10 42.48 32.60
CA ARG B 37 16.27 43.85 33.12
C ARG B 37 17.56 44.53 32.70
N TYR B 38 18.60 43.73 32.43
CA TYR B 38 19.92 44.25 32.06
C TYR B 38 20.10 44.49 30.55
N GLU B 39 19.02 44.37 29.81
CA GLU B 39 18.99 44.84 28.43
C GLU B 39 18.69 46.35 28.47
N ASN B 40 19.13 47.09 27.44
CA ASN B 40 18.67 48.47 27.19
C ASN B 40 17.87 48.47 25.89
N SER B 41 17.37 49.63 25.48
CA SER B 41 16.54 49.69 24.27
C SER B 41 17.26 49.41 22.93
N ASN B 42 18.59 49.35 22.95
CA ASN B 42 19.41 48.96 21.78
C ASN B 42 19.66 47.46 21.59
N ASN B 43 19.62 46.69 22.66
CA ASN B 43 19.87 45.24 22.57
C ASN B 43 18.71 44.39 23.13
N LEU B 44 17.48 44.90 23.01
CA LEU B 44 16.29 44.20 23.51
C LEU B 44 16.13 42.82 22.89
N GLY B 45 15.78 41.85 23.73
CA GLY B 45 15.68 40.46 23.32
C GLY B 45 16.99 39.70 23.20
N THR B 46 18.12 40.31 23.58
CA THR B 46 19.41 39.62 23.53
C THR B 46 19.44 38.42 24.50
N SER B 47 18.95 38.63 25.73
CA SER B 47 18.89 37.59 26.76
C SER B 47 17.97 36.44 26.38
N HIS B 48 16.98 36.73 25.54
CA HIS B 48 16.10 35.68 25.03
C HIS B 48 16.87 34.79 24.07
N LEU B 49 17.62 35.40 23.15
CA LEU B 49 18.44 34.61 22.22
C LEU B 49 19.49 33.82 22.99
N LEU B 50 20.14 34.48 23.96
CA LEU B 50 21.13 33.84 24.84
C LEU B 50 20.61 32.60 25.58
N ARG B 51 19.32 32.65 25.95
CA ARG B 51 18.61 31.53 26.60
C ARG B 51 18.40 30.33 25.65
N LEU B 52 18.14 30.63 24.38
CA LEU B 52 18.07 29.60 23.35
C LEU B 52 19.46 29.10 22.88
N ALA B 53 20.52 29.82 23.22
CA ALA B 53 21.83 29.68 22.57
C ALA B 53 22.88 28.73 23.20
N SER B 54 22.59 28.16 24.39
CA SER B 54 23.44 27.08 24.96
C SER B 54 23.32 25.91 24.03
N SER B 55 24.38 25.11 23.90
CA SER B 55 24.47 24.06 22.84
C SER B 55 24.85 24.56 21.41
N LEU B 56 25.01 25.88 21.25
CA LEU B 56 25.86 26.38 20.17
C LEU B 56 27.31 26.06 20.53
N THR B 57 28.18 26.05 19.53
CA THR B 57 29.60 25.74 19.71
C THR B 57 30.29 26.64 20.75
N THR B 58 31.06 25.99 21.62
CA THR B 58 31.92 26.65 22.62
C THR B 58 33.39 26.42 22.24
N LYS B 59 34.31 26.96 23.03
CA LYS B 59 35.74 26.84 22.71
C LYS B 59 36.23 25.42 22.93
N GLY B 60 35.82 24.83 24.04
CA GLY B 60 36.27 23.48 24.37
C GLY B 60 35.40 22.36 23.83
N ALA B 61 34.19 22.69 23.35
CA ALA B 61 33.28 21.65 22.86
C ALA B 61 32.43 22.14 21.70
N SER B 62 32.25 21.27 20.71
CA SER B 62 31.41 21.57 19.54
C SER B 62 29.91 21.59 19.87
N SER B 63 29.12 22.19 18.99
CA SER B 63 27.65 22.18 19.09
C SER B 63 27.12 20.74 19.15
N PHE B 64 27.72 19.90 18.30
CA PHE B 64 27.43 18.48 18.20
C PHE B 64 27.74 17.70 19.48
N LYS B 65 28.93 17.94 20.05
CA LYS B 65 29.43 17.30 21.28
C LYS B 65 28.62 17.66 22.53
N ILE B 66 28.18 18.92 22.63
CA ILE B 66 27.34 19.35 23.77
C ILE B 66 26.06 18.53 23.80
N THR B 67 25.41 18.39 22.64
CA THR B 67 24.15 17.64 22.55
C THR B 67 24.37 16.14 22.72
N ARG B 68 25.24 15.56 21.88
CA ARG B 68 25.51 14.12 21.92
C ARG B 68 26.09 13.65 23.25
N GLY B 69 27.07 14.40 23.76
CA GLY B 69 27.74 14.07 25.00
C GLY B 69 26.85 14.05 26.23
N ILE B 70 25.92 15.01 26.31
CA ILE B 70 24.99 15.11 27.44
C ILE B 70 23.94 14.01 27.34
N GLU B 71 23.43 13.81 26.13
CA GLU B 71 22.45 12.76 25.89
C GLU B 71 23.05 11.36 26.11
N ALA B 72 24.33 11.19 25.77
CA ALA B 72 25.07 9.92 25.98
C ALA B 72 24.98 9.39 27.41
N VAL B 73 25.05 10.30 28.37
CA VAL B 73 25.02 9.96 29.79
C VAL B 73 23.64 10.18 30.44
N GLY B 74 22.62 10.31 29.61
CA GLY B 74 21.23 10.45 30.06
C GLY B 74 20.88 11.78 30.71
N GLY B 75 21.75 12.79 30.53
CA GLY B 75 21.65 14.08 31.23
C GLY B 75 20.71 15.12 30.62
N LYS B 76 20.68 16.28 31.26
CA LYS B 76 19.80 17.38 30.89
C LYS B 76 20.56 18.70 31.09
N LEU B 77 20.35 19.66 30.19
CA LEU B 77 20.83 21.04 30.36
C LEU B 77 19.68 22.02 30.14
N SER B 78 19.41 22.82 31.16
CA SER B 78 18.30 23.81 31.18
C SER B 78 18.84 25.22 31.38
N VAL B 79 18.15 26.19 30.79
CA VAL B 79 18.48 27.62 30.94
C VAL B 79 17.18 28.36 31.27
N THR B 80 17.16 29.01 32.43
CA THR B 80 15.97 29.64 32.99
C THR B 80 16.16 31.12 33.29
N SER B 81 15.26 31.95 32.77
CA SER B 81 15.32 33.40 32.91
C SER B 81 14.12 33.97 33.68
N THR B 82 14.43 34.83 34.64
CA THR B 82 13.46 35.74 35.24
C THR B 82 13.80 37.13 34.70
N ARG B 83 13.12 38.15 35.21
CA ARG B 83 13.51 39.52 34.89
C ARG B 83 14.91 39.89 35.42
N GLU B 84 15.32 39.28 36.53
CA GLU B 84 16.57 39.66 37.22
C GLU B 84 17.74 38.67 37.11
N ASN B 85 17.44 37.38 36.97
CA ASN B 85 18.47 36.35 36.91
C ASN B 85 18.36 35.46 35.67
N MET B 86 19.49 34.84 35.32
CA MET B 86 19.54 33.69 34.43
C MET B 86 20.11 32.49 35.20
N ALA B 87 19.56 31.30 34.96
CA ALA B 87 19.96 30.10 35.70
C ALA B 87 20.28 28.93 34.75
N TYR B 88 21.55 28.54 34.69
CA TYR B 88 22.01 27.40 33.89
C TYR B 88 22.13 26.18 34.79
N THR B 89 21.35 25.13 34.49
CA THR B 89 21.23 23.95 35.36
C THR B 89 21.56 22.65 34.63
N VAL B 90 22.34 21.77 35.27
CA VAL B 90 22.63 20.42 34.73
C VAL B 90 22.26 19.31 35.72
N GLU B 91 21.60 18.25 35.22
CA GLU B 91 21.28 17.04 36.01
C GLU B 91 21.97 15.82 35.38
N CYS B 92 22.26 14.80 36.19
CA CYS B 92 22.75 13.48 35.71
C CYS B 92 22.85 12.53 36.89
N LEU B 93 23.21 11.27 36.62
CA LEU B 93 23.63 10.36 37.68
C LEU B 93 24.99 10.84 38.20
N ARG B 94 25.23 10.64 39.48
CA ARG B 94 26.37 11.28 40.18
C ARG B 94 27.77 10.93 39.63
N ASP B 95 27.85 9.83 38.87
CA ASP B 95 29.11 9.40 38.26
C ASP B 95 29.58 10.25 37.08
N ASP B 96 28.66 11.04 36.52
CA ASP B 96 28.94 11.84 35.34
C ASP B 96 28.93 13.34 35.61
N VAL B 97 29.06 13.77 36.87
CA VAL B 97 28.97 15.21 37.20
C VAL B 97 30.07 16.05 36.57
N ASP B 98 31.29 15.50 36.53
CA ASP B 98 32.45 16.21 36.00
C ASP B 98 32.45 16.30 34.46
N ILE B 99 31.70 15.41 33.79
CA ILE B 99 31.42 15.53 32.35
C ILE B 99 30.43 16.68 32.08
N LEU B 100 29.31 16.68 32.80
CA LEU B 100 28.31 17.74 32.72
C LEU B 100 28.83 19.09 33.20
N MET B 101 29.72 19.07 34.18
CA MET B 101 30.32 20.29 34.69
C MET B 101 31.20 20.93 33.61
N GLU B 102 31.96 20.10 32.90
CA GLU B 102 32.80 20.56 31.80
C GLU B 102 31.94 21.26 30.74
N PHE B 103 30.81 20.64 30.39
CA PHE B 103 29.85 21.25 29.48
C PHE B 103 29.25 22.57 30.00
N LEU B 104 28.86 22.59 31.29
CA LEU B 104 28.28 23.79 31.93
C LEU B 104 29.21 25.00 31.89
N LEU B 105 30.49 24.74 32.17
CA LEU B 105 31.53 25.78 32.16
C LEU B 105 31.79 26.31 30.76
N ASN B 106 31.88 25.40 29.80
CA ASN B 106 32.01 25.77 28.40
C ASN B 106 30.89 26.70 27.92
N VAL B 107 29.64 26.34 28.26
CA VAL B 107 28.43 27.09 27.87
C VAL B 107 28.42 28.51 28.43
N THR B 108 28.78 28.65 29.70
CA THR B 108 28.69 29.91 30.42
C THR B 108 29.95 30.75 30.40
N THR B 109 31.14 30.13 30.43
CA THR B 109 32.38 30.91 30.44
C THR B 109 33.03 31.16 29.07
N ALA B 110 32.76 30.29 28.09
CA ALA B 110 33.43 30.41 26.77
C ALA B 110 32.58 30.03 25.53
N PRO B 111 31.41 30.69 25.34
CA PRO B 111 30.64 30.43 24.12
C PRO B 111 31.24 31.24 22.97
N GLU B 112 31.22 30.66 21.77
CA GLU B 112 31.82 31.32 20.61
C GLU B 112 30.84 32.21 19.86
N PHE B 113 29.55 31.87 19.89
CA PHE B 113 28.50 32.61 19.16
C PHE B 113 28.88 32.86 17.69
N ARG B 114 29.03 31.78 16.93
CA ARG B 114 29.51 31.88 15.55
C ARG B 114 28.43 32.50 14.68
N ARG B 115 28.83 33.42 13.79
CA ARG B 115 27.89 34.13 12.90
C ARG B 115 26.86 33.22 12.20
N TRP B 116 27.32 32.10 11.63
CA TRP B 116 26.42 31.15 10.93
C TRP B 116 25.47 30.39 11.85
N GLU B 117 25.96 30.00 13.03
CA GLU B 117 25.15 29.36 14.07
C GLU B 117 24.12 30.31 14.71
N VAL B 118 24.54 31.54 14.98
CA VAL B 118 23.69 32.57 15.58
C VAL B 118 22.59 32.99 14.60
N ALA B 119 22.95 33.11 13.31
CA ALA B 119 21.99 33.44 12.25
C ALA B 119 20.97 32.33 12.04
N ALA B 120 21.45 31.09 12.04
CA ALA B 120 20.59 29.92 11.92
C ALA B 120 19.57 29.82 13.04
N LEU B 121 19.95 30.31 14.22
CA LEU B 121 19.11 30.26 15.41
C LEU B 121 17.99 31.32 15.46
N GLN B 122 18.10 32.37 14.65
CA GLN B 122 17.13 33.49 14.72
C GLN B 122 15.66 33.07 14.63
N PRO B 123 15.30 32.13 13.70
CA PRO B 123 13.86 31.74 13.64
C PRO B 123 13.32 31.07 14.91
N GLN B 124 14.20 30.47 15.69
CA GLN B 124 13.81 29.88 16.97
C GLN B 124 13.23 30.93 17.94
N LEU B 125 13.63 32.20 17.78
CA LEU B 125 13.05 33.27 18.60
C LEU B 125 11.56 33.39 18.36
N ARG B 126 11.16 33.26 17.09
CA ARG B 126 9.76 33.38 16.71
C ARG B 126 8.95 32.20 17.21
N ILE B 127 9.50 30.98 17.08
CA ILE B 127 8.85 29.72 17.55
C ILE B 127 8.66 29.77 19.07
N ASP B 128 9.74 30.07 19.79
CA ASP B 128 9.70 30.06 21.24
C ASP B 128 8.73 31.12 21.77
N LYS B 129 8.75 32.32 21.18
CA LYS B 129 7.83 33.40 21.59
C LYS B 129 6.38 33.02 21.29
N ALA B 130 6.15 32.58 20.06
CA ALA B 130 4.82 32.15 19.59
C ALA B 130 4.16 31.17 20.53
N VAL B 131 4.94 30.15 20.92
CA VAL B 131 4.47 29.08 21.80
C VAL B 131 4.06 29.70 23.13
N ALA B 132 5.00 30.42 23.75
CA ALA B 132 4.79 31.04 25.05
C ALA B 132 3.57 31.96 25.11
N LEU B 133 3.38 32.76 24.06
CA LEU B 133 2.25 33.69 23.97
C LEU B 133 0.90 33.05 23.66
N GLN B 134 0.87 31.73 23.55
CA GLN B 134 -0.39 31.01 23.56
C GLN B 134 -1.06 31.09 24.94
N ASN B 135 -0.29 31.16 26.03
CA ASN B 135 -0.86 31.44 27.37
C ASN B 135 -1.24 32.90 27.45
N PRO B 136 -2.53 33.20 27.71
CA PRO B 136 -2.90 34.62 27.78
C PRO B 136 -2.31 35.33 29.00
N GLN B 137 -1.87 34.56 30.01
CA GLN B 137 -1.21 35.11 31.18
C GLN B 137 0.08 35.77 30.77
N ALA B 138 0.75 35.22 29.77
CA ALA B 138 2.00 35.77 29.26
C ALA B 138 1.80 37.15 28.64
N HIS B 139 0.74 37.33 27.84
CA HIS B 139 0.37 38.64 27.28
C HIS B 139 0.26 39.68 28.38
N VAL B 140 -0.60 39.39 29.35
CA VAL B 140 -1.00 40.32 30.38
C VAL B 140 0.16 40.68 31.32
N ILE B 141 0.88 39.68 31.81
CA ILE B 141 2.00 39.92 32.74
C ILE B 141 3.15 40.67 32.07
N GLU B 142 3.44 40.37 30.80
CA GLU B 142 4.48 41.08 30.04
C GLU B 142 4.08 42.53 29.78
N ASN B 143 2.80 42.73 29.45
CA ASN B 143 2.22 44.08 29.32
C ASN B 143 2.16 44.80 30.65
N LEU B 144 1.76 44.10 31.71
CA LEU B 144 1.63 44.69 33.04
C LEU B 144 2.94 45.35 33.45
N HIS B 145 4.05 44.63 33.31
CA HIS B 145 5.38 45.15 33.63
C HIS B 145 5.75 46.33 32.75
N ALA B 146 5.53 46.19 31.44
CA ALA B 146 5.76 47.26 30.48
C ALA B 146 5.00 48.54 30.83
N ALA B 147 3.76 48.38 31.31
CA ALA B 147 2.93 49.49 31.80
C ALA B 147 3.46 50.11 33.09
N ALA B 148 3.81 49.26 34.04
CA ALA B 148 4.20 49.66 35.38
C ALA B 148 5.58 50.32 35.50
N TYR B 149 6.48 50.05 34.55
CA TYR B 149 7.86 50.57 34.63
C TYR B 149 8.29 51.43 33.45
N ARG B 150 9.34 52.22 33.67
CA ARG B 150 9.90 53.09 32.67
C ARG B 150 11.01 52.37 31.93
N ASN B 151 11.72 51.45 32.62
CA ASN B 151 12.90 50.82 31.93
C ASN B 151 13.32 49.37 32.29
N ALA B 152 14.01 49.19 33.41
CA ALA B 152 14.58 47.87 33.78
C ALA B 152 13.55 46.74 33.68
N LEU B 153 12.72 46.64 34.72
CA LEU B 153 11.74 45.58 34.92
C LEU B 153 10.62 45.58 33.87
N ALA B 154 10.47 46.72 33.17
CA ALA B 154 9.54 46.85 32.03
C ALA B 154 9.86 45.88 30.91
N ASN B 155 11.15 45.56 30.75
CA ASN B 155 11.60 44.64 29.71
C ASN B 155 10.89 43.30 29.77
N SER B 156 10.53 42.82 28.59
CA SER B 156 9.92 41.51 28.43
C SER B 156 11.00 40.45 28.41
N LEU B 157 10.63 39.25 28.85
CA LEU B 157 11.52 38.08 28.79
C LEU B 157 11.74 37.57 27.37
N TYR B 158 10.74 37.83 26.52
CA TYR B 158 10.75 37.42 25.12
C TYR B 158 11.08 38.60 24.21
N CYS B 159 11.88 38.31 23.19
CA CYS B 159 12.42 39.26 22.23
C CYS B 159 11.29 39.95 21.46
N PRO B 160 11.30 41.30 21.43
CA PRO B 160 10.28 42.02 20.65
C PRO B 160 10.33 41.67 19.17
N ASP B 161 9.16 41.58 18.54
CA ASP B 161 9.05 41.14 17.13
C ASP B 161 10.08 41.78 16.17
N TYR B 162 10.24 43.10 16.29
CA TYR B 162 11.11 43.88 15.41
C TYR B 162 12.58 43.48 15.50
N ARG B 163 12.99 42.95 16.66
CA ARG B 163 14.38 42.53 16.86
C ARG B 163 14.69 41.10 16.44
N ILE B 164 13.63 40.31 16.16
CA ILE B 164 13.80 38.91 15.72
C ILE B 164 14.46 38.86 14.33
N GLY B 165 15.59 38.16 14.25
CA GLY B 165 16.39 38.13 13.04
C GLY B 165 17.52 39.14 13.06
N LYS B 166 17.59 39.93 14.14
CA LYS B 166 18.52 41.06 14.23
C LYS B 166 19.42 41.10 15.46
N VAL B 167 19.33 40.10 16.33
CA VAL B 167 20.24 39.99 17.47
C VAL B 167 21.58 39.48 16.94
N THR B 168 22.64 40.31 17.05
CA THR B 168 23.96 40.07 16.42
C THR B 168 24.84 39.21 17.32
N PRO B 169 25.85 38.54 16.72
CA PRO B 169 26.86 37.85 17.52
C PRO B 169 27.56 38.78 18.52
N VAL B 170 27.90 39.99 18.08
CA VAL B 170 28.55 40.99 18.95
C VAL B 170 27.73 41.25 20.23
N GLU B 171 26.41 41.43 20.07
CA GLU B 171 25.51 41.68 21.19
C GLU B 171 25.46 40.54 22.19
N LEU B 172 25.50 39.31 21.69
CA LEU B 172 25.54 38.15 22.55
C LEU B 172 26.84 38.07 23.31
N HIS B 173 27.96 38.32 22.63
CA HIS B 173 29.27 38.40 23.27
C HIS B 173 29.30 39.47 24.36
N ASP B 174 28.89 40.68 23.98
CA ASP B 174 28.78 41.83 24.90
C ASP B 174 27.99 41.47 26.14
N TYR B 175 26.80 40.90 25.95
CA TYR B 175 25.94 40.51 27.06
C TYR B 175 26.58 39.53 28.05
N VAL B 176 27.28 38.51 27.54
CA VAL B 176 27.94 37.50 28.38
C VAL B 176 29.14 38.12 29.08
N GLN B 177 29.98 38.77 28.30
CA GLN B 177 31.20 39.39 28.81
C GLN B 177 30.94 40.46 29.87
N ASN B 178 29.81 41.16 29.76
CA ASN B 178 29.40 42.21 30.71
C ASN B 178 28.59 41.74 31.93
N HIS B 179 27.94 40.58 31.84
CA HIS B 179 27.05 40.12 32.89
C HIS B 179 27.40 38.79 33.54
N PHE B 180 28.04 37.90 32.78
CA PHE B 180 28.49 36.60 33.34
C PHE B 180 29.89 36.82 33.95
N THR B 181 29.92 37.31 35.19
CA THR B 181 31.18 37.62 35.92
C THR B 181 31.13 37.11 37.36
N SER B 182 32.31 36.91 37.95
CA SER B 182 32.41 36.30 39.28
C SER B 182 31.60 37.04 40.32
N ALA B 183 31.64 38.36 40.24
CA ALA B 183 30.91 39.26 41.12
C ALA B 183 29.38 39.13 41.01
N ARG B 184 28.89 38.45 39.96
CA ARG B 184 27.45 38.36 39.65
C ARG B 184 26.91 36.92 39.62
N MET B 185 27.77 35.98 39.99
CA MET B 185 27.50 34.54 39.84
C MET B 185 27.49 33.72 41.13
N ALA B 186 26.56 32.77 41.23
CA ALA B 186 26.50 31.82 42.36
C ALA B 186 26.40 30.39 41.85
N LEU B 187 27.37 29.54 42.22
CA LEU B 187 27.43 28.14 41.78
C LEU B 187 26.91 27.17 42.85
N ILE B 188 25.72 26.63 42.61
CA ILE B 188 25.02 25.80 43.60
C ILE B 188 25.05 24.32 43.21
N GLY B 189 25.05 23.42 44.21
CA GLY B 189 25.06 21.97 43.97
C GLY B 189 24.41 21.04 44.99
N LEU B 190 23.73 20.01 44.51
CA LEU B 190 23.29 18.87 45.33
C LEU B 190 24.01 17.61 44.87
N GLY B 191 24.33 16.72 45.81
CA GLY B 191 25.00 15.43 45.51
C GLY B 191 26.39 15.57 44.90
N VAL B 192 27.12 16.55 45.42
CA VAL B 192 28.51 16.82 45.03
C VAL B 192 29.18 17.47 46.25
N SER B 193 30.44 17.10 46.50
CA SER B 193 31.21 17.59 47.65
C SER B 193 31.54 19.08 47.50
N HIS B 194 31.49 19.82 48.60
CA HIS B 194 31.79 21.25 48.60
C HIS B 194 33.24 21.58 48.21
N PRO B 195 34.23 20.79 48.73
CA PRO B 195 35.62 21.08 48.34
C PRO B 195 35.88 21.06 46.83
N VAL B 196 35.32 20.08 46.12
CA VAL B 196 35.56 19.97 44.66
C VAL B 196 34.84 21.06 43.84
N LEU B 197 33.68 21.52 44.35
CA LEU B 197 32.98 22.66 43.75
C LEU B 197 33.78 23.95 43.92
N LYS B 198 34.27 24.18 45.14
CA LYS B 198 35.11 25.34 45.46
C LYS B 198 36.29 25.45 44.49
N GLN B 199 36.99 24.33 44.30
CA GLN B 199 38.18 24.26 43.45
C GLN B 199 37.90 24.49 41.96
N VAL B 200 36.72 24.04 41.52
CA VAL B 200 36.23 24.32 40.16
C VAL B 200 35.96 25.83 40.01
N ALA B 201 35.31 26.41 41.02
CA ALA B 201 34.94 27.82 40.99
C ALA B 201 36.15 28.76 41.04
N GLU B 202 37.20 28.32 41.74
CA GLU B 202 38.45 29.07 41.84
C GLU B 202 39.25 29.03 40.53
N GLN B 203 39.23 27.88 39.87
CA GLN B 203 40.08 27.63 38.69
C GLN B 203 39.42 27.89 37.35
N PHE B 204 38.10 27.80 37.30
CA PHE B 204 37.36 27.96 36.07
C PHE B 204 36.29 29.03 36.07
N LEU B 205 36.02 29.61 37.23
CA LEU B 205 34.94 30.58 37.34
C LEU B 205 35.41 31.91 37.92
N ASN B 206 36.72 32.05 38.04
CA ASN B 206 37.35 33.32 38.32
C ASN B 206 37.62 34.03 37.00
N ILE B 207 36.72 34.96 36.67
CA ILE B 207 36.82 35.88 35.53
C ILE B 207 36.44 37.28 36.02
N ARG B 208 36.90 38.34 35.35
CA ARG B 208 36.76 39.68 35.92
C ARG B 208 35.44 40.39 35.59
N GLY B 209 35.09 41.35 36.45
CA GLY B 209 33.79 42.03 36.47
C GLY B 209 33.40 42.87 35.26
N GLY B 210 32.15 43.30 35.26
CA GLY B 210 31.63 44.13 34.18
C GLY B 210 30.29 44.69 34.54
N ALA B 216 21.18 50.73 36.36
CA ALA B 216 20.13 51.69 36.70
C ALA B 216 19.03 51.07 37.56
N LYS B 217 18.50 51.87 38.49
CA LYS B 217 17.36 51.45 39.33
C LYS B 217 16.06 51.49 38.55
N ALA B 218 15.17 50.52 38.82
CA ALA B 218 13.88 50.41 38.16
C ALA B 218 12.93 51.51 38.60
N LYS B 219 12.59 52.41 37.70
CA LYS B 219 11.66 53.49 37.99
C LYS B 219 10.23 53.02 37.73
N TYR B 220 9.40 52.99 38.78
CA TYR B 220 7.95 52.74 38.61
C TYR B 220 7.31 53.92 37.90
N HIS B 221 6.34 53.64 37.03
CA HIS B 221 5.69 54.65 36.20
C HIS B 221 4.20 54.74 36.51
N GLY B 222 3.51 53.61 36.32
CA GLY B 222 2.05 53.55 36.39
C GLY B 222 1.48 53.92 35.04
N GLY B 223 0.98 52.91 34.34
CA GLY B 223 0.36 53.11 33.03
C GLY B 223 -0.69 52.03 32.83
N GLU B 224 -1.25 51.96 31.63
CA GLU B 224 -2.11 50.84 31.26
C GLU B 224 -1.91 50.46 29.83
N ILE B 225 -2.04 49.16 29.56
CA ILE B 225 -1.91 48.62 28.20
C ILE B 225 -3.10 47.71 27.94
N ARG B 226 -3.71 47.87 26.77
CA ARG B 226 -5.01 47.25 26.48
C ARG B 226 -5.00 46.50 25.17
N GLU B 227 -4.90 45.17 25.23
CA GLU B 227 -4.97 44.34 24.01
C GLU B 227 -6.42 44.02 23.64
N GLN B 228 -6.94 44.71 22.62
CA GLN B 228 -8.25 44.38 22.06
C GLN B 228 -8.11 43.18 21.10
N ASN B 229 -8.79 42.07 21.39
CA ASN B 229 -8.67 40.87 20.55
C ASN B 229 -9.93 40.00 20.35
N GLY B 230 -11.09 40.41 20.89
CA GLY B 230 -12.33 39.65 20.73
C GLY B 230 -12.50 38.23 21.30
N ASP B 231 -11.73 37.84 22.32
CA ASP B 231 -12.03 36.61 23.11
C ASP B 231 -13.30 36.84 23.91
N SER B 232 -14.06 35.78 24.18
CA SER B 232 -15.23 35.91 25.05
C SER B 232 -14.85 36.05 26.55
N LEU B 233 -13.59 35.77 26.88
CA LEU B 233 -13.04 36.02 28.21
C LEU B 233 -12.00 37.14 28.25
N VAL B 234 -12.04 37.94 29.31
CA VAL B 234 -11.11 39.05 29.50
C VAL B 234 -10.17 38.77 30.67
N HIS B 235 -8.89 38.57 30.33
CA HIS B 235 -7.80 38.60 31.31
C HIS B 235 -7.44 40.05 31.62
N ALA B 236 -7.20 40.33 32.89
CA ALA B 236 -6.89 41.66 33.38
C ALA B 236 -6.13 41.60 34.69
N ALA B 237 -5.15 42.48 34.86
CA ALA B 237 -4.36 42.59 36.11
C ALA B 237 -4.25 44.06 36.53
N LEU B 238 -4.43 44.34 37.82
CA LEU B 238 -4.28 45.69 38.37
C LEU B 238 -3.40 45.65 39.60
N VAL B 239 -2.30 46.38 39.53
CA VAL B 239 -1.28 46.42 40.56
C VAL B 239 -0.86 47.84 40.94
N ALA B 240 -0.26 47.94 42.12
CA ALA B 240 0.42 49.14 42.58
C ALA B 240 1.80 48.73 43.05
N GLU B 241 2.68 49.71 43.22
CA GLU B 241 4.03 49.42 43.66
C GLU B 241 4.01 48.85 45.08
N SER B 242 4.57 47.65 45.24
CA SER B 242 4.73 47.02 46.55
C SER B 242 6.17 47.24 46.97
N ALA B 243 6.66 46.42 47.87
CA ALA B 243 8.03 46.54 48.32
C ALA B 243 9.09 45.62 47.67
N ALA B 244 10.36 45.92 48.00
CA ALA B 244 11.53 45.21 47.50
C ALA B 244 11.77 43.94 48.29
N ILE B 245 12.18 42.88 47.60
CA ILE B 245 12.52 41.60 48.22
C ILE B 245 13.72 41.78 49.17
N GLY B 246 13.60 41.21 50.36
CA GLY B 246 14.59 41.43 51.40
C GLY B 246 14.18 42.42 52.48
N SER B 247 13.30 43.36 52.15
CA SER B 247 12.69 44.22 53.19
C SER B 247 11.61 43.44 53.93
N ALA B 248 11.37 43.84 55.18
CA ALA B 248 10.37 43.19 56.01
C ALA B 248 8.94 43.48 55.53
N GLU B 249 8.74 44.63 54.88
CA GLU B 249 7.43 45.01 54.32
C GLU B 249 6.95 43.98 53.29
N ALA B 250 7.90 43.40 52.56
CA ALA B 250 7.62 42.40 51.52
C ALA B 250 6.85 41.20 52.06
N ASN B 251 7.26 40.77 53.27
CA ASN B 251 6.62 39.68 54.00
C ASN B 251 5.15 39.99 54.29
N ALA B 252 4.85 41.25 54.60
CA ALA B 252 3.47 41.71 54.82
C ALA B 252 2.60 41.56 53.57
N PHE B 253 3.16 41.85 52.40
CA PHE B 253 2.46 41.69 51.14
C PHE B 253 2.16 40.24 50.82
N SER B 254 3.14 39.37 51.07
CA SER B 254 3.01 37.92 50.90
C SER B 254 1.85 37.35 51.75
N VAL B 255 1.71 37.88 52.97
CA VAL B 255 0.60 37.49 53.87
C VAL B 255 -0.74 38.04 53.35
N LEU B 256 -0.75 39.32 52.96
CA LEU B 256 -1.92 39.94 52.34
C LEU B 256 -2.41 39.17 51.10
N GLN B 257 -1.45 38.65 50.31
CA GLN B 257 -1.73 37.83 49.15
C GLN B 257 -2.57 36.61 49.51
N HIS B 258 -2.18 35.93 50.60
CA HIS B 258 -2.85 34.71 51.05
C HIS B 258 -4.12 34.95 51.87
N VAL B 259 -4.27 36.16 52.42
CA VAL B 259 -5.54 36.60 53.01
C VAL B 259 -6.57 36.76 51.90
N LEU B 260 -6.17 37.43 50.81
CA LEU B 260 -7.05 37.72 49.68
C LEU B 260 -7.34 36.49 48.85
N GLY B 261 -6.32 35.66 48.63
CA GLY B 261 -6.51 34.42 47.89
C GLY B 261 -5.53 34.32 46.76
N ALA B 262 -4.70 33.30 46.82
CA ALA B 262 -3.59 33.15 45.91
C ALA B 262 -3.61 31.76 45.26
N GLY B 263 -4.65 31.48 44.50
CA GLY B 263 -4.75 30.21 43.79
C GLY B 263 -5.40 29.09 44.58
N PRO B 264 -5.69 27.96 43.90
CA PRO B 264 -6.64 26.98 44.42
C PRO B 264 -5.98 25.99 45.39
N HIS B 265 -6.73 25.53 46.39
CA HIS B 265 -6.21 24.52 47.32
C HIS B 265 -6.80 23.14 47.11
N VAL B 266 -8.09 23.11 46.77
CA VAL B 266 -8.83 21.88 46.49
C VAL B 266 -9.10 21.74 44.98
N LYS B 267 -9.00 20.52 44.44
CA LYS B 267 -9.36 20.23 43.06
C LYS B 267 -10.85 20.45 42.84
N ARG B 268 -11.19 21.25 41.83
CA ARG B 268 -12.57 21.58 41.49
C ARG B 268 -13.33 22.29 42.63
N GLY B 269 -12.54 22.85 43.56
CA GLY B 269 -13.06 23.46 44.77
C GLY B 269 -13.59 24.86 44.56
N SER B 270 -14.41 25.30 45.51
CA SER B 270 -15.10 26.59 45.44
C SER B 270 -14.39 27.73 46.20
N ASN B 271 -13.24 27.41 46.81
CA ASN B 271 -12.40 28.41 47.51
C ASN B 271 -13.10 29.20 48.60
N ALA B 272 -13.53 28.50 49.65
CA ALA B 272 -14.30 29.10 50.74
C ALA B 272 -13.51 30.07 51.64
N THR B 273 -12.19 29.91 51.71
CA THR B 273 -11.35 30.82 52.50
C THR B 273 -10.72 31.96 51.68
N SER B 274 -10.71 31.84 50.35
CA SER B 274 -10.24 32.93 49.46
C SER B 274 -11.17 34.16 49.49
N SER B 275 -10.69 35.24 50.08
CA SER B 275 -11.45 36.48 50.29
C SER B 275 -11.91 37.14 48.98
N LEU B 276 -11.02 37.19 47.98
CA LEU B 276 -11.32 37.72 46.65
C LEU B 276 -12.37 36.92 45.89
N TYR B 277 -12.16 35.59 45.83
CA TYR B 277 -13.01 34.68 45.04
C TYR B 277 -14.47 34.71 45.52
N GLN B 278 -14.63 34.76 46.84
CA GLN B 278 -15.95 34.84 47.47
C GLN B 278 -16.59 36.21 47.27
N ALA B 279 -15.77 37.26 47.29
CA ALA B 279 -16.24 38.63 47.07
C ALA B 279 -16.78 38.78 45.68
N VAL B 280 -16.08 38.22 44.70
CA VAL B 280 -16.51 38.26 43.29
C VAL B 280 -17.71 37.34 43.05
N ALA B 281 -17.65 36.11 43.59
CA ALA B 281 -18.71 35.09 43.40
C ALA B 281 -20.06 35.46 44.01
N LYS B 282 -20.05 36.38 44.97
CA LYS B 282 -21.26 36.91 45.58
C LYS B 282 -22.16 37.62 44.55
N GLY B 283 -21.56 38.56 43.80
CA GLY B 283 -22.25 39.36 42.78
C GLY B 283 -22.52 38.68 41.44
N VAL B 284 -21.52 37.98 40.89
CA VAL B 284 -21.59 37.37 39.55
C VAL B 284 -21.26 35.85 39.52
N HIS B 285 -22.22 35.04 39.06
CA HIS B 285 -22.10 33.56 39.09
C HIS B 285 -21.58 32.83 37.83
N GLN B 286 -21.50 33.52 36.68
CA GLN B 286 -20.97 32.95 35.40
C GLN B 286 -19.46 32.61 35.52
N PRO B 287 -18.87 31.77 34.61
CA PRO B 287 -17.46 31.33 34.73
C PRO B 287 -16.44 32.46 34.97
N PHE B 288 -15.59 32.32 36.00
CA PHE B 288 -14.54 33.31 36.30
C PHE B 288 -13.41 32.74 37.17
N ASP B 289 -12.32 33.49 37.26
CA ASP B 289 -11.22 33.26 38.23
C ASP B 289 -10.61 34.60 38.67
N VAL B 290 -10.23 34.69 39.95
CA VAL B 290 -9.53 35.85 40.49
C VAL B 290 -8.45 35.39 41.49
N SER B 291 -7.28 36.02 41.44
CA SER B 291 -6.22 35.76 42.40
C SER B 291 -5.45 37.03 42.73
N ALA B 292 -4.92 37.09 43.93
CA ALA B 292 -3.95 38.12 44.27
C ALA B 292 -2.64 37.88 43.52
N PHE B 293 -2.06 38.95 42.97
CA PHE B 293 -0.79 38.91 42.26
C PHE B 293 0.28 39.59 43.09
N ASN B 294 1.40 38.89 43.33
CA ASN B 294 2.54 39.44 44.08
C ASN B 294 3.91 39.07 43.50
N ALA B 295 4.51 40.04 42.81
CA ALA B 295 5.91 40.00 42.35
C ALA B 295 6.76 40.83 43.30
N SER B 296 8.02 40.40 43.47
CA SER B 296 8.93 41.06 44.40
C SER B 296 10.37 40.98 43.88
N TYR B 297 11.00 42.14 43.71
CA TYR B 297 12.31 42.24 43.05
C TYR B 297 13.33 42.98 43.93
N SER B 298 14.56 43.12 43.45
CA SER B 298 15.62 43.80 44.19
C SER B 298 15.30 45.29 44.41
N ASP B 299 14.84 45.97 43.36
CA ASP B 299 14.52 47.41 43.38
C ASP B 299 13.13 47.75 43.86
N SER B 300 12.19 46.87 43.54
CA SER B 300 10.77 47.21 43.55
C SER B 300 9.92 45.96 43.72
N GLY B 301 8.60 46.12 43.57
CA GLY B 301 7.67 45.00 43.57
C GLY B 301 6.33 45.47 43.04
N LEU B 302 5.51 44.51 42.64
CA LEU B 302 4.14 44.79 42.23
C LEU B 302 3.21 43.91 43.04
N PHE B 303 2.18 44.53 43.61
CA PHE B 303 1.10 43.79 44.28
C PHE B 303 -0.25 44.24 43.76
N GLY B 304 -1.12 43.27 43.53
CA GLY B 304 -2.49 43.55 43.12
C GLY B 304 -3.33 42.29 42.97
N PHE B 305 -4.06 42.23 41.85
CA PHE B 305 -4.91 41.07 41.56
C PHE B 305 -5.11 40.88 40.04
N TYR B 306 -5.37 39.63 39.66
CA TYR B 306 -5.56 39.22 38.28
C TYR B 306 -6.98 38.67 38.18
N THR B 307 -7.77 39.19 37.25
CA THR B 307 -9.09 38.63 36.98
C THR B 307 -9.10 37.90 35.65
N ILE B 308 -9.93 36.86 35.58
CA ILE B 308 -10.39 36.28 34.33
C ILE B 308 -11.90 36.24 34.45
N SER B 309 -12.56 36.95 33.55
CA SER B 309 -14.00 37.17 33.60
C SER B 309 -14.60 37.14 32.19
N GLN B 310 -15.92 37.01 32.13
CA GLN B 310 -16.66 37.18 30.88
C GLN B 310 -16.49 38.62 30.35
N ALA B 311 -16.51 38.80 29.03
CA ALA B 311 -16.30 40.13 28.45
C ALA B 311 -17.19 41.23 29.06
N ALA B 312 -18.49 40.93 29.17
CA ALA B 312 -19.51 41.87 29.70
C ALA B 312 -19.39 42.13 31.20
N SER B 313 -18.86 41.14 31.93
CA SER B 313 -18.74 41.17 33.40
C SER B 313 -17.43 41.71 33.94
N ALA B 314 -16.48 42.05 33.06
CA ALA B 314 -15.15 42.54 33.48
C ALA B 314 -15.22 43.77 34.39
N GLY B 315 -16.11 44.71 34.07
CA GLY B 315 -16.35 45.88 34.92
C GLY B 315 -16.70 45.50 36.34
N ASP B 316 -17.72 44.63 36.47
CA ASP B 316 -18.25 44.16 37.76
C ASP B 316 -17.21 43.41 38.58
N VAL B 317 -16.47 42.52 37.92
CA VAL B 317 -15.50 41.62 38.57
C VAL B 317 -14.31 42.39 39.12
N ILE B 318 -13.79 43.33 38.33
CA ILE B 318 -12.60 44.10 38.72
C ILE B 318 -12.93 45.02 39.90
N LYS B 319 -14.05 45.72 39.82
CA LYS B 319 -14.49 46.60 40.88
C LYS B 319 -14.83 45.83 42.17
N ALA B 320 -15.48 44.66 42.05
CA ALA B 320 -15.74 43.76 43.18
C ALA B 320 -14.46 43.33 43.89
N ALA B 321 -13.46 42.91 43.10
CA ALA B 321 -12.13 42.54 43.59
C ALA B 321 -11.39 43.69 44.28
N TYR B 322 -11.43 44.87 43.68
CA TYR B 322 -10.81 46.09 44.20
C TYR B 322 -11.44 46.52 45.53
N ASN B 323 -12.77 46.39 45.62
CA ASN B 323 -13.53 46.66 46.83
C ASN B 323 -13.17 45.76 47.99
N GLN B 324 -12.82 44.50 47.71
CA GLN B 324 -12.40 43.58 48.76
C GLN B 324 -11.08 43.98 49.39
N VAL B 325 -10.18 44.55 48.60
CA VAL B 325 -8.90 45.08 49.10
C VAL B 325 -9.12 46.33 49.97
N LYS B 326 -10.10 47.15 49.58
CA LYS B 326 -10.47 48.36 50.30
C LYS B 326 -11.00 48.10 51.72
N THR B 327 -11.80 47.05 51.88
CA THR B 327 -12.27 46.66 53.20
C THR B 327 -11.14 46.11 54.07
N ILE B 328 -10.19 45.39 53.46
CA ILE B 328 -8.97 44.96 54.17
C ILE B 328 -8.12 46.17 54.57
N ALA B 329 -8.02 47.15 53.68
CA ALA B 329 -7.31 48.41 53.96
C ALA B 329 -8.01 49.31 54.99
N GLN B 330 -9.34 49.26 55.04
CA GLN B 330 -10.11 49.99 56.06
C GLN B 330 -9.99 49.40 57.46
N GLY B 331 -9.68 48.11 57.54
CA GLY B 331 -9.41 47.45 58.81
C GLY B 331 -10.14 46.15 59.10
N ASN B 332 -10.98 45.68 58.16
CA ASN B 332 -11.79 44.45 58.33
C ASN B 332 -10.99 43.18 58.12
N LEU B 333 -10.45 42.66 59.22
CA LEU B 333 -9.48 41.60 59.17
C LEU B 333 -9.26 41.02 60.56
N SER B 334 -9.74 39.80 60.78
CA SER B 334 -9.57 39.16 62.09
C SER B 334 -8.34 38.24 62.11
N ASN B 335 -7.81 37.97 63.31
CA ASN B 335 -6.73 36.99 63.53
C ASN B 335 -6.94 35.63 62.83
N PRO B 336 -8.13 34.97 62.99
CA PRO B 336 -8.34 33.70 62.28
C PRO B 336 -8.07 33.72 60.76
N ASP B 337 -8.30 34.87 60.12
CA ASP B 337 -8.00 35.06 58.71
C ASP B 337 -6.49 35.14 58.46
N VAL B 338 -5.84 35.98 59.27
CA VAL B 338 -4.39 36.20 59.16
C VAL B 338 -3.59 34.97 59.60
N GLN B 339 -4.18 34.16 60.49
CA GLN B 339 -3.59 32.89 60.93
C GLN B 339 -3.66 31.87 59.80
N ALA B 340 -4.84 31.78 59.16
CA ALA B 340 -5.07 30.91 57.99
C ALA B 340 -4.11 31.26 56.87
N ALA B 341 -4.05 32.55 56.54
CA ALA B 341 -3.14 33.07 55.51
C ALA B 341 -1.66 32.74 55.78
N LYS B 342 -1.25 32.83 57.05
CA LYS B 342 0.12 32.50 57.45
C LYS B 342 0.40 31.01 57.30
N ASN B 343 -0.56 30.18 57.75
CA ASN B 343 -0.46 28.73 57.60
C ASN B 343 -0.30 28.31 56.15
N LYS B 344 -0.96 29.05 55.24
CA LYS B 344 -0.88 28.77 53.80
C LYS B 344 0.53 29.07 53.32
N LEU B 345 0.98 30.31 53.55
CA LEU B 345 2.30 30.79 53.14
C LEU B 345 3.45 29.96 53.74
N LYS B 346 3.35 29.64 55.03
CA LYS B 346 4.31 28.76 55.70
C LYS B 346 4.41 27.40 55.01
N ALA B 347 3.25 26.79 54.72
CA ALA B 347 3.15 25.49 54.07
C ALA B 347 3.61 25.54 52.61
N GLY B 348 3.19 26.60 51.91
CA GLY B 348 3.58 26.83 50.52
C GLY B 348 5.06 26.95 50.29
N TYR B 349 5.76 27.63 51.21
CA TYR B 349 7.20 27.83 51.11
C TYR B 349 7.95 26.51 51.29
N LEU B 350 7.58 25.78 52.34
CA LEU B 350 8.19 24.47 52.63
C LEU B 350 7.93 23.45 51.54
N MET B 351 6.73 23.51 50.96
CA MET B 351 6.34 22.66 49.86
C MET B 351 7.09 23.01 48.56
N SER B 352 7.40 24.30 48.35
CA SER B 352 8.13 24.70 47.16
C SER B 352 9.59 24.22 47.16
N VAL B 353 10.17 24.07 48.36
CA VAL B 353 11.54 23.53 48.54
C VAL B 353 11.57 22.04 48.93
N GLU B 354 10.43 21.37 48.77
CA GLU B 354 10.24 19.93 49.07
C GLU B 354 11.06 19.04 48.11
N SER B 355 10.95 19.32 46.81
CA SER B 355 11.74 18.65 45.75
C SER B 355 13.15 19.21 45.75
N SER B 356 14.10 18.40 45.29
CA SER B 356 15.48 18.88 45.17
C SER B 356 15.69 19.83 43.98
N GLU B 357 14.70 19.89 43.07
CA GLU B 357 14.72 20.88 42.01
C GLU B 357 14.44 22.29 42.58
N GLY B 358 13.34 22.41 43.33
CA GLY B 358 12.91 23.68 43.93
C GLY B 358 13.82 24.19 45.02
N PHE B 359 14.41 23.26 45.75
CA PHE B 359 15.43 23.56 46.76
C PHE B 359 16.64 24.27 46.14
N LEU B 360 17.16 23.72 45.02
CA LEU B 360 18.27 24.31 44.29
C LEU B 360 17.94 25.73 43.84
N ASP B 361 16.69 25.93 43.41
CA ASP B 361 16.23 27.23 42.95
C ASP B 361 16.22 28.27 44.06
N GLU B 362 15.85 27.86 45.28
CA GLU B 362 15.83 28.75 46.47
C GLU B 362 17.21 29.07 47.02
N VAL B 363 18.11 28.08 46.98
CA VAL B 363 19.49 28.28 47.43
C VAL B 363 20.23 29.28 46.56
N GLY B 364 20.12 29.10 45.24
CA GLY B 364 20.70 30.00 44.25
C GLY B 364 20.02 31.34 44.21
N SER B 365 18.69 31.33 44.28
CA SER B 365 17.90 32.56 44.31
C SER B 365 18.31 33.50 45.45
N GLN B 366 18.38 32.95 46.66
CA GLN B 366 18.84 33.70 47.85
C GLN B 366 20.28 34.19 47.72
N ALA B 367 21.16 33.31 47.24
CA ALA B 367 22.58 33.61 47.05
C ALA B 367 22.87 34.86 46.19
N LEU B 368 22.00 35.16 45.22
CA LEU B 368 22.16 36.37 44.40
C LEU B 368 21.58 37.62 45.06
N ALA B 369 20.32 37.55 45.48
CA ALA B 369 19.60 38.70 46.03
C ALA B 369 20.00 39.07 47.46
N ALA B 370 20.62 38.13 48.17
CA ALA B 370 21.11 38.35 49.54
C ALA B 370 22.52 37.77 49.72
N GLY B 371 23.11 37.96 50.89
CA GLY B 371 24.46 37.47 51.18
C GLY B 371 24.60 35.95 51.25
N SER B 372 23.67 35.32 51.97
CA SER B 372 23.73 33.88 52.24
C SER B 372 22.36 33.18 52.38
N TYR B 373 22.40 31.91 52.78
CA TYR B 373 21.24 31.04 52.95
C TYR B 373 20.49 31.27 54.27
N THR B 374 19.21 31.63 54.18
CA THR B 374 18.30 31.66 55.33
C THR B 374 17.57 30.31 55.42
N PRO B 375 17.75 29.57 56.53
CA PRO B 375 17.06 28.27 56.66
C PRO B 375 15.54 28.40 56.74
N PRO B 376 14.79 27.33 56.36
CA PRO B 376 13.32 27.31 56.47
C PRO B 376 12.76 27.75 57.84
N SER B 377 13.39 27.34 58.93
CA SER B 377 12.93 27.71 60.28
C SER B 377 12.95 29.22 60.55
N THR B 378 13.97 29.91 60.03
CA THR B 378 14.11 31.37 60.15
C THR B 378 13.06 32.13 59.30
N VAL B 379 12.74 31.56 58.13
CA VAL B 379 11.75 32.13 57.20
C VAL B 379 10.35 32.08 57.82
N LEU B 380 10.01 30.96 58.47
CA LEU B 380 8.69 30.76 59.10
C LEU B 380 8.49 31.68 60.30
N GLN B 381 9.59 31.94 61.00
CA GLN B 381 9.62 32.87 62.12
C GLN B 381 9.37 34.30 61.65
N GLN B 382 9.90 34.64 60.48
CA GLN B 382 9.70 35.95 59.86
C GLN B 382 8.30 36.15 59.32
N ILE B 383 7.64 35.07 58.91
CA ILE B 383 6.21 35.10 58.54
C ILE B 383 5.35 35.40 59.77
N ASP B 384 5.62 34.70 60.88
CA ASP B 384 4.93 34.93 62.15
C ASP B 384 5.11 36.35 62.67
N ALA B 385 6.26 36.96 62.37
CA ALA B 385 6.60 38.35 62.74
C ALA B 385 5.71 39.41 62.11
N VAL B 386 4.99 39.04 61.04
CA VAL B 386 4.03 39.95 60.42
C VAL B 386 2.80 40.09 61.33
N ALA B 387 2.58 41.31 61.83
CA ALA B 387 1.38 41.64 62.63
C ALA B 387 0.19 41.99 61.74
N ASP B 388 -1.03 41.91 62.27
CA ASP B 388 -2.26 42.33 61.57
C ASP B 388 -2.17 43.73 61.00
N ALA B 389 -1.51 44.61 61.77
CA ALA B 389 -1.24 45.99 61.41
C ALA B 389 -0.44 46.10 60.10
N ASP B 390 0.57 45.25 59.92
CA ASP B 390 1.41 45.22 58.70
C ASP B 390 0.62 44.88 57.43
N VAL B 391 -0.33 43.95 57.58
CA VAL B 391 -1.19 43.51 56.48
C VAL B 391 -2.12 44.64 56.05
N ILE B 392 -2.69 45.35 57.02
CA ILE B 392 -3.58 46.49 56.73
C ILE B 392 -2.84 47.66 56.05
N ASN B 393 -1.59 47.88 56.43
CA ASN B 393 -0.71 48.89 55.77
C ASN B 393 -0.36 48.57 54.33
N ALA B 394 -0.11 47.28 54.06
CA ALA B 394 0.14 46.80 52.71
C ALA B 394 -1.08 47.06 51.81
N ALA B 395 -2.27 46.73 52.32
CA ALA B 395 -3.54 46.96 51.63
C ALA B 395 -3.78 48.45 51.41
N LYS B 396 -3.58 49.25 52.46
CA LYS B 396 -3.69 50.71 52.40
C LYS B 396 -2.74 51.31 51.36
N LYS B 397 -1.50 50.81 51.33
CA LYS B 397 -0.49 51.23 50.33
C LYS B 397 -1.00 51.02 48.90
N PHE B 398 -1.54 49.83 48.64
CA PHE B 398 -2.10 49.46 47.33
C PHE B 398 -3.26 50.35 46.90
N VAL B 399 -4.14 50.67 47.85
CA VAL B 399 -5.36 51.42 47.55
C VAL B 399 -5.03 52.84 47.15
N SER B 400 -4.17 53.50 47.93
CA SER B 400 -3.77 54.87 47.61
C SER B 400 -2.60 55.01 46.64
N GLY B 401 -1.85 53.92 46.40
CA GLY B 401 -0.72 53.94 45.43
C GLY B 401 -1.11 54.13 43.97
N ARG B 402 -0.21 54.75 43.18
CA ARG B 402 -0.39 54.95 41.74
C ARG B 402 -0.53 53.61 41.05
N LYS B 403 -1.55 53.48 40.21
CA LYS B 403 -1.92 52.18 39.65
C LYS B 403 -1.30 51.86 38.29
N SER B 404 -1.05 50.57 38.05
CA SER B 404 -0.72 50.03 36.72
C SER B 404 -1.70 48.91 36.39
N MET B 405 -2.12 48.84 35.12
CA MET B 405 -3.11 47.86 34.66
C MET B 405 -2.76 47.32 33.29
N ALA B 406 -3.23 46.10 33.03
CA ALA B 406 -3.12 45.46 31.72
C ALA B 406 -4.31 44.55 31.47
N ALA B 407 -4.80 44.54 30.24
CA ALA B 407 -5.91 43.68 29.85
C ALA B 407 -5.72 43.11 28.46
N SER B 408 -6.33 41.93 28.24
CA SER B 408 -6.46 41.27 26.94
C SER B 408 -7.84 40.63 26.86
N GLY B 409 -8.46 40.76 25.69
CA GLY B 409 -9.83 40.28 25.48
C GLY B 409 -10.69 41.23 24.64
N ASN B 410 -11.99 40.97 24.62
CA ASN B 410 -12.96 41.96 24.14
C ASN B 410 -13.24 42.93 25.30
N LEU B 411 -12.61 44.11 25.22
CA LEU B 411 -12.52 45.05 26.34
C LEU B 411 -13.65 46.10 26.39
N GLY B 412 -14.72 45.88 25.63
CA GLY B 412 -15.87 46.79 25.57
C GLY B 412 -16.48 47.22 26.91
N HIS B 413 -16.40 46.34 27.91
CA HIS B 413 -16.89 46.61 29.27
C HIS B 413 -15.77 46.57 30.35
N THR B 414 -14.51 46.42 29.93
CA THR B 414 -13.34 46.54 30.82
C THR B 414 -13.04 48.03 31.11
N PRO B 415 -13.07 48.46 32.39
CA PRO B 415 -12.84 49.89 32.65
C PRO B 415 -11.38 50.29 32.51
N PHE B 416 -11.15 51.60 32.43
CA PHE B 416 -9.80 52.17 32.48
C PHE B 416 -9.40 52.34 33.95
N ILE B 417 -8.14 52.69 34.20
CA ILE B 417 -7.65 52.94 35.58
C ILE B 417 -8.45 54.06 36.24
N ASP B 418 -8.64 55.14 35.50
CA ASP B 418 -9.35 56.32 35.98
C ASP B 418 -10.87 56.17 35.95
N GLU B 419 -11.35 54.94 35.76
CA GLU B 419 -12.77 54.62 35.84
C GLU B 419 -13.10 53.76 37.06
N LEU B 420 -12.18 53.60 38.00
CA LEU B 420 -12.23 52.45 38.92
C LEU B 420 -12.79 52.70 40.33
N THR C 1 13.24 10.05 5.57
CA THR C 1 12.50 10.10 4.28
C THR C 1 13.17 9.20 3.19
N ASN C 2 12.34 8.67 2.28
CA ASN C 2 12.63 7.53 1.36
C ASN C 2 13.18 7.87 -0.03
N ILE C 3 13.83 6.85 -0.62
CA ILE C 3 14.41 6.93 -1.96
C ILE C 3 13.48 6.34 -3.01
N ARG C 4 12.18 6.43 -2.72
CA ARG C 4 11.14 6.15 -3.67
C ARG C 4 10.67 7.48 -4.25
N LYS C 5 10.60 8.49 -3.38
CA LYS C 5 10.18 9.87 -3.70
C LYS C 5 11.34 10.79 -4.10
N SER C 6 12.56 10.39 -3.74
CA SER C 6 13.77 11.17 -3.98
C SER C 6 14.47 10.89 -5.32
N HIS C 7 14.77 9.63 -5.60
CA HIS C 7 15.53 9.20 -6.79
C HIS C 7 14.74 9.56 -8.05
N PRO C 8 15.36 10.33 -8.99
CA PRO C 8 14.70 10.81 -10.22
C PRO C 8 13.92 9.78 -11.03
N LEU C 9 14.44 8.55 -11.11
CA LEU C 9 13.77 7.46 -11.81
C LEU C 9 12.71 6.77 -10.98
N MET C 10 12.99 6.53 -9.70
CA MET C 10 12.04 5.88 -8.80
C MET C 10 10.84 6.77 -8.51
N LYS C 11 11.08 8.08 -8.46
CA LYS C 11 10.05 9.10 -8.30
C LYS C 11 8.92 8.92 -9.34
N ILE C 12 9.29 8.78 -10.61
CA ILE C 12 8.34 8.55 -11.73
C ILE C 12 7.53 7.26 -11.53
N VAL C 13 8.24 6.20 -11.15
CA VAL C 13 7.63 4.88 -10.90
C VAL C 13 6.75 4.89 -9.63
N ASN C 14 7.18 5.64 -8.61
CA ASN C 14 6.46 5.73 -7.34
C ASN C 14 5.15 6.46 -7.52
N ASN C 15 5.14 7.47 -8.40
CA ASN C 15 3.95 8.27 -8.67
C ASN C 15 2.97 7.70 -9.67
N ALA C 16 3.46 6.91 -10.61
CA ALA C 16 2.59 6.35 -11.64
C ALA C 16 2.05 4.95 -11.29
N PHE C 17 2.73 4.27 -10.36
CA PHE C 17 2.50 2.84 -10.12
C PHE C 17 2.36 2.39 -8.68
N ILE C 18 2.45 3.27 -7.69
CA ILE C 18 2.48 2.85 -6.26
C ILE C 18 1.67 3.78 -5.35
N ASP C 19 2.05 5.04 -5.33
CA ASP C 19 1.33 6.04 -4.59
C ASP C 19 0.26 6.74 -5.43
N LEU C 20 0.08 6.31 -6.67
CA LEU C 20 -0.96 6.87 -7.54
C LEU C 20 -2.33 6.82 -6.80
N PRO C 21 -2.98 8.00 -6.56
CA PRO C 21 -4.32 7.96 -5.97
C PRO C 21 -5.35 7.51 -6.99
N ALA C 22 -5.99 6.39 -6.69
CA ALA C 22 -6.98 5.77 -7.55
C ALA C 22 -8.36 5.75 -6.86
N PRO C 23 -9.46 5.83 -7.65
CA PRO C 23 -10.79 5.73 -7.03
C PRO C 23 -10.96 4.38 -6.30
N SER C 24 -11.64 4.38 -5.16
CA SER C 24 -11.90 3.14 -4.39
C SER C 24 -12.75 2.13 -5.16
N ASN C 25 -13.64 2.62 -6.03
CA ASN C 25 -14.73 1.83 -6.61
C ASN C 25 -14.59 1.38 -8.07
N ILE C 26 -13.42 1.51 -8.68
CA ILE C 26 -13.28 1.10 -10.09
C ILE C 26 -13.47 -0.41 -10.25
N SER C 27 -14.22 -0.78 -11.29
CA SER C 27 -14.61 -2.18 -11.56
C SER C 27 -13.58 -2.98 -12.41
N SER C 28 -14.00 -4.14 -12.91
CA SER C 28 -13.14 -5.01 -13.72
C SER C 28 -12.84 -4.45 -15.08
N TRP C 29 -13.65 -3.49 -15.52
CA TRP C 29 -13.44 -2.87 -16.82
C TRP C 29 -12.22 -1.93 -16.83
N TRP C 30 -11.69 -1.62 -15.64
CA TRP C 30 -10.48 -0.80 -15.50
C TRP C 30 -9.17 -1.60 -15.58
N ASN C 31 -9.30 -2.94 -15.56
CA ASN C 31 -8.16 -3.85 -15.73
C ASN C 31 -7.57 -3.88 -17.14
N PHE C 32 -8.37 -3.48 -18.14
CA PHE C 32 -7.97 -3.66 -19.54
C PHE C 32 -6.80 -2.81 -20.00
N GLY C 33 -6.60 -1.65 -19.37
CA GLY C 33 -5.40 -0.84 -19.63
C GLY C 33 -4.13 -1.60 -19.27
N SER C 34 -4.11 -2.14 -18.06
CA SER C 34 -3.02 -2.99 -17.57
C SER C 34 -2.71 -4.14 -18.53
N LEU C 35 -3.79 -4.80 -18.94
CA LEU C 35 -3.75 -5.95 -19.83
C LEU C 35 -3.29 -5.63 -21.23
N LEU C 36 -3.60 -4.42 -21.72
CA LEU C 36 -3.15 -3.99 -23.04
C LEU C 36 -1.63 -3.79 -23.05
N GLY C 37 -1.12 -3.21 -21.97
CA GLY C 37 0.31 -3.15 -21.76
C GLY C 37 0.97 -4.53 -21.79
N ILE C 38 0.39 -5.48 -21.06
CA ILE C 38 0.89 -6.86 -21.02
C ILE C 38 0.85 -7.48 -22.41
N CYS C 39 -0.26 -7.31 -23.11
CA CYS C 39 -0.37 -7.77 -24.51
C CYS C 39 0.76 -7.23 -25.35
N LEU C 40 0.99 -5.91 -25.24
CA LEU C 40 2.04 -5.23 -26.00
C LEU C 40 3.45 -5.81 -25.74
N ILE C 41 3.79 -5.98 -24.46
CA ILE C 41 5.06 -6.58 -24.04
C ILE C 41 5.12 -8.00 -24.58
N LEU C 42 4.00 -8.71 -24.50
CA LEU C 42 3.91 -10.12 -24.88
C LEU C 42 4.18 -10.28 -26.36
N GLN C 43 3.52 -9.47 -27.16
CA GLN C 43 3.78 -9.44 -28.60
C GLN C 43 5.25 -9.14 -28.92
N ILE C 44 5.82 -8.13 -28.24
CA ILE C 44 7.21 -7.71 -28.52
C ILE C 44 8.20 -8.84 -28.29
N LEU C 45 8.02 -9.58 -27.19
CA LEU C 45 8.95 -10.66 -26.83
C LEU C 45 8.82 -11.79 -27.80
N THR C 46 7.60 -12.35 -27.88
CA THR C 46 7.31 -13.47 -28.80
C THR C 46 7.70 -13.08 -30.23
N GLY C 47 7.38 -11.85 -30.59
CA GLY C 47 7.70 -11.29 -31.90
C GLY C 47 9.18 -11.25 -32.17
N LEU C 48 9.94 -10.71 -31.23
CA LEU C 48 11.40 -10.61 -31.35
C LEU C 48 12.00 -11.99 -31.51
N PHE C 49 11.54 -12.95 -30.70
CA PHE C 49 11.99 -14.33 -30.80
C PHE C 49 11.62 -15.01 -32.11
N LEU C 50 10.46 -14.67 -32.67
CA LEU C 50 10.10 -15.15 -34.00
C LEU C 50 10.97 -14.54 -35.08
N ALA C 51 11.28 -13.25 -34.94
CA ALA C 51 12.12 -12.52 -35.89
C ALA C 51 13.58 -13.08 -35.99
N MET C 52 13.99 -13.82 -34.97
CA MET C 52 15.28 -14.50 -34.96
C MET C 52 15.32 -15.68 -35.90
N HIS C 53 14.15 -16.14 -36.36
CA HIS C 53 14.04 -17.34 -37.22
C HIS C 53 13.32 -17.11 -38.58
N TYR C 54 12.62 -15.99 -38.72
CA TYR C 54 11.82 -15.66 -39.91
C TYR C 54 12.67 -15.01 -41.01
N THR C 55 12.22 -15.12 -42.27
CA THR C 55 12.80 -14.35 -43.40
C THR C 55 11.71 -13.73 -44.30
N SER C 56 11.94 -12.48 -44.74
CA SER C 56 10.95 -11.68 -45.48
C SER C 56 11.00 -11.79 -47.02
N ASP C 57 11.85 -12.69 -47.51
CA ASP C 57 11.92 -13.06 -48.94
C ASP C 57 10.69 -13.92 -49.27
N THR C 58 10.00 -13.58 -50.38
CA THR C 58 8.70 -14.20 -50.78
C THR C 58 8.73 -15.73 -50.89
N THR C 59 9.85 -16.26 -51.40
CA THR C 59 10.03 -17.70 -51.59
C THR C 59 10.22 -18.45 -50.26
N THR C 60 11.05 -17.90 -49.38
CA THR C 60 11.41 -18.58 -48.13
C THR C 60 10.45 -18.28 -46.95
N ALA C 61 9.60 -17.27 -47.08
CA ALA C 61 8.78 -16.74 -45.98
C ALA C 61 7.84 -17.73 -45.31
N PHE C 62 6.94 -18.32 -46.12
CA PHE C 62 6.02 -19.36 -45.65
C PHE C 62 6.79 -20.51 -44.98
N SER C 63 7.89 -20.92 -45.63
CA SER C 63 8.75 -22.01 -45.17
C SER C 63 9.41 -21.72 -43.84
N SER C 64 9.83 -20.46 -43.63
CA SER C 64 10.49 -20.05 -42.37
C SER C 64 9.52 -20.14 -41.18
N VAL C 65 8.27 -19.75 -41.41
CA VAL C 65 7.22 -19.77 -40.38
C VAL C 65 6.90 -21.20 -39.97
N THR C 66 6.92 -22.11 -40.94
CA THR C 66 6.67 -23.53 -40.67
C THR C 66 7.90 -24.17 -40.00
N HIS C 67 9.09 -23.75 -40.45
CA HIS C 67 10.37 -24.17 -39.85
C HIS C 67 10.43 -23.79 -38.35
N ILE C 68 9.86 -22.63 -38.02
CA ILE C 68 9.68 -22.20 -36.62
C ILE C 68 8.85 -23.24 -35.87
N CYS C 69 7.68 -23.57 -36.42
CA CYS C 69 6.76 -24.50 -35.79
C CYS C 69 7.22 -25.95 -35.69
N ARG C 70 8.08 -26.40 -36.60
CA ARG C 70 8.49 -27.82 -36.64
C ARG C 70 9.91 -28.15 -36.15
N ASP C 71 10.86 -27.25 -36.37
CA ASP C 71 12.26 -27.49 -36.01
C ASP C 71 12.85 -26.63 -34.88
N VAL C 72 12.49 -25.35 -34.83
CA VAL C 72 12.91 -24.45 -33.73
C VAL C 72 12.33 -24.94 -32.39
N ASN C 73 13.17 -25.03 -31.37
CA ASN C 73 12.76 -25.49 -30.05
C ASN C 73 11.66 -24.62 -29.46
N TYR C 74 10.53 -25.25 -29.14
CA TYR C 74 9.31 -24.56 -28.67
C TYR C 74 8.91 -23.37 -29.54
N GLY C 75 9.20 -23.49 -30.84
CA GLY C 75 8.93 -22.41 -31.78
C GLY C 75 7.46 -22.32 -32.05
N TRP C 76 6.81 -23.49 -32.00
CA TRP C 76 5.36 -23.59 -32.13
C TRP C 76 4.63 -22.78 -31.02
N ILE C 77 5.02 -22.97 -29.77
CA ILE C 77 4.33 -22.34 -28.66
C ILE C 77 4.55 -20.81 -28.70
N ILE C 78 5.74 -20.41 -29.15
CA ILE C 78 6.04 -19.00 -29.42
C ILE C 78 5.16 -18.43 -30.57
N ARG C 79 5.17 -19.12 -31.71
CA ARG C 79 4.38 -18.72 -32.89
C ARG C 79 2.89 -18.56 -32.59
N TYR C 80 2.28 -19.57 -31.96
CA TYR C 80 0.84 -19.56 -31.68
C TYR C 80 0.45 -18.66 -30.51
N MET C 81 1.38 -18.45 -29.59
CA MET C 81 1.19 -17.39 -28.59
C MET C 81 1.11 -16.00 -29.22
N HIS C 82 1.94 -15.78 -30.23
CA HIS C 82 2.00 -14.50 -30.91
C HIS C 82 0.76 -14.23 -31.75
N ALA C 83 0.22 -15.27 -32.37
CA ALA C 83 -0.95 -15.16 -33.21
C ALA C 83 -2.24 -15.03 -32.39
N ASN C 84 -2.37 -15.86 -31.35
CA ASN C 84 -3.50 -15.72 -30.43
C ASN C 84 -3.36 -14.49 -29.51
N GLY C 85 -2.12 -14.10 -29.25
CA GLY C 85 -1.82 -12.87 -28.52
C GLY C 85 -2.34 -11.64 -29.23
N ALA C 86 -2.35 -11.68 -30.56
CA ALA C 86 -2.92 -10.61 -31.36
C ALA C 86 -4.44 -10.54 -31.21
N SER C 87 -5.09 -11.71 -31.14
CA SER C 87 -6.51 -11.78 -30.82
C SER C 87 -6.81 -11.24 -29.42
N MET C 88 -6.02 -11.69 -28.44
CA MET C 88 -6.20 -11.24 -27.07
C MET C 88 -6.02 -9.74 -26.97
N PHE C 89 -5.13 -9.20 -27.78
CA PHE C 89 -4.93 -7.76 -27.88
C PHE C 89 -6.22 -7.06 -28.28
N PHE C 90 -6.83 -7.49 -29.37
CA PHE C 90 -8.04 -6.84 -29.90
C PHE C 90 -9.27 -7.04 -29.03
N ILE C 91 -9.38 -8.20 -28.38
CA ILE C 91 -10.42 -8.39 -27.39
C ILE C 91 -10.24 -7.31 -26.33
N CYS C 92 -9.04 -7.25 -25.75
CA CYS C 92 -8.69 -6.24 -24.73
C CYS C 92 -8.95 -4.80 -25.18
N LEU C 93 -8.65 -4.49 -26.44
CA LEU C 93 -8.89 -3.16 -26.99
C LEU C 93 -10.37 -2.75 -27.03
N TYR C 94 -11.23 -3.64 -27.53
CA TYR C 94 -12.65 -3.32 -27.68
C TYR C 94 -13.38 -3.26 -26.34
N MET C 95 -12.95 -4.07 -25.38
CA MET C 95 -13.47 -4.02 -24.02
C MET C 95 -13.09 -2.67 -23.39
N HIS C 96 -11.85 -2.27 -23.62
CA HIS C 96 -11.24 -1.06 -23.09
C HIS C 96 -11.95 0.19 -23.61
N VAL C 97 -12.31 0.15 -24.90
CA VAL C 97 -13.03 1.25 -25.59
C VAL C 97 -14.49 1.31 -25.13
N GLY C 98 -15.14 0.15 -25.07
CA GLY C 98 -16.50 0.02 -24.56
C GLY C 98 -16.67 0.62 -23.17
N ARG C 99 -15.72 0.31 -22.29
CA ARG C 99 -15.68 0.91 -20.96
C ARG C 99 -15.70 2.43 -21.06
N GLY C 100 -14.79 2.96 -21.88
CA GLY C 100 -14.70 4.39 -22.14
C GLY C 100 -16.00 5.02 -22.60
N LEU C 101 -16.69 4.35 -23.51
CA LEU C 101 -17.96 4.84 -24.03
C LEU C 101 -19.05 4.84 -22.98
N TYR C 102 -19.21 3.72 -22.30
CA TYR C 102 -20.29 3.50 -21.34
C TYR C 102 -20.16 4.43 -20.13
N TYR C 103 -18.95 4.54 -19.60
CA TYR C 103 -18.73 5.35 -18.43
C TYR C 103 -18.30 6.79 -18.72
N GLY C 104 -18.27 7.16 -20.00
CA GLY C 104 -17.97 8.52 -20.41
C GLY C 104 -16.55 9.00 -20.13
N SER C 105 -15.60 8.06 -20.07
CA SER C 105 -14.17 8.36 -19.86
C SER C 105 -13.60 9.29 -20.94
N TYR C 106 -14.24 9.28 -22.13
CA TYR C 106 -13.84 10.09 -23.28
C TYR C 106 -13.87 11.60 -23.04
N THR C 107 -14.49 12.04 -21.96
CA THR C 107 -14.40 13.45 -21.57
C THR C 107 -12.96 13.86 -21.27
N PHE C 108 -12.11 12.91 -20.85
CA PHE C 108 -10.66 13.13 -20.78
C PHE C 108 -10.09 13.21 -22.20
N LEU C 109 -10.28 14.36 -22.84
CA LEU C 109 -10.10 14.49 -24.29
C LEU C 109 -8.75 14.01 -24.84
N GLU C 110 -7.67 14.43 -24.19
CA GLU C 110 -6.32 14.14 -24.67
C GLU C 110 -6.05 12.65 -24.56
N THR C 111 -6.35 12.10 -23.38
CA THR C 111 -6.27 10.68 -23.15
C THR C 111 -7.05 9.92 -24.23
N TRP C 112 -8.31 10.32 -24.45
CA TRP C 112 -9.19 9.71 -25.45
C TRP C 112 -8.64 9.73 -26.87
N ASN C 113 -8.25 10.91 -27.33
CA ASN C 113 -7.70 11.08 -28.69
C ASN C 113 -6.43 10.26 -28.96
N ILE C 114 -5.52 10.25 -27.97
CA ILE C 114 -4.31 9.46 -28.06
C ILE C 114 -4.71 7.99 -28.13
N GLY C 115 -5.79 7.64 -27.43
CA GLY C 115 -6.40 6.32 -27.53
C GLY C 115 -6.72 5.95 -28.96
N VAL C 116 -7.51 6.81 -29.61
CA VAL C 116 -7.81 6.64 -31.04
C VAL C 116 -6.54 6.39 -31.90
N ILE C 117 -5.49 7.20 -31.69
CA ILE C 117 -4.17 6.98 -32.32
C ILE C 117 -3.61 5.59 -32.00
N LEU C 118 -3.62 5.21 -30.73
CA LEU C 118 -3.14 3.89 -30.36
C LEU C 118 -3.91 2.82 -31.11
N LEU C 119 -5.24 2.95 -31.17
CA LEU C 119 -6.10 1.98 -31.85
C LEU C 119 -5.69 1.80 -33.28
N LEU C 120 -5.61 2.93 -33.97
CA LEU C 120 -5.18 2.95 -35.35
C LEU C 120 -3.80 2.34 -35.58
N THR C 121 -2.87 2.53 -34.65
CA THR C 121 -1.51 1.99 -34.79
C THR C 121 -1.47 0.48 -34.57
N VAL C 122 -2.23 0.00 -33.60
CA VAL C 122 -2.37 -1.44 -33.35
C VAL C 122 -3.02 -2.14 -34.57
N MET C 123 -3.99 -1.46 -35.17
CA MET C 123 -4.62 -1.93 -36.40
C MET C 123 -3.59 -2.07 -37.53
N ALA C 124 -2.85 -0.99 -37.80
CA ALA C 124 -1.80 -1.02 -38.83
C ALA C 124 -0.78 -2.12 -38.56
N THR C 125 -0.41 -2.32 -37.29
CA THR C 125 0.56 -3.35 -36.93
C THR C 125 0.00 -4.72 -37.28
N ALA C 126 -1.21 -5.01 -36.81
CA ALA C 126 -1.85 -6.33 -36.96
C ALA C 126 -2.23 -6.68 -38.40
N PHE C 127 -2.54 -5.65 -39.19
CA PHE C 127 -2.78 -5.82 -40.62
C PHE C 127 -1.52 -6.33 -41.32
N MET C 128 -0.38 -5.70 -41.05
CA MET C 128 0.91 -6.05 -41.66
C MET C 128 1.53 -7.31 -41.11
N GLY C 129 1.17 -7.67 -39.87
CA GLY C 129 1.60 -8.92 -39.25
C GLY C 129 1.03 -10.12 -39.95
N TYR C 130 -0.29 -10.11 -40.17
CA TYR C 130 -1.00 -11.17 -40.89
C TYR C 130 -0.49 -11.47 -42.30
N VAL C 131 0.21 -10.51 -42.92
CA VAL C 131 0.80 -10.66 -44.25
C VAL C 131 2.08 -11.52 -44.21
N LEU C 132 2.85 -11.37 -43.14
CA LEU C 132 4.18 -11.99 -43.02
C LEU C 132 4.31 -13.50 -43.28
N PRO C 133 3.32 -14.33 -42.81
CA PRO C 133 3.36 -15.78 -43.14
C PRO C 133 3.28 -16.10 -44.62
N TRP C 134 2.67 -15.20 -45.40
CA TRP C 134 2.56 -15.31 -46.86
C TRP C 134 1.75 -16.53 -47.33
N GLY C 135 0.63 -16.76 -46.65
CA GLY C 135 -0.37 -17.75 -47.06
C GLY C 135 -1.36 -17.06 -47.96
N GLN C 136 -2.46 -17.75 -48.26
CA GLN C 136 -3.48 -17.24 -49.18
C GLN C 136 -4.18 -15.99 -48.63
N MET C 137 -4.78 -16.11 -47.45
CA MET C 137 -5.49 -15.02 -46.81
C MET C 137 -4.58 -13.81 -46.56
N SER C 138 -3.32 -14.09 -46.23
CA SER C 138 -2.29 -13.06 -46.11
C SER C 138 -2.20 -12.26 -47.39
N PHE C 139 -1.91 -12.95 -48.49
CA PHE C 139 -1.62 -12.31 -49.76
C PHE C 139 -2.84 -11.65 -50.36
N TRP C 140 -3.96 -12.38 -50.40
CA TRP C 140 -5.18 -11.89 -51.01
C TRP C 140 -5.90 -10.86 -50.15
N GLY C 141 -5.76 -10.98 -48.84
CA GLY C 141 -6.26 -9.99 -47.88
C GLY C 141 -5.57 -8.65 -48.11
N ALA C 142 -4.24 -8.69 -48.13
CA ALA C 142 -3.40 -7.51 -48.39
C ALA C 142 -3.68 -6.87 -49.74
N THR C 143 -3.93 -7.70 -50.76
CA THR C 143 -4.21 -7.23 -52.11
C THR C 143 -5.50 -6.39 -52.15
N VAL C 144 -6.61 -6.94 -51.64
CA VAL C 144 -7.93 -6.29 -51.66
C VAL C 144 -7.99 -5.02 -50.82
N ILE C 145 -7.49 -5.13 -49.58
CA ILE C 145 -7.52 -4.02 -48.62
C ILE C 145 -6.65 -2.83 -49.08
N THR C 146 -5.41 -3.10 -49.50
CA THR C 146 -4.51 -2.07 -50.00
C THR C 146 -5.16 -1.36 -51.18
N ASN C 147 -5.66 -2.17 -52.11
CA ASN C 147 -6.19 -1.70 -53.39
C ASN C 147 -7.45 -0.84 -53.27
N LEU C 148 -8.04 -0.80 -52.08
CA LEU C 148 -9.10 0.16 -51.80
C LEU C 148 -8.65 1.63 -51.98
N LEU C 149 -7.38 1.92 -51.72
CA LEU C 149 -6.86 3.28 -51.88
C LEU C 149 -6.80 3.78 -53.32
N SER C 150 -6.91 2.88 -54.29
CA SER C 150 -7.02 3.28 -55.69
C SER C 150 -8.34 4.03 -56.00
N ALA C 151 -9.36 3.83 -55.16
CA ALA C 151 -10.62 4.60 -55.26
C ALA C 151 -10.51 6.10 -54.97
N ILE C 152 -9.40 6.57 -54.35
CA ILE C 152 -9.10 8.03 -54.26
C ILE C 152 -8.92 8.62 -55.69
N PRO C 153 -9.61 9.73 -56.01
CA PRO C 153 -9.44 10.34 -57.34
C PRO C 153 -8.05 10.94 -57.59
N TYR C 154 -7.71 11.08 -58.88
CA TYR C 154 -6.39 11.48 -59.38
C TYR C 154 -5.19 10.59 -58.92
N ILE C 155 -4.86 10.65 -57.63
CA ILE C 155 -3.63 10.03 -57.11
C ILE C 155 -3.73 8.57 -56.64
N GLY C 156 -4.93 8.12 -56.31
CA GLY C 156 -5.14 6.82 -55.67
C GLY C 156 -4.38 5.65 -56.26
N THR C 157 -4.41 5.55 -57.58
CA THR C 157 -3.75 4.48 -58.31
C THR C 157 -2.20 4.47 -58.14
N ASN C 158 -1.59 5.66 -58.10
CA ASN C 158 -0.15 5.86 -57.83
C ASN C 158 0.17 5.38 -56.43
N LEU C 159 -0.61 5.87 -55.48
CA LEU C 159 -0.46 5.62 -54.05
C LEU C 159 -0.38 4.14 -53.76
N VAL C 160 -1.26 3.35 -54.38
CA VAL C 160 -1.31 1.90 -54.20
C VAL C 160 -0.01 1.22 -54.64
N GLU C 161 0.48 1.62 -55.82
CA GLU C 161 1.73 1.08 -56.39
C GLU C 161 2.99 1.56 -55.67
N TRP C 162 2.87 2.68 -54.95
CA TRP C 162 3.93 3.21 -54.08
C TRP C 162 4.07 2.44 -52.76
N ILE C 163 2.93 2.06 -52.15
CA ILE C 163 2.95 1.19 -50.97
C ILE C 163 3.55 -0.15 -51.37
N TRP C 164 3.07 -0.68 -52.50
CA TRP C 164 3.50 -1.98 -52.98
C TRP C 164 4.96 -2.03 -53.37
N GLY C 165 5.44 -0.95 -53.98
CA GLY C 165 6.81 -0.89 -54.52
C GLY C 165 6.92 -1.72 -55.78
N GLY C 166 5.87 -1.63 -56.60
CA GLY C 166 5.69 -2.47 -57.76
C GLY C 166 4.24 -2.48 -58.20
N PHE C 167 3.92 -3.48 -59.03
CA PHE C 167 2.65 -3.54 -59.74
C PHE C 167 1.65 -4.52 -59.13
N SER C 168 2.13 -5.33 -58.19
CA SER C 168 1.25 -6.13 -57.30
C SER C 168 1.89 -6.25 -55.91
N VAL C 169 1.21 -6.94 -55.00
CA VAL C 169 1.77 -7.26 -53.69
C VAL C 169 2.79 -8.38 -53.91
N ASP C 170 4.07 -8.03 -53.85
CA ASP C 170 5.15 -8.98 -54.11
C ASP C 170 6.40 -8.75 -53.25
N LYS C 171 7.56 -9.15 -53.76
CA LYS C 171 8.82 -9.14 -53.04
C LYS C 171 9.06 -7.89 -52.15
N ALA C 172 9.03 -6.71 -52.78
CA ALA C 172 9.30 -5.44 -52.10
C ALA C 172 8.25 -5.08 -51.05
N THR C 173 7.02 -5.58 -51.22
CA THR C 173 5.92 -5.33 -50.29
C THR C 173 6.12 -6.12 -49.02
N LEU C 174 6.46 -7.40 -49.16
CA LEU C 174 6.63 -8.25 -47.99
C LEU C 174 7.76 -7.78 -47.10
N THR C 175 8.88 -7.40 -47.73
CA THR C 175 10.09 -6.97 -46.99
C THR C 175 9.82 -5.68 -46.19
N ARG C 176 9.13 -4.71 -46.79
CA ARG C 176 8.82 -3.47 -46.09
C ARG C 176 7.76 -3.65 -45.03
N PHE C 177 6.82 -4.56 -45.28
CA PHE C 177 5.82 -4.92 -44.27
C PHE C 177 6.45 -5.54 -43.03
N PHE C 178 7.54 -6.28 -43.22
CA PHE C 178 8.31 -6.80 -42.10
C PHE C 178 9.00 -5.68 -41.30
N ALA C 179 9.54 -4.69 -42.02
CA ALA C 179 10.24 -3.56 -41.41
C ALA C 179 9.29 -2.69 -40.61
N PHE C 180 8.16 -2.32 -41.21
CA PHE C 180 7.14 -1.50 -40.54
C PHE C 180 6.51 -2.21 -39.35
N HIS C 181 6.32 -3.52 -39.49
CA HIS C 181 5.72 -4.34 -38.46
C HIS C 181 6.57 -4.47 -37.22
N PHE C 182 7.88 -4.39 -37.41
CA PHE C 182 8.88 -4.50 -36.33
C PHE C 182 8.90 -3.20 -35.54
N ILE C 183 8.97 -2.08 -36.28
CA ILE C 183 9.14 -0.76 -35.70
C ILE C 183 7.88 -0.24 -34.99
N LEU C 184 6.69 -0.54 -35.52
CA LEU C 184 5.45 0.06 -35.00
C LEU C 184 5.10 -0.20 -33.52
N PRO C 185 5.24 -1.46 -33.05
CA PRO C 185 5.01 -1.73 -31.62
C PRO C 185 5.84 -0.85 -30.71
N PHE C 186 7.08 -0.53 -31.12
CA PHE C 186 7.91 0.36 -30.36
C PHE C 186 7.36 1.76 -30.37
N ILE C 187 6.83 2.20 -31.51
CA ILE C 187 6.20 3.50 -31.59
C ILE C 187 4.97 3.52 -30.67
N ILE C 188 4.21 2.41 -30.66
CA ILE C 188 3.03 2.22 -29.77
C ILE C 188 3.38 2.39 -28.30
N MET C 189 4.45 1.73 -27.88
CA MET C 189 4.98 1.85 -26.55
C MET C 189 5.17 3.30 -26.13
N ALA C 190 5.71 4.11 -27.04
CA ALA C 190 5.97 5.53 -26.77
C ALA C 190 4.68 6.30 -26.65
N ILE C 191 3.79 6.13 -27.63
CA ILE C 191 2.47 6.77 -27.64
C ILE C 191 1.64 6.36 -26.42
N ALA C 192 1.77 5.10 -26.01
CA ALA C 192 1.12 4.59 -24.80
C ALA C 192 1.60 5.28 -23.52
N MET C 193 2.87 5.65 -23.50
CA MET C 193 3.37 6.41 -22.38
C MET C 193 2.84 7.83 -22.37
N VAL C 194 2.68 8.44 -23.55
CA VAL C 194 2.04 9.76 -23.61
C VAL C 194 0.58 9.68 -23.17
N HIS C 195 -0.08 8.58 -23.57
CA HIS C 195 -1.47 8.21 -23.18
C HIS C 195 -1.68 8.26 -21.67
N LEU C 196 -0.78 7.60 -20.93
CA LEU C 196 -0.83 7.57 -19.47
C LEU C 196 -0.44 8.89 -18.87
N LEU C 197 0.52 9.57 -19.51
CA LEU C 197 1.00 10.87 -19.05
C LEU C 197 -0.16 11.86 -18.92
N PHE C 198 -1.12 11.75 -19.84
CA PHE C 198 -2.29 12.60 -19.80
C PHE C 198 -3.34 12.07 -18.86
N LEU C 199 -3.42 10.75 -18.74
CA LEU C 199 -4.36 10.15 -17.80
C LEU C 199 -4.06 10.58 -16.37
N HIS C 200 -2.77 10.63 -16.02
CA HIS C 200 -2.40 10.91 -14.64
C HIS C 200 -2.43 12.41 -14.33
N GLU C 201 -2.80 13.24 -15.31
CA GLU C 201 -3.13 14.64 -15.07
C GLU C 201 -4.44 14.80 -14.30
N THR C 202 -5.40 13.92 -14.59
CA THR C 202 -6.74 13.96 -14.01
C THR C 202 -6.98 12.83 -13.02
N GLY C 203 -6.22 11.75 -13.14
CA GLY C 203 -6.51 10.50 -12.43
C GLY C 203 -7.69 9.81 -13.08
N SER C 204 -8.08 8.67 -12.54
CA SER C 204 -9.04 7.82 -13.23
C SER C 204 -10.50 8.24 -13.03
N ASN C 205 -11.31 8.01 -14.07
CA ASN C 205 -12.77 8.05 -13.96
C ASN C 205 -13.21 6.80 -13.17
N ASN C 206 -14.47 6.71 -12.75
CA ASN C 206 -15.00 5.53 -12.07
C ASN C 206 -16.41 5.21 -12.57
N PRO C 207 -16.99 4.04 -12.18
CA PRO C 207 -18.34 3.68 -12.63
C PRO C 207 -19.48 4.64 -12.38
N THR C 208 -19.47 5.36 -11.25
CA THR C 208 -20.53 6.37 -10.97
C THR C 208 -20.54 7.57 -11.92
N GLY C 209 -19.37 7.91 -12.47
CA GLY C 209 -19.16 9.15 -13.23
C GLY C 209 -19.12 10.41 -12.34
N ILE C 210 -19.14 10.21 -11.03
CA ILE C 210 -19.08 11.28 -10.05
C ILE C 210 -17.65 11.34 -9.54
N SER C 211 -17.13 12.55 -9.34
CA SER C 211 -15.78 12.76 -8.81
C SER C 211 -15.45 11.91 -7.57
N SER C 212 -14.28 11.27 -7.59
CA SER C 212 -13.85 10.34 -6.52
C SER C 212 -12.76 10.85 -5.56
N ASP C 213 -12.48 12.17 -5.58
CA ASP C 213 -11.49 12.80 -4.70
C ASP C 213 -11.74 12.64 -3.21
N VAL C 214 -13.00 12.45 -2.85
CA VAL C 214 -13.37 12.15 -1.46
C VAL C 214 -13.07 10.71 -1.01
N ASP C 215 -12.75 9.82 -1.96
CA ASP C 215 -12.49 8.41 -1.64
C ASP C 215 -11.51 7.74 -2.61
N LYS C 216 -10.27 8.23 -2.55
CA LYS C 216 -9.11 7.68 -3.24
C LYS C 216 -8.37 6.73 -2.31
N ILE C 217 -7.92 5.61 -2.86
CA ILE C 217 -7.02 4.69 -2.17
C ILE C 217 -5.69 4.61 -2.93
N PRO C 218 -4.57 4.23 -2.24
CA PRO C 218 -3.32 4.16 -3.02
C PRO C 218 -3.34 2.95 -3.94
N PHE C 219 -2.73 3.08 -5.12
CA PHE C 219 -2.73 2.04 -6.15
C PHE C 219 -2.17 0.72 -5.62
N HIS C 220 -1.07 0.82 -4.88
CA HIS C 220 -0.50 -0.30 -4.14
C HIS C 220 -1.00 -0.25 -2.70
N PRO C 221 -1.52 -1.36 -2.16
CA PRO C 221 -1.55 -2.66 -2.81
C PRO C 221 -2.80 -2.95 -3.63
N TYR C 222 -3.85 -2.16 -3.41
CA TYR C 222 -5.21 -2.47 -3.89
C TYR C 222 -5.34 -2.89 -5.33
N TYR C 223 -4.81 -2.07 -6.24
CA TYR C 223 -4.88 -2.33 -7.67
C TYR C 223 -3.68 -3.03 -8.28
N THR C 224 -2.55 -3.06 -7.56
CA THR C 224 -1.45 -3.91 -7.99
C THR C 224 -1.88 -5.36 -7.86
N ILE C 225 -2.53 -5.71 -6.75
CA ILE C 225 -2.99 -7.08 -6.56
C ILE C 225 -4.15 -7.45 -7.51
N LYS C 226 -5.02 -6.49 -7.85
CA LYS C 226 -6.08 -6.72 -8.85
C LYS C 226 -5.51 -6.97 -10.23
N ASP C 227 -4.52 -6.17 -10.60
CA ASP C 227 -3.87 -6.30 -11.90
C ASP C 227 -3.11 -7.60 -12.07
N ILE C 228 -2.51 -8.09 -11.00
CA ILE C 228 -1.90 -9.42 -11.01
C ILE C 228 -2.96 -10.49 -11.32
N LEU C 229 -4.10 -10.40 -10.65
CA LEU C 229 -5.21 -11.34 -10.86
C LEU C 229 -5.72 -11.27 -12.30
N GLY C 230 -5.87 -10.05 -12.80
CA GLY C 230 -6.26 -9.82 -14.18
C GLY C 230 -5.29 -10.42 -15.19
N ALA C 231 -3.99 -10.13 -15.02
CA ALA C 231 -2.91 -10.67 -15.85
C ALA C 231 -2.95 -12.19 -15.87
N LEU C 232 -3.25 -12.77 -14.70
CA LEU C 232 -3.36 -14.21 -14.54
C LEU C 232 -4.48 -14.79 -15.39
N LEU C 233 -5.63 -14.13 -15.32
CA LEU C 233 -6.78 -14.49 -16.13
C LEU C 233 -6.57 -14.28 -17.63
N LEU C 234 -5.78 -13.26 -18.00
CA LEU C 234 -5.42 -13.02 -19.39
C LEU C 234 -4.53 -14.13 -19.93
N ILE C 235 -3.55 -14.55 -19.12
CA ILE C 235 -2.69 -15.67 -19.48
C ILE C 235 -3.51 -16.95 -19.66
N LEU C 236 -4.51 -17.18 -18.80
CA LEU C 236 -5.42 -18.34 -18.95
C LEU C 236 -6.15 -18.35 -20.30
N ALA C 237 -6.75 -17.22 -20.65
CA ALA C 237 -7.48 -17.09 -21.91
C ALA C 237 -6.55 -17.36 -23.08
N LEU C 238 -5.38 -16.74 -23.05
CA LEU C 238 -4.37 -16.89 -24.10
C LEU C 238 -3.95 -18.35 -24.24
N MET C 239 -3.51 -18.94 -23.13
CA MET C 239 -3.03 -20.33 -23.12
C MET C 239 -4.13 -21.37 -23.36
N LEU C 240 -5.37 -21.03 -23.03
CA LEU C 240 -6.49 -21.89 -23.39
C LEU C 240 -6.58 -22.02 -24.89
N LEU C 241 -6.43 -20.89 -25.60
CA LEU C 241 -6.36 -20.89 -27.06
C LEU C 241 -5.11 -21.61 -27.59
N VAL C 242 -3.93 -21.24 -27.07
CA VAL C 242 -2.62 -21.75 -27.57
C VAL C 242 -2.50 -23.28 -27.44
N LEU C 243 -2.99 -23.81 -26.33
CA LEU C 243 -2.80 -25.21 -25.98
C LEU C 243 -3.99 -26.11 -26.30
N PHE C 244 -5.18 -25.51 -26.42
CA PHE C 244 -6.36 -26.29 -26.75
C PHE C 244 -7.06 -26.03 -28.07
N ALA C 245 -6.95 -24.81 -28.60
CA ALA C 245 -7.50 -24.51 -29.93
C ALA C 245 -6.74 -23.40 -30.61
N PRO C 246 -5.47 -23.65 -31.00
CA PRO C 246 -4.67 -22.56 -31.58
C PRO C 246 -5.19 -22.05 -32.93
N ASP C 247 -5.94 -22.89 -33.66
CA ASP C 247 -6.47 -22.52 -34.98
C ASP C 247 -7.86 -21.90 -34.96
N LEU C 248 -8.48 -21.87 -33.78
CA LEU C 248 -9.89 -21.43 -33.62
C LEU C 248 -10.25 -20.08 -34.23
N LEU C 249 -9.42 -19.06 -33.99
CA LEU C 249 -9.72 -17.69 -34.43
C LEU C 249 -9.03 -17.26 -35.75
N GLY C 250 -8.28 -18.21 -36.32
CA GLY C 250 -7.64 -18.00 -37.61
C GLY C 250 -8.44 -18.58 -38.76
N ASP C 251 -7.75 -18.80 -39.86
CA ASP C 251 -8.36 -19.30 -41.08
C ASP C 251 -7.49 -20.40 -41.67
N PRO C 252 -8.14 -21.48 -42.18
CA PRO C 252 -7.40 -22.57 -42.81
C PRO C 252 -6.61 -22.18 -44.06
N ASP C 253 -7.19 -21.32 -44.90
CA ASP C 253 -6.57 -20.92 -46.16
C ASP C 253 -5.18 -20.30 -46.01
N ASN C 254 -4.82 -19.91 -44.80
CA ASN C 254 -3.49 -19.39 -44.53
C ASN C 254 -2.49 -20.50 -44.18
N TYR C 255 -2.87 -21.75 -44.42
CA TYR C 255 -1.96 -22.88 -44.33
C TYR C 255 -1.57 -23.47 -45.70
N THR C 256 -2.14 -22.94 -46.78
CA THR C 256 -1.64 -23.19 -48.14
C THR C 256 -0.88 -21.94 -48.56
N PRO C 257 0.33 -22.09 -49.17
CA PRO C 257 1.13 -20.93 -49.61
C PRO C 257 0.41 -19.96 -50.57
N ALA C 258 0.85 -18.70 -50.59
CA ALA C 258 0.25 -17.65 -51.41
C ALA C 258 0.38 -17.94 -52.91
N ASN C 259 -0.75 -17.92 -53.62
CA ASN C 259 -0.82 -18.21 -55.06
C ASN C 259 -1.46 -17.05 -55.81
N PRO C 260 -0.67 -16.34 -56.66
CA PRO C 260 -1.22 -15.18 -57.37
C PRO C 260 -2.27 -15.50 -58.45
N LEU C 261 -2.43 -16.78 -58.79
CA LEU C 261 -3.50 -17.21 -59.69
C LEU C 261 -4.73 -17.64 -58.87
N ASN C 262 -4.56 -18.73 -58.13
CA ASN C 262 -5.62 -19.39 -57.36
C ASN C 262 -6.23 -18.50 -56.23
N THR C 263 -7.39 -17.90 -56.50
CA THR C 263 -8.08 -17.04 -55.51
C THR C 263 -8.90 -17.90 -54.53
N PRO C 264 -8.82 -17.61 -53.20
CA PRO C 264 -9.66 -18.29 -52.20
C PRO C 264 -11.15 -17.98 -52.36
N PRO C 265 -12.02 -18.87 -51.85
CA PRO C 265 -13.47 -18.73 -52.00
C PRO C 265 -14.02 -17.40 -51.48
N HIS C 266 -13.90 -17.17 -50.17
CA HIS C 266 -14.44 -15.97 -49.56
C HIS C 266 -13.34 -15.27 -48.78
N ILE C 267 -12.59 -14.43 -49.48
CA ILE C 267 -11.48 -13.65 -48.92
C ILE C 267 -11.97 -12.59 -47.92
N LYS C 268 -11.33 -12.56 -46.75
CA LYS C 268 -11.76 -11.74 -45.61
C LYS C 268 -10.58 -11.44 -44.65
N PRO C 269 -10.62 -10.31 -43.91
CA PRO C 269 -9.50 -10.10 -42.99
C PRO C 269 -9.73 -10.88 -41.71
N GLU C 270 -8.81 -10.77 -40.76
CA GLU C 270 -8.94 -11.48 -39.48
C GLU C 270 -10.13 -10.90 -38.64
N TRP C 271 -10.71 -11.73 -37.76
CA TRP C 271 -12.01 -11.44 -37.10
C TRP C 271 -12.24 -10.00 -36.60
N TYR C 272 -11.18 -9.39 -36.07
CA TYR C 272 -11.23 -8.04 -35.46
C TYR C 272 -11.35 -6.88 -36.46
N PHE C 273 -11.31 -7.17 -37.76
CA PHE C 273 -11.60 -6.17 -38.79
C PHE C 273 -12.98 -6.36 -39.42
N LEU C 274 -13.61 -7.52 -39.18
CA LEU C 274 -14.84 -7.89 -39.88
C LEU C 274 -16.00 -6.91 -39.76
N PHE C 275 -16.15 -6.25 -38.61
CA PHE C 275 -17.22 -5.26 -38.44
C PHE C 275 -17.09 -4.10 -39.45
N ALA C 276 -15.85 -3.62 -39.62
CA ALA C 276 -15.57 -2.51 -40.52
C ALA C 276 -15.52 -2.94 -41.98
N TYR C 277 -15.17 -4.21 -42.21
CA TYR C 277 -15.23 -4.86 -43.53
C TYR C 277 -16.68 -4.95 -44.03
N ALA C 278 -17.60 -5.27 -43.12
CA ALA C 278 -19.04 -5.29 -43.42
C ALA C 278 -19.57 -3.91 -43.81
N ILE C 279 -19.14 -2.86 -43.10
CA ILE C 279 -19.53 -1.47 -43.40
C ILE C 279 -19.09 -1.03 -44.80
N LEU C 280 -17.84 -1.37 -45.15
CA LEU C 280 -17.30 -1.18 -46.51
C LEU C 280 -18.18 -1.80 -47.60
N ARG C 281 -18.59 -3.06 -47.41
CA ARG C 281 -19.40 -3.82 -48.37
C ARG C 281 -20.89 -3.43 -48.41
N SER C 282 -21.37 -2.68 -47.42
CA SER C 282 -22.76 -2.15 -47.42
C SER C 282 -22.96 -1.16 -48.54
N ILE C 283 -22.05 -0.21 -48.61
CA ILE C 283 -22.08 0.82 -49.63
C ILE C 283 -21.70 0.20 -51.00
N PRO C 284 -22.58 0.35 -52.03
CA PRO C 284 -22.27 -0.19 -53.37
C PRO C 284 -21.08 0.50 -54.10
N ASN C 285 -20.95 1.82 -53.96
CA ASN C 285 -19.85 2.60 -54.55
C ASN C 285 -18.56 2.41 -53.76
N LYS C 286 -17.44 2.25 -54.47
CA LYS C 286 -16.17 1.89 -53.85
C LYS C 286 -15.52 3.02 -53.03
N LEU C 287 -15.47 4.23 -53.59
CA LEU C 287 -14.94 5.37 -52.85
C LEU C 287 -15.82 5.69 -51.63
N GLY C 288 -17.14 5.60 -51.81
CA GLY C 288 -18.09 5.73 -50.71
C GLY C 288 -17.84 4.71 -49.63
N GLY C 289 -17.64 3.45 -50.04
CA GLY C 289 -17.28 2.36 -49.12
C GLY C 289 -16.01 2.56 -48.32
N VAL C 290 -14.98 3.14 -48.94
CA VAL C 290 -13.71 3.47 -48.28
C VAL C 290 -13.89 4.59 -47.24
N LEU C 291 -14.64 5.63 -47.63
CA LEU C 291 -14.95 6.75 -46.74
C LEU C 291 -15.82 6.32 -45.57
N ALA C 292 -16.64 5.28 -45.76
CA ALA C 292 -17.45 4.70 -44.68
C ALA C 292 -16.63 3.85 -43.73
N LEU C 293 -15.74 3.02 -44.29
CA LEU C 293 -14.80 2.23 -43.50
C LEU C 293 -13.87 3.13 -42.68
N ALA C 294 -13.43 4.24 -43.29
CA ALA C 294 -12.64 5.27 -42.60
C ALA C 294 -13.43 5.92 -41.48
N PHE C 295 -14.66 6.34 -41.77
CA PHE C 295 -15.51 7.00 -40.78
C PHE C 295 -16.03 6.03 -39.70
N SER C 296 -16.06 4.73 -39.98
CA SER C 296 -16.46 3.73 -38.96
C SER C 296 -15.49 3.64 -37.77
N ILE C 297 -14.22 4.02 -37.99
CA ILE C 297 -13.18 4.06 -36.94
C ILE C 297 -12.98 5.50 -36.40
N LEU C 298 -12.85 6.46 -37.32
CA LEU C 298 -12.58 7.85 -36.96
C LEU C 298 -13.73 8.50 -36.22
N ILE C 299 -14.94 7.96 -36.37
CA ILE C 299 -16.09 8.43 -35.60
C ILE C 299 -15.81 8.40 -34.08
N LEU C 300 -14.84 7.58 -33.64
CA LEU C 300 -14.41 7.55 -32.23
C LEU C 300 -13.95 8.90 -31.74
N ALA C 301 -13.26 9.63 -32.64
CA ALA C 301 -12.79 11.00 -32.43
C ALA C 301 -13.93 11.97 -32.25
N LEU C 302 -15.07 11.65 -32.85
CA LEU C 302 -16.27 12.47 -32.75
C LEU C 302 -17.11 12.30 -31.48
N ILE C 303 -17.01 11.13 -30.84
CA ILE C 303 -17.85 10.76 -29.67
C ILE C 303 -17.93 11.83 -28.56
N PRO C 304 -16.78 12.43 -28.14
CA PRO C 304 -16.85 13.43 -27.07
C PRO C 304 -17.74 14.63 -27.39
N LEU C 305 -17.69 15.07 -28.64
CA LEU C 305 -18.50 16.19 -29.10
C LEU C 305 -20.00 15.88 -29.08
N LEU C 306 -20.35 14.62 -29.37
CA LEU C 306 -21.74 14.11 -29.36
C LEU C 306 -22.41 13.87 -27.99
N HIS C 307 -21.66 14.06 -26.90
CA HIS C 307 -22.17 13.85 -25.54
C HIS C 307 -23.17 14.93 -25.17
N THR C 308 -24.37 14.53 -24.78
CA THR C 308 -25.45 15.47 -24.46
C THR C 308 -25.86 15.46 -22.98
N SER C 309 -25.71 14.30 -22.33
CA SER C 309 -26.21 14.08 -20.98
C SER C 309 -25.50 14.93 -19.93
N LYS C 310 -26.29 15.45 -18.99
CA LYS C 310 -25.80 16.21 -17.83
C LYS C 310 -25.13 15.32 -16.77
N GLN C 311 -25.36 14.01 -16.88
CA GLN C 311 -24.62 13.01 -16.11
C GLN C 311 -23.50 12.45 -16.99
N ARG C 312 -22.38 12.04 -16.36
CA ARG C 312 -21.22 11.54 -17.10
C ARG C 312 -21.28 10.06 -17.49
N SER C 313 -21.56 9.21 -16.52
CA SER C 313 -21.67 7.76 -16.76
C SER C 313 -23.07 7.33 -17.22
N MET C 314 -23.15 6.17 -17.88
CA MET C 314 -24.45 5.58 -18.24
C MET C 314 -25.13 4.79 -17.11
N MET C 315 -24.43 4.67 -15.97
CA MET C 315 -24.93 4.00 -14.78
C MET C 315 -26.36 4.40 -14.45
N PHE C 316 -26.63 5.70 -14.46
CA PHE C 316 -27.93 6.24 -14.05
C PHE C 316 -28.82 6.68 -15.21
N ARG C 317 -28.71 5.93 -16.30
CA ARG C 317 -29.24 6.35 -17.60
C ARG C 317 -29.75 5.15 -18.41
N PRO C 318 -31.01 4.72 -18.16
CA PRO C 318 -31.61 3.53 -18.75
C PRO C 318 -31.68 3.51 -20.28
N LEU C 319 -32.09 4.62 -20.89
CA LEU C 319 -32.25 4.71 -22.34
C LEU C 319 -30.94 4.53 -23.07
N SER C 320 -29.91 5.22 -22.57
CA SER C 320 -28.56 5.15 -23.09
C SER C 320 -28.02 3.74 -22.95
N GLN C 321 -28.23 3.13 -21.78
CA GLN C 321 -27.80 1.75 -21.51
C GLN C 321 -28.27 0.78 -22.58
N CYS C 322 -29.55 0.87 -22.93
CA CYS C 322 -30.15 -0.01 -23.92
C CYS C 322 -29.60 0.25 -25.30
N LEU C 323 -29.50 1.52 -25.66
CA LEU C 323 -28.93 1.90 -26.93
C LEU C 323 -27.46 1.52 -27.06
N PHE C 324 -26.73 1.54 -25.93
CA PHE C 324 -25.34 1.09 -25.89
C PHE C 324 -25.25 -0.41 -26.19
N TRP C 325 -26.04 -1.20 -25.47
CA TRP C 325 -26.06 -2.64 -25.67
C TRP C 325 -26.62 -3.03 -27.04
N ALA C 326 -27.48 -2.19 -27.61
CA ALA C 326 -27.91 -2.34 -28.99
C ALA C 326 -26.71 -2.13 -29.92
N LEU C 327 -25.95 -1.06 -29.68
CA LEU C 327 -24.74 -0.78 -30.46
C LEU C 327 -23.71 -1.90 -30.40
N VAL C 328 -23.61 -2.58 -29.26
CA VAL C 328 -22.72 -3.73 -29.09
C VAL C 328 -23.25 -4.92 -29.89
N ALA C 329 -24.51 -5.25 -29.68
CA ALA C 329 -25.14 -6.32 -30.43
C ALA C 329 -25.07 -6.08 -31.95
N ASP C 330 -25.17 -4.83 -32.37
CA ASP C 330 -25.07 -4.45 -33.79
C ASP C 330 -23.68 -4.74 -34.34
N LEU C 331 -22.66 -4.41 -33.55
CA LEU C 331 -21.26 -4.68 -33.91
C LEU C 331 -20.97 -6.17 -34.02
N LEU C 332 -21.61 -6.95 -33.15
CA LEU C 332 -21.52 -8.40 -33.18
C LEU C 332 -22.18 -8.94 -34.46
N THR C 333 -23.26 -8.27 -34.90
CA THR C 333 -23.94 -8.57 -36.17
C THR C 333 -23.07 -8.21 -37.38
N LEU C 334 -22.40 -7.05 -37.33
CA LEU C 334 -21.50 -6.65 -38.40
C LEU C 334 -20.30 -7.58 -38.54
N THR C 335 -19.83 -8.14 -37.42
CA THR C 335 -18.72 -9.11 -37.42
C THR C 335 -19.17 -10.40 -38.07
N TRP C 336 -20.37 -10.86 -37.72
CA TRP C 336 -21.01 -12.01 -38.37
C TRP C 336 -21.15 -11.78 -39.87
N ILE C 337 -21.84 -10.70 -40.25
CA ILE C 337 -22.08 -10.34 -41.64
C ILE C 337 -20.80 -10.14 -42.44
N GLY C 338 -19.78 -9.55 -41.81
CA GLY C 338 -18.46 -9.35 -42.43
C GLY C 338 -17.80 -10.65 -42.85
N GLY C 339 -18.04 -11.70 -42.06
CA GLY C 339 -17.54 -13.04 -42.36
C GLY C 339 -18.26 -13.82 -43.46
N GLN C 340 -19.42 -13.34 -43.89
CA GLN C 340 -20.29 -14.05 -44.85
C GLN C 340 -20.02 -13.73 -46.32
N PRO C 341 -20.48 -14.61 -47.27
CA PRO C 341 -20.41 -14.26 -48.70
C PRO C 341 -21.39 -13.14 -49.04
N VAL C 342 -21.12 -12.41 -50.12
CA VAL C 342 -21.98 -11.28 -50.53
C VAL C 342 -23.21 -11.85 -51.26
N GLU C 343 -24.29 -12.10 -50.49
CA GLU C 343 -25.54 -12.71 -50.98
C GLU C 343 -26.72 -12.43 -50.05
N HIS C 344 -27.94 -12.78 -50.50
CA HIS C 344 -29.14 -12.67 -49.68
C HIS C 344 -29.14 -13.80 -48.62
N PRO C 345 -29.47 -13.52 -47.35
CA PRO C 345 -29.90 -12.20 -46.86
C PRO C 345 -28.80 -11.32 -46.22
N TYR C 346 -27.55 -11.70 -46.42
CA TYR C 346 -26.42 -11.05 -45.75
C TYR C 346 -26.11 -9.63 -46.27
N ILE C 347 -26.61 -9.31 -47.46
CA ILE C 347 -26.41 -7.99 -48.03
C ILE C 347 -27.30 -7.03 -47.26
N THR C 348 -28.59 -7.38 -47.20
CA THR C 348 -29.63 -6.53 -46.59
C THR C 348 -29.42 -6.35 -45.10
N ILE C 349 -29.13 -7.46 -44.40
CA ILE C 349 -28.80 -7.43 -42.98
C ILE C 349 -27.62 -6.47 -42.76
N GLY C 350 -26.57 -6.63 -43.55
CA GLY C 350 -25.38 -5.78 -43.49
C GLY C 350 -25.61 -4.30 -43.75
N GLN C 351 -26.44 -4.00 -44.73
CA GLN C 351 -26.86 -2.63 -45.01
C GLN C 351 -27.63 -2.09 -43.79
N LEU C 352 -28.63 -2.84 -43.33
CA LEU C 352 -29.43 -2.46 -42.17
C LEU C 352 -28.60 -2.31 -40.90
N ALA C 353 -27.60 -3.18 -40.71
CA ALA C 353 -26.72 -3.07 -39.55
C ALA C 353 -25.82 -1.83 -39.63
N SER C 354 -25.31 -1.54 -40.82
CA SER C 354 -24.45 -0.38 -41.05
C SER C 354 -25.16 0.94 -40.87
N VAL C 355 -26.40 1.03 -41.35
CA VAL C 355 -27.29 2.18 -41.10
C VAL C 355 -27.47 2.35 -39.58
N LEU C 356 -27.78 1.26 -38.88
CA LEU C 356 -28.01 1.28 -37.43
C LEU C 356 -26.81 1.70 -36.58
N TYR C 357 -25.61 1.33 -37.03
CA TYR C 357 -24.36 1.69 -36.36
C TYR C 357 -24.21 3.19 -36.29
N PHE C 358 -24.26 3.85 -37.45
CA PHE C 358 -24.08 5.29 -37.53
C PHE C 358 -25.27 6.05 -36.97
N LEU C 359 -26.46 5.46 -37.11
CA LEU C 359 -27.69 6.02 -36.55
C LEU C 359 -27.65 6.09 -35.03
N LEU C 360 -27.22 4.99 -34.40
CA LEU C 360 -27.05 4.92 -32.95
C LEU C 360 -26.08 5.98 -32.41
N ILE C 361 -24.93 6.14 -33.07
CA ILE C 361 -23.88 7.05 -32.61
C ILE C 361 -24.24 8.51 -32.90
N LEU C 362 -24.69 8.80 -34.11
CA LEU C 362 -24.91 10.18 -34.53
C LEU C 362 -26.25 10.82 -34.20
N VAL C 363 -27.28 10.00 -33.93
CA VAL C 363 -28.63 10.55 -33.76
C VAL C 363 -29.32 10.06 -32.50
N LEU C 364 -29.47 8.73 -32.37
CA LEU C 364 -30.26 8.11 -31.29
C LEU C 364 -29.70 8.27 -29.87
N MET C 365 -28.40 8.01 -29.68
CA MET C 365 -27.76 8.16 -28.35
C MET C 365 -27.59 9.59 -27.88
N PRO C 366 -27.34 10.54 -28.82
CA PRO C 366 -27.46 11.95 -28.44
C PRO C 366 -28.88 12.39 -28.01
N THR C 367 -29.90 11.97 -28.78
CA THR C 367 -31.31 12.25 -28.46
C THR C 367 -31.67 11.66 -27.12
N ALA C 368 -31.25 10.41 -26.89
CA ALA C 368 -31.51 9.68 -25.65
C ALA C 368 -30.98 10.42 -24.43
N GLY C 369 -29.77 10.99 -24.56
CA GLY C 369 -29.18 11.82 -23.52
C GLY C 369 -30.06 13.00 -23.17
N THR C 370 -30.54 13.71 -24.20
CA THR C 370 -31.41 14.89 -24.02
C THR C 370 -32.81 14.55 -23.51
N ILE C 371 -33.35 13.40 -23.90
CA ILE C 371 -34.61 12.88 -23.32
C ILE C 371 -34.45 12.61 -21.82
N GLU C 372 -33.36 11.93 -21.46
CA GLU C 372 -33.00 11.64 -20.07
C GLU C 372 -32.88 12.89 -19.23
N ASN C 373 -32.25 13.93 -19.78
CA ASN C 373 -32.11 15.22 -19.11
C ASN C 373 -33.46 15.83 -18.80
N LYS C 374 -34.30 15.94 -19.83
CA LYS C 374 -35.63 16.53 -19.68
C LYS C 374 -36.54 15.68 -18.77
N LEU C 375 -36.24 14.39 -18.61
CA LEU C 375 -36.93 13.54 -17.62
C LEU C 375 -36.55 13.84 -16.16
N LEU C 376 -35.35 14.41 -15.98
CA LEU C 376 -34.84 14.82 -14.67
C LEU C 376 -35.01 16.32 -14.37
N LYS C 377 -35.72 17.03 -15.25
CA LYS C 377 -35.94 18.49 -15.18
C LYS C 377 -34.59 19.21 -15.28
N TRP C 378 -33.90 18.99 -16.39
CA TRP C 378 -32.53 19.45 -16.60
C TRP C 378 -32.34 20.13 -17.96
N ASP D 1 -24.48 -25.83 -56.78
CA ASP D 1 -23.51 -25.46 -55.71
C ASP D 1 -24.14 -25.49 -54.30
N LEU D 2 -24.84 -26.57 -53.98
CA LEU D 2 -25.33 -26.78 -52.60
C LEU D 2 -24.17 -27.41 -51.83
N GLU D 3 -24.24 -27.49 -50.50
CA GLU D 3 -23.05 -27.96 -49.75
C GLU D 3 -23.31 -28.96 -48.60
N LEU D 4 -22.59 -30.08 -48.62
CA LEU D 4 -22.65 -31.12 -47.59
C LEU D 4 -21.36 -31.13 -46.79
N HIS D 5 -21.44 -30.61 -45.57
CA HIS D 5 -20.30 -30.52 -44.66
C HIS D 5 -20.15 -31.87 -43.91
N PRO D 6 -18.91 -32.24 -43.49
CA PRO D 6 -18.69 -33.60 -42.96
C PRO D 6 -19.24 -33.79 -41.54
N PRO D 7 -19.59 -35.04 -41.15
CA PRO D 7 -19.98 -35.28 -39.76
C PRO D 7 -18.74 -35.43 -38.86
N SER D 8 -18.94 -35.34 -37.54
CA SER D 8 -17.84 -35.36 -36.58
C SER D 8 -17.59 -36.77 -36.07
N TYR D 9 -16.56 -37.40 -36.63
CA TYR D 9 -16.21 -38.78 -36.29
C TYR D 9 -15.49 -38.83 -34.92
N PRO D 10 -15.75 -39.89 -34.11
CA PRO D 10 -15.15 -39.92 -32.78
C PRO D 10 -13.70 -40.43 -32.86
N TRP D 11 -12.78 -39.51 -33.10
CA TRP D 11 -11.35 -39.82 -33.23
C TRP D 11 -10.75 -40.18 -31.88
N SER D 12 -9.67 -40.98 -31.93
CA SER D 12 -8.87 -41.38 -30.75
C SER D 12 -8.20 -40.19 -30.03
N HIS D 13 -8.10 -39.06 -30.75
CA HIS D 13 -7.51 -37.80 -30.28
C HIS D 13 -8.51 -36.63 -30.22
N ARG D 14 -9.81 -36.94 -30.28
CA ARG D 14 -10.88 -35.92 -30.27
C ARG D 14 -10.89 -35.07 -28.98
N GLY D 15 -10.71 -35.74 -27.82
CA GLY D 15 -10.80 -35.13 -26.47
C GLY D 15 -9.75 -34.10 -26.11
N LEU D 16 -9.96 -33.36 -25.01
CA LEU D 16 -9.06 -32.26 -24.66
C LEU D 16 -7.65 -32.70 -24.30
N LEU D 17 -7.57 -33.74 -23.47
CA LEU D 17 -6.28 -34.31 -23.07
C LEU D 17 -5.96 -35.68 -23.76
N SER D 18 -6.64 -35.99 -24.87
CA SER D 18 -6.39 -37.21 -25.65
C SER D 18 -5.26 -37.04 -26.66
N SER D 19 -4.24 -37.92 -26.60
CA SER D 19 -3.11 -37.91 -27.55
C SER D 19 -3.45 -38.61 -28.86
N LEU D 20 -2.55 -38.48 -29.83
CA LEU D 20 -2.66 -39.23 -31.08
C LEU D 20 -2.34 -40.72 -30.86
N ASP D 21 -3.09 -41.59 -31.54
CA ASP D 21 -2.78 -43.03 -31.61
C ASP D 21 -1.56 -43.24 -32.53
N HIS D 22 -0.38 -43.42 -31.93
CA HIS D 22 0.89 -43.48 -32.67
C HIS D 22 1.05 -44.71 -33.58
N THR D 23 0.38 -45.81 -33.22
CA THR D 23 0.37 -47.02 -34.06
C THR D 23 -0.44 -46.69 -35.30
N SER D 24 -1.56 -45.99 -35.10
CA SER D 24 -2.41 -45.52 -36.21
C SER D 24 -1.63 -44.60 -37.15
N ILE D 25 -0.72 -43.77 -36.60
CA ILE D 25 0.20 -42.93 -37.38
C ILE D 25 1.15 -43.81 -38.21
N ARG D 26 1.69 -44.86 -37.61
CA ARG D 26 2.60 -45.80 -38.27
C ARG D 26 1.97 -46.50 -39.49
N ARG D 27 0.69 -46.86 -39.36
CA ARG D 27 -0.09 -47.43 -40.46
C ARG D 27 -0.34 -46.35 -41.49
N GLY D 28 -0.81 -45.19 -41.02
CA GLY D 28 -1.11 -44.04 -41.87
C GLY D 28 0.04 -43.56 -42.73
N PHE D 29 1.26 -43.63 -42.20
CA PHE D 29 2.45 -43.32 -42.99
C PHE D 29 2.56 -44.23 -44.20
N GLN D 30 2.36 -45.53 -43.98
CA GLN D 30 2.43 -46.52 -45.05
C GLN D 30 1.36 -46.30 -46.11
N VAL D 31 0.21 -45.75 -45.71
CA VAL D 31 -0.85 -45.38 -46.66
C VAL D 31 -0.44 -44.17 -47.53
N TYR D 32 0.36 -43.26 -46.97
CA TYR D 32 0.98 -42.19 -47.76
C TYR D 32 2.03 -42.77 -48.73
N LYS D 33 2.92 -43.58 -48.17
CA LYS D 33 4.02 -44.24 -48.88
C LYS D 33 3.54 -45.05 -50.10
N GLN D 34 2.64 -46.02 -49.85
CA GLN D 34 2.21 -46.97 -50.88
C GLN D 34 1.27 -46.36 -51.91
N VAL D 35 0.47 -45.37 -51.49
CA VAL D 35 -0.64 -44.84 -52.31
C VAL D 35 -0.44 -43.38 -52.80
N CYS D 36 -0.20 -42.45 -51.87
CA CYS D 36 -0.15 -41.03 -52.22
C CYS D 36 1.13 -40.53 -52.87
N SER D 37 2.27 -41.02 -52.37
CA SER D 37 3.59 -40.43 -52.65
C SER D 37 4.05 -40.41 -54.12
N SER D 38 3.23 -41.00 -55.00
CA SER D 38 3.45 -40.93 -56.45
C SER D 38 2.61 -39.82 -57.11
N CYS D 39 1.87 -39.07 -56.30
CA CYS D 39 0.99 -37.98 -56.78
C CYS D 39 1.17 -36.72 -55.94
N HIS D 40 1.11 -36.87 -54.61
CA HIS D 40 1.25 -35.77 -53.67
C HIS D 40 2.62 -35.67 -53.06
N SER D 41 3.11 -34.44 -52.98
CA SER D 41 4.31 -34.14 -52.21
C SER D 41 3.93 -33.94 -50.76
N MET D 42 4.93 -34.00 -49.88
CA MET D 42 4.75 -33.67 -48.48
C MET D 42 6.08 -33.11 -48.01
N ASP D 43 6.33 -31.85 -48.38
CA ASP D 43 7.67 -31.25 -48.35
C ASP D 43 8.25 -31.01 -46.95
N TYR D 44 7.37 -30.79 -45.96
CA TYR D 44 7.83 -30.39 -44.62
C TYR D 44 8.14 -31.56 -43.65
N VAL D 45 7.87 -32.79 -44.07
CA VAL D 45 8.16 -33.99 -43.25
C VAL D 45 9.40 -34.68 -43.80
N ALA D 46 10.41 -34.85 -42.96
CA ALA D 46 11.62 -35.60 -43.31
C ALA D 46 11.62 -36.98 -42.63
N TYR D 47 12.53 -37.85 -43.04
CA TYR D 47 12.63 -39.20 -42.46
C TYR D 47 13.04 -39.21 -40.99
N ARG D 48 13.75 -38.15 -40.58
CA ARG D 48 14.09 -37.98 -39.17
C ARG D 48 12.87 -37.69 -38.30
N HIS D 49 11.86 -37.03 -38.88
CA HIS D 49 10.62 -36.67 -38.15
C HIS D 49 9.88 -37.88 -37.62
N LEU D 50 10.04 -39.01 -38.30
CA LEU D 50 9.37 -40.25 -37.93
C LEU D 50 9.91 -40.84 -36.62
N VAL D 51 11.18 -40.57 -36.31
CA VAL D 51 11.87 -41.13 -35.13
C VAL D 51 11.23 -40.66 -33.82
N GLY D 52 10.94 -41.61 -32.94
CA GLY D 52 10.29 -41.33 -31.64
C GLY D 52 8.81 -40.99 -31.74
N VAL D 53 8.22 -41.32 -32.88
CA VAL D 53 6.82 -40.99 -33.15
C VAL D 53 6.09 -42.25 -33.64
N CYS D 54 6.51 -42.75 -34.80
CA CYS D 54 5.94 -43.98 -35.35
C CYS D 54 6.99 -45.08 -35.64
N TYR D 55 8.26 -44.68 -35.78
CA TYR D 55 9.37 -45.60 -36.08
C TYR D 55 10.57 -45.35 -35.18
N THR D 56 11.46 -46.34 -35.04
CA THR D 56 12.69 -46.17 -34.28
C THR D 56 13.70 -45.44 -35.15
N GLU D 57 14.86 -45.10 -34.58
CA GLU D 57 15.93 -44.50 -35.36
C GLU D 57 16.39 -45.41 -36.50
N ASP D 58 16.58 -46.69 -36.16
CA ASP D 58 17.01 -47.71 -37.11
C ASP D 58 15.98 -48.01 -38.21
N GLU D 59 14.69 -48.08 -37.86
CA GLU D 59 13.62 -48.27 -38.85
C GLU D 59 13.53 -47.10 -39.83
N ALA D 60 13.61 -45.88 -39.29
CA ALA D 60 13.56 -44.65 -40.09
C ALA D 60 14.77 -44.49 -41.01
N LYS D 61 15.93 -44.98 -40.58
CA LYS D 61 17.12 -45.04 -41.42
C LYS D 61 16.91 -45.96 -42.64
N ALA D 62 16.24 -47.10 -42.40
CA ALA D 62 15.90 -48.06 -43.47
C ALA D 62 14.92 -47.48 -44.48
N LEU D 63 13.89 -46.79 -43.99
CA LEU D 63 12.93 -46.09 -44.83
C LEU D 63 13.54 -44.99 -45.67
N ALA D 64 14.55 -44.32 -45.11
CA ALA D 64 15.28 -43.24 -45.80
C ALA D 64 16.17 -43.79 -46.91
N GLU D 65 16.89 -44.87 -46.60
CA GLU D 65 17.83 -45.54 -47.53
C GLU D 65 17.13 -46.10 -48.78
N GLU D 66 15.85 -46.47 -48.62
CA GLU D 66 15.03 -47.02 -49.70
C GLU D 66 14.79 -46.09 -50.90
N VAL D 67 14.89 -44.77 -50.70
CA VAL D 67 14.51 -43.82 -51.74
C VAL D 67 15.70 -43.10 -52.41
N GLU D 68 15.49 -42.74 -53.69
CA GLU D 68 16.42 -41.93 -54.50
C GLU D 68 16.35 -40.46 -54.10
N VAL D 69 17.48 -39.76 -54.22
CA VAL D 69 17.51 -38.30 -54.10
C VAL D 69 18.76 -37.73 -54.78
N GLN D 70 18.60 -36.58 -55.44
CA GLN D 70 19.70 -35.89 -56.08
C GLN D 70 20.55 -35.16 -55.03
N ASP D 71 21.88 -35.16 -55.24
CA ASP D 71 22.85 -34.44 -54.40
C ASP D 71 24.03 -33.94 -55.26
N GLY D 72 24.70 -32.88 -54.82
CA GLY D 72 25.90 -32.38 -55.50
C GLY D 72 26.23 -30.96 -55.15
N PRO D 73 27.14 -30.33 -55.90
CA PRO D 73 27.94 -31.02 -56.91
C PRO D 73 29.17 -31.70 -56.31
N ASN D 74 29.67 -32.73 -56.99
CA ASN D 74 30.96 -33.35 -56.66
C ASN D 74 32.08 -32.52 -57.29
N GLU D 75 33.34 -32.90 -57.03
CA GLU D 75 34.51 -32.15 -57.52
C GLU D 75 34.56 -31.96 -59.06
N ASP D 76 33.96 -32.91 -59.80
CA ASP D 76 33.81 -32.84 -61.27
C ASP D 76 32.87 -31.75 -61.73
N GLY D 77 31.94 -31.37 -60.85
CA GLY D 77 30.93 -30.35 -61.16
C GLY D 77 29.63 -30.95 -61.65
N GLU D 78 29.30 -32.16 -61.21
CA GLU D 78 28.12 -32.88 -61.66
C GLU D 78 27.14 -33.16 -60.52
N MET D 79 25.86 -33.30 -60.88
CA MET D 79 24.81 -33.65 -59.92
C MET D 79 24.51 -35.14 -59.99
N PHE D 80 24.85 -35.84 -58.92
CA PHE D 80 24.62 -37.29 -58.84
C PHE D 80 23.34 -37.66 -58.08
N MET D 81 23.00 -38.95 -58.07
CA MET D 81 21.88 -39.49 -57.29
C MET D 81 22.43 -40.41 -56.20
N ARG D 82 21.89 -40.29 -54.98
CA ARG D 82 22.37 -41.10 -53.84
C ARG D 82 21.24 -41.71 -53.00
N PRO D 83 21.56 -42.77 -52.20
CA PRO D 83 20.61 -43.32 -51.23
C PRO D 83 20.34 -42.32 -50.09
N GLY D 84 19.07 -42.18 -49.72
CA GLY D 84 18.64 -41.18 -48.73
C GLY D 84 19.07 -41.45 -47.30
N LYS D 85 19.00 -40.40 -46.49
CA LYS D 85 19.39 -40.43 -45.09
C LYS D 85 18.31 -39.71 -44.29
N LEU D 86 18.48 -39.65 -42.96
CA LEU D 86 17.49 -39.07 -42.07
C LEU D 86 17.25 -37.58 -42.34
N SER D 87 18.32 -36.89 -42.73
CA SER D 87 18.28 -35.45 -43.00
C SER D 87 17.52 -35.04 -44.26
N ASP D 88 17.30 -35.98 -45.17
CA ASP D 88 16.49 -35.76 -46.38
C ASP D 88 14.99 -35.68 -46.07
N TYR D 89 14.31 -34.79 -46.78
CA TYR D 89 12.86 -34.68 -46.70
C TYR D 89 12.18 -35.72 -47.60
N PHE D 90 10.88 -35.97 -47.39
CA PHE D 90 10.07 -36.85 -48.25
C PHE D 90 10.06 -36.31 -49.66
N PRO D 91 10.40 -37.16 -50.64
CA PRO D 91 10.70 -36.59 -51.94
C PRO D 91 9.44 -36.31 -52.75
N LYS D 92 9.45 -35.19 -53.46
CA LYS D 92 8.36 -34.81 -54.35
C LYS D 92 8.23 -35.79 -55.55
N PRO D 93 6.99 -36.14 -55.96
CA PRO D 93 6.77 -36.97 -57.14
C PRO D 93 7.36 -36.38 -58.43
N TYR D 94 7.05 -35.13 -58.74
CA TYR D 94 7.50 -34.49 -59.99
C TYR D 94 8.57 -33.43 -59.71
N PRO D 95 9.31 -32.93 -60.74
CA PRO D 95 10.28 -31.84 -60.46
C PRO D 95 9.65 -30.47 -60.15
N ASN D 96 8.41 -30.25 -60.59
CA ASN D 96 7.72 -28.95 -60.45
C ASN D 96 6.18 -29.06 -60.56
N PRO D 97 5.43 -27.96 -60.29
CA PRO D 97 3.98 -28.03 -60.42
C PRO D 97 3.47 -28.24 -61.84
N GLU D 98 4.16 -27.63 -62.82
CA GLU D 98 3.78 -27.70 -64.24
C GLU D 98 3.85 -29.15 -64.78
N ALA D 99 4.84 -29.91 -64.32
CA ALA D 99 4.97 -31.34 -64.59
C ALA D 99 3.82 -32.15 -63.96
N ALA D 100 3.47 -31.80 -62.73
CA ALA D 100 2.38 -32.45 -61.98
C ALA D 100 1.02 -32.34 -62.66
N ARG D 101 0.74 -31.15 -63.21
CA ARG D 101 -0.50 -30.89 -63.95
C ARG D 101 -0.66 -31.80 -65.17
N ALA D 102 0.43 -31.95 -65.93
CA ALA D 102 0.47 -32.81 -67.12
C ALA D 102 0.14 -34.28 -66.82
N ALA D 103 0.61 -34.76 -65.68
CA ALA D 103 0.38 -36.15 -65.25
C ALA D 103 -1.03 -36.42 -64.71
N ASN D 104 -1.78 -35.38 -64.39
CA ASN D 104 -3.11 -35.51 -63.80
C ASN D 104 -4.23 -34.77 -64.58
N ASN D 105 -4.01 -34.56 -65.88
CA ASN D 105 -4.92 -33.77 -66.76
C ASN D 105 -5.31 -32.40 -66.21
N GLY D 106 -4.31 -31.53 -66.09
CA GLY D 106 -4.52 -30.12 -65.73
C GLY D 106 -4.56 -29.83 -64.23
N ALA D 107 -5.21 -30.72 -63.47
CA ALA D 107 -5.36 -30.56 -62.02
C ALA D 107 -4.03 -30.81 -61.33
N LEU D 108 -3.71 -29.94 -60.37
CA LEU D 108 -2.51 -30.06 -59.54
C LEU D 108 -2.86 -30.72 -58.19
N PRO D 109 -2.26 -31.90 -57.90
CA PRO D 109 -2.45 -32.52 -56.58
C PRO D 109 -1.81 -31.67 -55.47
N PRO D 110 -2.59 -31.21 -54.47
CA PRO D 110 -2.01 -30.37 -53.43
C PRO D 110 -1.01 -31.11 -52.53
N ASP D 111 -0.04 -30.37 -51.99
CA ASP D 111 0.90 -30.89 -50.99
C ASP D 111 0.11 -31.28 -49.73
N LEU D 112 0.44 -32.42 -49.13
CA LEU D 112 -0.36 -32.96 -48.01
C LEU D 112 0.14 -32.61 -46.60
N SER D 113 1.27 -31.89 -46.53
CA SER D 113 1.90 -31.52 -45.25
C SER D 113 0.95 -30.88 -44.26
N TYR D 114 0.09 -29.99 -44.78
CA TYR D 114 -0.81 -29.21 -43.96
C TYR D 114 -2.28 -29.41 -44.30
N ILE D 115 -2.60 -30.50 -44.98
CA ILE D 115 -3.94 -30.64 -45.58
C ILE D 115 -5.05 -30.67 -44.55
N VAL D 116 -4.75 -31.24 -43.39
CA VAL D 116 -5.69 -31.30 -42.30
C VAL D 116 -5.93 -29.89 -41.76
N ARG D 117 -4.87 -29.08 -41.66
CA ARG D 117 -4.99 -27.70 -41.18
C ARG D 117 -5.51 -26.72 -42.23
N ALA D 118 -5.27 -27.03 -43.52
CA ALA D 118 -5.59 -26.10 -44.61
C ALA D 118 -6.97 -26.29 -45.24
N ARG D 119 -7.74 -27.23 -44.70
CA ARG D 119 -9.13 -27.46 -45.13
C ARG D 119 -10.07 -27.47 -43.92
N HIS D 120 -11.16 -26.71 -44.02
CA HIS D 120 -12.23 -26.73 -43.02
C HIS D 120 -12.71 -28.16 -42.76
N GLY D 121 -12.72 -28.58 -41.50
CA GLY D 121 -13.20 -29.91 -41.13
C GLY D 121 -12.08 -30.88 -40.80
N GLY D 122 -10.91 -30.66 -41.40
CA GLY D 122 -9.68 -31.38 -41.06
C GLY D 122 -9.70 -32.86 -41.38
N GLU D 123 -9.44 -33.68 -40.37
CA GLU D 123 -9.48 -35.13 -40.54
C GLU D 123 -10.90 -35.66 -40.76
N ASP D 124 -11.92 -34.99 -40.19
CA ASP D 124 -13.35 -35.28 -40.50
C ASP D 124 -13.63 -35.10 -41.98
N TYR D 125 -13.10 -34.01 -42.55
CA TYR D 125 -13.26 -33.71 -43.96
C TYR D 125 -12.59 -34.73 -44.88
N VAL D 126 -11.31 -34.99 -44.64
CA VAL D 126 -10.52 -35.90 -45.49
C VAL D 126 -11.09 -37.32 -45.46
N PHE D 127 -11.46 -37.80 -44.27
CA PHE D 127 -12.06 -39.12 -44.11
C PHE D 127 -13.36 -39.26 -44.90
N SER D 128 -14.19 -38.23 -44.83
CA SER D 128 -15.42 -38.19 -45.60
C SER D 128 -15.15 -38.20 -47.10
N LEU D 129 -14.13 -37.44 -47.53
CA LEU D 129 -13.76 -37.37 -48.94
C LEU D 129 -13.28 -38.72 -49.47
N LEU D 130 -12.39 -39.37 -48.73
CA LEU D 130 -11.80 -40.66 -49.12
C LEU D 130 -12.82 -41.80 -49.19
N THR D 131 -13.77 -41.79 -48.27
CA THR D 131 -14.78 -42.83 -48.17
C THR D 131 -16.11 -42.46 -48.86
N GLY D 132 -16.26 -41.19 -49.22
CA GLY D 132 -17.52 -40.69 -49.78
C GLY D 132 -17.73 -40.77 -51.30
N TYR D 133 -16.73 -41.24 -52.03
CA TYR D 133 -16.86 -41.45 -53.47
C TYR D 133 -18.04 -42.37 -53.76
N CYS D 134 -18.98 -41.93 -54.60
CA CYS D 134 -20.15 -42.73 -54.96
C CYS D 134 -20.60 -42.45 -56.40
N GLU D 135 -21.58 -43.23 -56.86
CA GLU D 135 -22.20 -43.05 -58.19
C GLU D 135 -22.95 -41.73 -58.28
N PRO D 136 -22.85 -41.01 -59.43
CA PRO D 136 -23.49 -39.68 -59.54
C PRO D 136 -25.03 -39.76 -59.51
N PRO D 137 -25.72 -38.69 -59.04
CA PRO D 137 -27.18 -38.70 -59.09
C PRO D 137 -27.67 -38.41 -60.50
N THR D 138 -28.93 -38.73 -60.78
CA THR D 138 -29.46 -38.54 -62.13
C THR D 138 -29.56 -37.05 -62.49
N GLY D 139 -29.23 -36.75 -63.74
CA GLY D 139 -29.20 -35.38 -64.29
C GLY D 139 -27.81 -34.77 -64.33
N VAL D 140 -26.79 -35.56 -64.01
CA VAL D 140 -25.45 -35.08 -63.67
C VAL D 140 -24.36 -35.85 -64.44
N SER D 141 -23.38 -35.11 -64.97
CA SER D 141 -22.07 -35.66 -65.37
C SER D 141 -21.08 -34.52 -65.64
N LEU D 142 -19.80 -34.76 -65.35
CA LEU D 142 -18.72 -33.80 -65.58
C LEU D 142 -17.85 -34.22 -66.78
N ARG D 143 -16.78 -33.45 -67.05
CA ARG D 143 -15.74 -33.78 -68.05
C ARG D 143 -15.08 -35.14 -67.77
N GLU D 144 -14.67 -35.83 -68.85
CA GLU D 144 -14.18 -37.21 -68.76
C GLU D 144 -12.87 -37.29 -67.93
N GLY D 145 -13.03 -37.63 -66.65
CA GLY D 145 -11.92 -37.68 -65.70
C GLY D 145 -12.19 -36.96 -64.38
N LEU D 146 -13.19 -36.08 -64.38
CA LEU D 146 -13.67 -35.43 -63.16
C LEU D 146 -14.76 -36.30 -62.53
N TYR D 147 -14.44 -36.91 -61.39
CA TYR D 147 -15.30 -37.86 -60.66
C TYR D 147 -16.27 -37.17 -59.70
N PHE D 148 -17.30 -37.91 -59.27
CA PHE D 148 -18.31 -37.40 -58.35
C PHE D 148 -18.00 -37.70 -56.89
N ASN D 149 -17.80 -36.64 -56.10
CA ASN D 149 -17.70 -36.75 -54.65
C ASN D 149 -18.62 -35.71 -53.98
N PRO D 150 -19.52 -36.18 -53.07
CA PRO D 150 -20.49 -35.27 -52.44
C PRO D 150 -19.90 -34.29 -51.41
N TYR D 151 -18.69 -34.57 -50.93
CA TYR D 151 -18.06 -33.70 -49.93
C TYR D 151 -17.17 -32.63 -50.52
N PHE D 152 -16.74 -32.83 -51.78
CA PHE D 152 -15.90 -31.85 -52.46
C PHE D 152 -16.77 -30.67 -52.90
N PRO D 153 -16.24 -29.43 -52.80
CA PRO D 153 -16.99 -28.23 -53.20
C PRO D 153 -17.27 -28.20 -54.70
N GLY D 154 -18.53 -27.91 -55.03
CA GLY D 154 -19.02 -27.98 -56.41
C GLY D 154 -19.35 -29.40 -56.86
N GLN D 155 -19.32 -30.36 -55.91
CA GLN D 155 -19.75 -31.77 -56.10
C GLN D 155 -18.91 -32.63 -57.08
N ALA D 156 -17.84 -32.07 -57.68
CA ALA D 156 -17.01 -32.81 -58.65
C ALA D 156 -15.53 -32.58 -58.44
N ILE D 157 -14.78 -33.67 -58.32
CA ILE D 157 -13.32 -33.64 -58.08
C ILE D 157 -12.54 -34.35 -59.20
N GLY D 158 -11.30 -33.93 -59.40
CA GLY D 158 -10.41 -34.57 -60.36
C GLY D 158 -9.39 -35.48 -59.70
N MET D 159 -9.85 -36.27 -58.73
CA MET D 159 -9.05 -37.35 -58.14
C MET D 159 -9.81 -38.67 -58.23
N ALA D 160 -9.17 -39.69 -58.81
CA ALA D 160 -9.70 -41.05 -58.84
C ALA D 160 -9.78 -41.47 -57.38
N PRO D 161 -10.82 -42.26 -57.01
CA PRO D 161 -10.97 -42.79 -55.67
C PRO D 161 -9.62 -43.48 -55.50
N PRO D 162 -8.81 -43.12 -54.47
CA PRO D 162 -7.49 -43.72 -54.26
C PRO D 162 -7.45 -44.92 -53.31
N ILE D 163 -8.46 -45.08 -52.44
CA ILE D 163 -8.47 -46.17 -51.49
C ILE D 163 -9.65 -47.11 -51.69
N TYR D 164 -9.41 -48.38 -51.39
CA TYR D 164 -10.38 -49.46 -51.48
C TYR D 164 -9.87 -50.60 -50.59
N ASN D 165 -10.65 -51.66 -50.46
CA ASN D 165 -10.31 -52.79 -49.58
C ASN D 165 -9.08 -53.53 -50.09
N GLU D 166 -8.10 -53.71 -49.21
CA GLU D 166 -6.80 -54.34 -49.51
C GLU D 166 -5.97 -53.65 -50.61
N VAL D 167 -5.96 -52.32 -50.60
CA VAL D 167 -5.02 -51.53 -51.44
C VAL D 167 -3.54 -51.66 -50.95
N LEU D 168 -3.35 -52.17 -49.74
CA LEU D 168 -2.04 -52.53 -49.18
C LEU D 168 -2.18 -53.58 -48.07
N GLU D 169 -1.10 -54.31 -47.80
CA GLU D 169 -0.99 -55.11 -46.57
C GLU D 169 -0.23 -54.27 -45.54
N PHE D 170 -0.78 -54.13 -44.33
CA PHE D 170 -0.14 -53.36 -43.23
C PHE D 170 0.95 -54.16 -42.52
N ASP D 171 1.99 -53.49 -42.04
CA ASP D 171 3.10 -54.15 -41.33
C ASP D 171 2.68 -54.99 -40.11
N ASP D 172 1.69 -54.51 -39.35
CA ASP D 172 1.22 -55.20 -38.13
C ASP D 172 0.04 -56.16 -38.35
N GLY D 173 -0.36 -56.34 -39.61
CA GLY D 173 -1.42 -57.28 -39.96
C GLY D 173 -2.85 -56.88 -39.60
N THR D 174 -3.14 -55.58 -39.64
CA THR D 174 -4.50 -55.07 -39.48
C THR D 174 -5.29 -55.29 -40.79
N PRO D 175 -6.54 -55.80 -40.71
CA PRO D 175 -7.36 -55.99 -41.91
C PRO D 175 -7.60 -54.67 -42.64
N ALA D 176 -7.03 -54.54 -43.83
CA ALA D 176 -7.04 -53.28 -44.58
C ALA D 176 -8.35 -52.99 -45.35
N THR D 177 -9.41 -52.68 -44.60
CA THR D 177 -10.70 -52.25 -45.19
C THR D 177 -10.59 -50.79 -45.63
N MET D 178 -11.49 -50.34 -46.51
CA MET D 178 -11.46 -48.95 -46.99
C MET D 178 -11.58 -47.95 -45.84
N SER D 179 -12.50 -48.22 -44.90
CA SER D 179 -12.69 -47.45 -43.67
C SER D 179 -11.42 -47.37 -42.78
N GLN D 180 -10.78 -48.52 -42.58
CA GLN D 180 -9.56 -48.63 -41.75
C GLN D 180 -8.38 -47.89 -42.38
N VAL D 181 -8.22 -48.02 -43.69
CA VAL D 181 -7.18 -47.33 -44.47
C VAL D 181 -7.33 -45.80 -44.43
N ALA D 182 -8.56 -45.30 -44.50
CA ALA D 182 -8.82 -43.87 -44.40
C ALA D 182 -8.57 -43.32 -43.00
N LYS D 183 -9.04 -44.05 -41.98
CA LYS D 183 -8.86 -43.68 -40.57
C LYS D 183 -7.37 -43.52 -40.23
N ASP D 184 -6.57 -44.49 -40.64
CA ASP D 184 -5.13 -44.48 -40.38
C ASP D 184 -4.42 -43.32 -41.07
N VAL D 185 -4.64 -43.15 -42.38
CA VAL D 185 -4.00 -42.09 -43.15
C VAL D 185 -4.35 -40.68 -42.65
N CYS D 186 -5.59 -40.52 -42.19
CA CYS D 186 -6.03 -39.26 -41.58
C CYS D 186 -5.28 -38.96 -40.28
N THR D 187 -5.14 -39.97 -39.43
CA THR D 187 -4.37 -39.88 -38.18
C THR D 187 -2.91 -39.45 -38.46
N PHE D 188 -2.33 -39.96 -39.54
CA PHE D 188 -0.98 -39.55 -39.97
C PHE D 188 -0.94 -38.12 -40.49
N LEU D 189 -1.94 -37.76 -41.30
CA LEU D 189 -2.05 -36.40 -41.86
C LEU D 189 -2.36 -35.33 -40.81
N ARG D 190 -3.01 -35.74 -39.73
CA ARG D 190 -3.22 -34.91 -38.54
C ARG D 190 -1.88 -34.58 -37.92
N TRP D 191 -1.08 -35.62 -37.66
CA TRP D 191 0.29 -35.45 -37.15
C TRP D 191 1.22 -34.67 -38.12
N ALA D 192 1.04 -34.90 -39.42
CA ALA D 192 1.82 -34.19 -40.44
C ALA D 192 1.62 -32.68 -40.32
N ALA D 193 0.36 -32.26 -40.24
CA ALA D 193 -0.02 -30.86 -40.10
C ALA D 193 0.28 -30.25 -38.73
N GLU D 194 0.25 -31.07 -37.68
CA GLU D 194 0.41 -30.62 -36.30
C GLU D 194 1.26 -31.59 -35.46
N PRO D 195 2.61 -31.61 -35.66
CA PRO D 195 3.45 -32.51 -34.87
C PRO D 195 3.37 -32.25 -33.38
N GLU D 196 3.19 -30.98 -33.01
CA GLU D 196 3.08 -30.56 -31.60
C GLU D 196 1.94 -31.18 -30.77
N HIS D 197 0.91 -31.69 -31.47
CA HIS D 197 -0.34 -32.20 -30.87
C HIS D 197 -0.26 -32.80 -29.46
N ASP D 198 0.57 -33.83 -29.32
CA ASP D 198 0.68 -34.53 -28.05
C ASP D 198 1.38 -33.67 -26.93
N HIS D 199 2.44 -32.94 -27.29
CA HIS D 199 3.09 -32.01 -26.35
C HIS D 199 2.17 -30.87 -25.93
N ARG D 200 1.56 -30.25 -26.94
CA ARG D 200 0.57 -29.16 -26.77
C ARG D 200 -0.46 -29.48 -25.67
N LYS D 201 -1.02 -30.69 -25.74
CA LYS D 201 -2.07 -31.18 -24.82
C LYS D 201 -1.51 -31.55 -23.44
N ARG D 202 -0.26 -32.00 -23.40
CA ARG D 202 0.42 -32.29 -22.15
C ARG D 202 0.57 -30.97 -21.41
N MET D 203 1.01 -29.95 -22.15
CA MET D 203 1.15 -28.61 -21.61
C MET D 203 -0.18 -28.05 -21.11
N GLY D 204 -1.23 -28.26 -21.90
CA GLY D 204 -2.60 -27.89 -21.53
C GLY D 204 -3.04 -28.40 -20.17
N LEU D 205 -2.80 -29.68 -19.90
CA LEU D 205 -3.15 -30.30 -18.62
C LEU D 205 -2.41 -29.65 -17.45
N LYS D 206 -1.11 -29.43 -17.63
CA LYS D 206 -0.27 -28.85 -16.61
C LYS D 206 -0.63 -27.39 -16.37
N MET D 207 -1.06 -26.70 -17.41
CA MET D 207 -1.54 -25.33 -17.28
C MET D 207 -2.86 -25.27 -16.53
N LEU D 208 -3.79 -26.17 -16.86
CA LEU D 208 -5.10 -26.23 -16.22
C LEU D 208 -4.97 -26.50 -14.73
N LEU D 209 -4.05 -27.38 -14.36
CA LEU D 209 -3.79 -27.69 -12.95
C LEU D 209 -3.15 -26.51 -12.22
N MET D 210 -2.13 -25.90 -12.82
CA MET D 210 -1.46 -24.74 -12.25
C MET D 210 -2.40 -23.56 -12.02
N MET D 211 -3.29 -23.34 -13.00
CA MET D 211 -4.35 -22.34 -12.91
C MET D 211 -5.38 -22.69 -11.85
N GLY D 212 -5.74 -23.98 -11.77
CA GLY D 212 -6.59 -24.48 -10.72
C GLY D 212 -6.04 -24.16 -9.33
N LEU D 213 -4.71 -24.12 -9.21
CA LEU D 213 -4.05 -23.81 -7.95
C LEU D 213 -3.92 -22.31 -7.75
N LEU D 214 -3.34 -21.62 -8.74
CA LEU D 214 -2.93 -20.21 -8.64
C LEU D 214 -4.07 -19.19 -8.58
N LEU D 215 -5.10 -19.39 -9.40
CA LEU D 215 -6.25 -18.47 -9.48
C LEU D 215 -7.00 -18.31 -8.15
N PRO D 216 -7.42 -19.42 -7.50
CA PRO D 216 -8.04 -19.21 -6.20
C PRO D 216 -7.07 -18.71 -5.10
N LEU D 217 -5.77 -19.02 -5.20
CA LEU D 217 -4.75 -18.48 -4.27
C LEU D 217 -4.56 -16.96 -4.41
N VAL D 218 -4.40 -16.50 -5.66
CA VAL D 218 -4.25 -15.06 -6.01
C VAL D 218 -5.54 -14.31 -5.68
N TYR D 219 -6.68 -14.96 -5.91
CA TYR D 219 -7.99 -14.42 -5.54
C TYR D 219 -8.11 -14.28 -4.03
N ALA D 220 -7.56 -15.24 -3.28
CA ALA D 220 -7.52 -15.15 -1.82
C ALA D 220 -6.60 -14.03 -1.33
N MET D 221 -5.45 -13.87 -1.99
CA MET D 221 -4.52 -12.77 -1.69
C MET D 221 -5.19 -11.41 -1.91
N LYS D 222 -5.99 -11.33 -2.98
CA LYS D 222 -6.75 -10.14 -3.34
C LYS D 222 -7.74 -9.79 -2.24
N ARG D 223 -8.55 -10.76 -1.83
CA ARG D 223 -9.60 -10.56 -0.82
C ARG D 223 -9.00 -10.21 0.53
N HIS D 224 -7.82 -10.77 0.81
CA HIS D 224 -7.06 -10.51 2.04
C HIS D 224 -6.73 -9.02 2.14
N LYS D 225 -6.03 -8.51 1.12
CA LYS D 225 -5.62 -7.11 1.11
C LYS D 225 -6.83 -6.18 1.15
N TRP D 226 -7.84 -6.50 0.33
CA TRP D 226 -9.05 -5.69 0.19
C TRP D 226 -9.98 -5.72 1.39
N SER D 227 -9.82 -6.71 2.27
CA SER D 227 -10.69 -6.88 3.43
C SER D 227 -10.70 -5.68 4.41
N VAL D 228 -9.64 -4.86 4.35
CA VAL D 228 -9.56 -3.59 5.13
C VAL D 228 -10.73 -2.68 4.75
N LEU D 229 -10.92 -2.57 3.43
CA LEU D 229 -11.89 -1.70 2.79
C LEU D 229 -13.28 -2.28 2.70
N LYS D 230 -13.39 -3.59 2.42
CA LYS D 230 -14.71 -4.26 2.36
C LYS D 230 -15.49 -4.19 3.70
N SER D 231 -14.77 -4.28 4.83
CA SER D 231 -15.36 -4.28 6.17
C SER D 231 -15.81 -2.90 6.63
N ARG D 232 -15.07 -1.87 6.20
CA ARG D 232 -15.10 -0.51 6.79
C ARG D 232 -16.49 0.10 6.99
N LYS D 233 -16.67 0.84 8.08
CA LYS D 233 -17.91 1.57 8.31
C LYS D 233 -17.65 3.08 8.27
N LEU D 234 -18.53 3.85 7.62
CA LEU D 234 -18.43 5.33 7.61
C LEU D 234 -19.52 5.96 8.47
N ALA D 235 -19.21 7.07 9.13
CA ALA D 235 -20.21 7.82 9.89
C ALA D 235 -19.98 9.30 9.74
N TYR D 236 -21.06 10.04 9.48
CA TYR D 236 -21.02 11.50 9.28
C TYR D 236 -21.49 12.17 10.55
N ARG D 237 -20.59 12.90 11.20
CA ARG D 237 -20.87 13.42 12.53
C ARG D 237 -20.64 14.95 12.61
N PRO D 238 -21.47 15.75 11.90
CA PRO D 238 -21.34 17.22 11.86
C PRO D 238 -21.75 17.92 13.17
N PRO D 239 -21.26 19.17 13.43
CA PRO D 239 -21.16 19.76 14.79
C PRO D 239 -22.48 20.09 15.54
N SER E 1 -20.41 14.65 23.23
CA SER E 1 -18.94 14.42 23.40
C SER E 1 -18.39 13.41 22.40
N HIS E 2 -17.07 13.43 22.18
CA HIS E 2 -16.38 12.41 21.37
C HIS E 2 -16.37 11.04 22.07
N THR E 3 -16.65 11.06 23.37
CA THR E 3 -16.77 9.86 24.21
C THR E 3 -17.98 8.99 23.79
N ASP E 4 -18.93 9.61 23.06
CA ASP E 4 -20.10 8.93 22.46
C ASP E 4 -19.78 7.93 21.34
N ILE E 5 -18.64 8.13 20.66
CA ILE E 5 -18.16 7.22 19.59
C ILE E 5 -17.79 5.87 20.20
N LYS E 6 -18.47 4.80 19.76
CA LYS E 6 -18.12 3.40 20.12
C LYS E 6 -18.02 2.63 18.84
N VAL E 7 -16.92 1.90 18.69
CA VAL E 7 -16.55 1.23 17.43
C VAL E 7 -17.62 0.19 17.07
N PRO E 8 -18.12 0.21 15.82
CA PRO E 8 -19.07 -0.78 15.31
C PRO E 8 -18.68 -2.23 15.57
N ASP E 9 -19.68 -3.11 15.62
CA ASP E 9 -19.48 -4.54 15.80
C ASP E 9 -18.95 -5.16 14.51
N PHE E 10 -17.76 -5.76 14.60
CA PHE E 10 -17.12 -6.36 13.44
C PHE E 10 -17.19 -7.89 13.41
N SER E 11 -18.11 -8.46 14.22
CA SER E 11 -18.15 -9.90 14.46
C SER E 11 -18.41 -10.69 13.20
N ASP E 12 -19.26 -10.14 12.33
CA ASP E 12 -19.55 -10.72 11.01
C ASP E 12 -18.29 -10.94 10.18
N TYR E 13 -17.33 -10.03 10.31
CA TYR E 13 -16.10 -10.03 9.51
C TYR E 13 -14.92 -10.75 10.15
N ARG E 14 -14.87 -10.77 11.48
CA ARG E 14 -13.75 -11.36 12.25
C ARG E 14 -13.45 -12.82 11.91
N ARG E 15 -12.19 -13.23 12.06
CA ARG E 15 -11.82 -14.65 12.09
C ARG E 15 -12.39 -15.27 13.37
N PRO E 16 -12.81 -16.56 13.31
CA PRO E 16 -13.24 -17.31 14.48
C PRO E 16 -12.30 -17.14 15.69
N GLU E 17 -10.98 -17.22 15.46
CA GLU E 17 -9.97 -17.14 16.52
C GLU E 17 -10.02 -15.86 17.36
N VAL E 18 -10.46 -14.75 16.75
CA VAL E 18 -10.52 -13.45 17.42
C VAL E 18 -11.96 -12.97 17.73
N LEU E 19 -12.92 -13.90 17.77
CA LEU E 19 -14.32 -13.56 18.10
C LEU E 19 -14.53 -13.29 19.59
N ASP E 20 -13.83 -14.07 20.43
CA ASP E 20 -13.98 -14.04 21.88
C ASP E 20 -13.35 -12.78 22.46
N SER E 21 -14.19 -11.84 22.90
CA SER E 21 -13.72 -10.53 23.37
C SER E 21 -13.03 -10.56 24.74
N THR E 22 -13.27 -11.63 25.50
CA THR E 22 -12.63 -11.85 26.82
C THR E 22 -11.27 -12.58 26.76
N LYS E 23 -10.84 -13.00 25.56
CA LYS E 23 -9.57 -13.71 25.38
C LYS E 23 -8.56 -12.88 24.59
N SER E 24 -7.28 -13.12 24.85
CA SER E 24 -6.20 -12.38 24.20
C SER E 24 -5.97 -12.88 22.76
N SER E 25 -5.89 -11.96 21.80
CA SER E 25 -5.62 -12.33 20.40
C SER E 25 -4.21 -12.89 20.18
N LYS E 26 -3.33 -12.69 21.17
CA LYS E 26 -1.90 -13.09 21.09
C LYS E 26 -1.67 -14.60 20.92
N GLU E 27 -2.61 -15.42 21.40
CA GLU E 27 -2.57 -16.89 21.26
C GLU E 27 -2.57 -17.19 19.76
N SER E 28 -3.56 -16.62 19.08
CA SER E 28 -3.87 -16.88 17.67
C SER E 28 -3.03 -16.11 16.65
N SER E 29 -2.22 -15.16 17.12
CA SER E 29 -1.40 -14.30 16.24
C SER E 29 -0.37 -15.10 15.43
N GLU E 30 0.36 -15.98 16.10
CA GLU E 30 1.30 -16.88 15.42
C GLU E 30 0.61 -17.67 14.29
N ALA E 31 -0.62 -18.13 14.55
CA ALA E 31 -1.41 -18.97 13.63
C ALA E 31 -1.98 -18.21 12.46
N ARG E 32 -2.62 -17.07 12.74
CA ARG E 32 -3.34 -16.30 11.72
C ARG E 32 -2.41 -15.78 10.63
N LYS E 33 -1.21 -15.38 11.04
CA LYS E 33 -0.15 -14.94 10.14
C LYS E 33 0.33 -16.10 9.31
N GLY E 34 0.57 -17.23 9.98
CA GLY E 34 0.97 -18.49 9.33
C GLY E 34 0.09 -18.86 8.16
N PHE E 35 -1.23 -18.87 8.39
CA PHE E 35 -2.19 -19.24 7.35
C PHE E 35 -2.06 -18.33 6.14
N SER E 36 -2.07 -17.02 6.37
CA SER E 36 -2.07 -16.03 5.28
C SER E 36 -0.75 -16.01 4.50
N TYR E 37 0.37 -16.13 5.21
CA TYR E 37 1.69 -16.18 4.56
C TYR E 37 1.97 -17.49 3.84
N LEU E 38 1.31 -18.56 4.27
CA LEU E 38 1.36 -19.86 3.56
C LEU E 38 0.78 -19.72 2.15
N VAL E 39 -0.36 -19.02 2.07
CA VAL E 39 -1.03 -18.77 0.80
C VAL E 39 -0.07 -18.02 -0.10
N THR E 40 0.58 -17.00 0.44
CA THR E 40 1.55 -16.20 -0.29
C THR E 40 2.75 -17.04 -0.74
N ALA E 41 3.25 -17.85 0.18
CA ALA E 41 4.43 -18.66 -0.11
C ALA E 41 4.13 -19.70 -1.19
N THR E 42 2.98 -20.36 -1.06
CA THR E 42 2.51 -21.37 -2.04
C THR E 42 2.39 -20.76 -3.43
N THR E 43 1.76 -19.59 -3.49
CA THR E 43 1.60 -18.81 -4.73
C THR E 43 2.94 -18.57 -5.41
N THR E 44 3.93 -18.11 -4.64
CA THR E 44 5.26 -17.81 -5.17
C THR E 44 5.96 -19.05 -5.74
N VAL E 45 5.80 -20.20 -5.06
CA VAL E 45 6.30 -21.49 -5.56
C VAL E 45 5.64 -21.88 -6.91
N GLY E 46 4.33 -21.67 -7.02
CA GLY E 46 3.60 -21.90 -8.26
C GLY E 46 4.07 -21.00 -9.40
N VAL E 47 4.24 -19.70 -9.11
CA VAL E 47 4.70 -18.71 -10.09
C VAL E 47 6.13 -19.03 -10.51
N ALA E 48 6.95 -19.49 -9.56
CA ALA E 48 8.32 -19.89 -9.86
C ALA E 48 8.30 -21.04 -10.85
N TYR E 49 7.45 -22.03 -10.59
CA TYR E 49 7.37 -23.21 -11.45
C TYR E 49 7.05 -22.80 -12.87
N ALA E 50 6.11 -21.86 -12.99
CA ALA E 50 5.68 -21.35 -14.27
C ALA E 50 6.84 -20.63 -14.95
N ALA E 51 7.33 -19.56 -14.31
CA ALA E 51 8.34 -18.67 -14.90
C ALA E 51 9.60 -19.39 -15.32
N LYS E 52 9.98 -20.42 -14.55
CA LYS E 52 11.08 -21.30 -14.87
C LYS E 52 10.86 -21.96 -16.23
N ASN E 53 9.68 -22.54 -16.41
CA ASN E 53 9.34 -23.16 -17.66
C ASN E 53 9.23 -22.18 -18.83
N VAL E 54 8.61 -21.03 -18.62
CA VAL E 54 8.46 -20.01 -19.68
C VAL E 54 9.82 -19.53 -20.15
N VAL E 55 10.65 -19.04 -19.21
CA VAL E 55 12.03 -18.57 -19.47
C VAL E 55 12.84 -19.67 -20.15
N SER E 56 12.77 -20.85 -19.58
CA SER E 56 13.56 -21.97 -20.07
C SER E 56 13.27 -22.34 -21.54
N GLN E 57 11.99 -22.27 -21.91
CA GLN E 57 11.56 -22.49 -23.29
C GLN E 57 12.12 -21.42 -24.22
N PHE E 58 11.95 -20.15 -23.85
CA PHE E 58 12.46 -19.05 -24.65
C PHE E 58 13.95 -19.16 -24.86
N VAL E 59 14.68 -19.60 -23.83
CA VAL E 59 16.13 -19.81 -23.92
C VAL E 59 16.43 -20.92 -24.91
N SER E 60 15.65 -22.00 -24.81
CA SER E 60 15.77 -23.17 -25.66
C SER E 60 15.62 -22.81 -27.16
N SER E 61 14.68 -21.92 -27.46
CA SER E 61 14.45 -21.37 -28.80
C SER E 61 15.74 -20.99 -29.52
N MET E 62 16.61 -20.28 -28.81
CA MET E 62 17.82 -19.75 -29.40
C MET E 62 18.91 -20.79 -29.64
N SER E 63 18.85 -21.92 -28.93
CA SER E 63 19.76 -23.02 -29.17
C SER E 63 19.41 -23.79 -30.45
N ALA E 64 20.37 -24.55 -30.98
CA ALA E 64 20.28 -25.23 -32.27
C ALA E 64 18.97 -25.97 -32.51
N SER E 65 18.31 -25.64 -33.61
CA SER E 65 17.05 -26.27 -34.07
C SER E 65 17.29 -27.70 -34.57
N ALA E 66 16.21 -28.49 -34.66
CA ALA E 66 16.26 -29.92 -35.07
C ALA E 66 16.98 -30.20 -36.39
N ASP E 67 16.82 -29.29 -37.35
CA ASP E 67 17.43 -29.42 -38.67
C ASP E 67 18.93 -29.08 -38.70
N VAL E 68 19.39 -28.27 -37.74
CA VAL E 68 20.82 -27.94 -37.56
C VAL E 68 21.55 -29.06 -36.80
N LEU E 69 20.85 -29.69 -35.86
CA LEU E 69 21.34 -30.90 -35.19
C LEU E 69 21.39 -32.07 -36.13
N ALA E 70 20.50 -32.10 -37.13
CA ALA E 70 20.47 -33.16 -38.13
C ALA E 70 21.75 -33.19 -38.99
N MET E 71 22.34 -32.01 -39.24
CA MET E 71 23.62 -31.92 -39.98
C MET E 71 24.83 -31.81 -39.07
N SER E 72 24.62 -31.82 -37.75
CA SER E 72 25.73 -31.83 -36.78
C SER E 72 26.71 -32.99 -37.01
N LYS E 73 26.18 -34.21 -37.06
CA LYS E 73 27.01 -35.43 -37.17
C LYS E 73 26.96 -36.08 -38.57
N ILE E 74 28.02 -36.82 -38.92
CA ILE E 74 28.10 -37.63 -40.15
C ILE E 74 28.68 -39.03 -39.85
N GLU E 75 27.96 -40.07 -40.28
CA GLU E 75 28.42 -41.46 -40.20
C GLU E 75 29.31 -41.81 -41.38
N ILE E 76 30.38 -42.54 -41.08
CA ILE E 76 31.32 -43.02 -42.10
C ILE E 76 31.58 -44.51 -41.87
N LYS E 77 31.53 -45.28 -42.97
CA LYS E 77 31.80 -46.71 -42.96
C LYS E 77 33.28 -47.01 -43.21
N LEU E 78 33.90 -47.68 -42.25
CA LEU E 78 35.36 -47.89 -42.24
C LEU E 78 35.84 -49.01 -43.17
N SER E 79 34.97 -49.98 -43.43
CA SER E 79 35.23 -51.04 -44.42
C SER E 79 35.18 -50.54 -45.88
N ASP E 80 34.59 -49.35 -46.12
CA ASP E 80 34.51 -48.70 -47.44
C ASP E 80 35.76 -47.87 -47.86
N ILE E 81 36.77 -47.79 -46.99
CA ILE E 81 38.02 -47.06 -47.29
C ILE E 81 39.24 -48.02 -47.16
N PRO E 82 39.96 -48.27 -48.29
CA PRO E 82 41.09 -49.21 -48.26
C PRO E 82 42.38 -48.65 -47.62
N GLU E 83 43.28 -49.55 -47.21
CA GLU E 83 44.53 -49.20 -46.50
C GLU E 83 45.55 -48.42 -47.32
N GLY E 84 45.66 -47.12 -47.04
CA GLY E 84 46.58 -46.22 -47.75
C GLY E 84 45.86 -45.04 -48.38
N LYS E 85 44.71 -45.33 -48.99
CA LYS E 85 43.92 -44.35 -49.72
C LYS E 85 43.15 -43.42 -48.79
N ASN E 86 43.06 -42.16 -49.22
CA ASN E 86 42.21 -41.15 -48.58
C ASN E 86 40.79 -41.23 -49.17
N MET E 87 39.80 -40.80 -48.38
CA MET E 87 38.40 -40.66 -48.81
C MET E 87 37.81 -39.35 -48.24
N ALA E 88 37.36 -38.47 -49.14
CA ALA E 88 36.76 -37.19 -48.77
C ALA E 88 35.27 -37.32 -48.44
N PHE E 89 34.78 -36.44 -47.57
CA PHE E 89 33.36 -36.37 -47.19
C PHE E 89 32.90 -34.92 -47.03
N LYS E 90 31.58 -34.70 -47.04
CA LYS E 90 30.97 -33.37 -46.90
C LYS E 90 30.43 -33.18 -45.47
N TRP E 91 31.07 -32.31 -44.68
CA TRP E 91 30.74 -32.14 -43.25
C TRP E 91 30.72 -30.70 -42.74
N ARG E 92 29.52 -30.24 -42.38
CA ARG E 92 29.23 -28.86 -41.96
C ARG E 92 29.67 -27.88 -43.07
N GLY E 93 29.29 -28.22 -44.31
CA GLY E 93 29.73 -27.49 -45.52
C GLY E 93 31.24 -27.44 -45.79
N LYS E 94 31.98 -28.43 -45.28
CA LYS E 94 33.45 -28.55 -45.44
C LYS E 94 33.80 -29.93 -45.99
N PRO E 95 34.97 -30.08 -46.68
CA PRO E 95 35.51 -31.44 -46.85
C PRO E 95 35.97 -32.02 -45.51
N LEU E 96 35.93 -33.35 -45.40
CA LEU E 96 36.37 -34.07 -44.20
C LEU E 96 37.16 -35.31 -44.62
N PHE E 97 38.47 -35.27 -44.38
CA PHE E 97 39.37 -36.37 -44.77
C PHE E 97 39.51 -37.43 -43.68
N VAL E 98 39.12 -38.65 -44.03
CA VAL E 98 39.37 -39.87 -43.24
C VAL E 98 40.40 -40.68 -44.02
N ARG E 99 41.41 -41.20 -43.32
CA ARG E 99 42.53 -41.89 -43.97
C ARG E 99 42.90 -43.18 -43.24
N HIS E 100 42.79 -44.31 -43.96
CA HIS E 100 43.27 -45.59 -43.46
C HIS E 100 44.79 -45.58 -43.62
N ARG E 101 45.51 -45.80 -42.53
CA ARG E 101 46.97 -45.74 -42.53
C ARG E 101 47.61 -47.12 -42.43
N THR E 102 48.66 -47.33 -43.22
CA THR E 102 49.39 -48.61 -43.26
C THR E 102 50.31 -48.77 -42.05
N LYS E 103 50.79 -49.99 -41.81
CA LYS E 103 51.75 -50.16 -40.70
C LYS E 103 53.04 -49.41 -40.98
N LYS E 104 53.34 -49.10 -42.24
CA LYS E 104 54.47 -48.20 -42.57
C LYS E 104 54.20 -46.74 -42.19
N GLU E 105 53.03 -46.21 -42.58
CA GLU E 105 52.65 -44.83 -42.25
C GLU E 105 52.51 -44.58 -40.76
N ILE E 106 52.08 -45.60 -40.01
CA ILE E 106 52.00 -45.57 -38.52
C ILE E 106 53.38 -45.41 -37.85
N ASP E 107 54.32 -46.30 -38.19
CA ASP E 107 55.66 -46.31 -37.61
C ASP E 107 56.52 -45.14 -38.07
N GLN E 108 56.31 -44.71 -39.32
CA GLN E 108 57.03 -43.57 -39.93
C GLN E 108 56.61 -42.21 -39.35
N GLU E 109 55.34 -42.09 -38.96
CA GLU E 109 54.83 -40.88 -38.30
C GLU E 109 54.92 -40.93 -36.77
N ALA E 110 55.26 -42.11 -36.23
CA ALA E 110 55.43 -42.30 -34.77
C ALA E 110 56.74 -41.72 -34.24
N ALA E 111 57.86 -42.01 -34.93
CA ALA E 111 59.21 -41.61 -34.47
C ALA E 111 59.79 -40.37 -35.19
N VAL E 112 58.88 -39.48 -35.65
CA VAL E 112 59.24 -38.14 -36.18
C VAL E 112 59.77 -37.22 -35.06
N GLU E 113 60.56 -36.21 -35.43
CA GLU E 113 61.06 -35.22 -34.49
C GLU E 113 59.94 -34.30 -34.00
N VAL E 114 59.81 -34.20 -32.67
CA VAL E 114 58.73 -33.43 -31.98
C VAL E 114 58.93 -31.91 -32.10
N SER E 115 60.16 -31.46 -31.88
CA SER E 115 60.52 -30.03 -31.83
C SER E 115 60.52 -29.33 -33.20
N GLN E 116 61.07 -30.00 -34.22
CA GLN E 116 61.24 -29.47 -35.59
C GLN E 116 59.96 -28.90 -36.23
N LEU E 117 58.82 -29.49 -35.87
CA LEU E 117 57.48 -29.11 -36.34
C LEU E 117 57.14 -27.66 -35.95
N ARG E 118 56.40 -26.96 -36.80
CA ARG E 118 55.91 -25.61 -36.47
C ARG E 118 54.80 -25.63 -35.40
N ASP E 119 53.97 -26.66 -35.46
CA ASP E 119 52.97 -26.93 -34.42
C ASP E 119 53.25 -28.32 -33.80
N PRO E 120 54.06 -28.36 -32.70
CA PRO E 120 54.48 -29.63 -32.07
C PRO E 120 53.36 -30.49 -31.46
N GLN E 121 52.93 -31.51 -32.20
CA GLN E 121 52.00 -32.52 -31.70
C GLN E 121 52.49 -33.91 -32.09
N HIS E 122 52.53 -34.82 -31.11
CA HIS E 122 52.86 -36.23 -31.35
C HIS E 122 51.64 -36.92 -32.01
N ASP E 123 51.88 -38.06 -32.65
CA ASP E 123 50.83 -38.75 -33.38
C ASP E 123 49.79 -39.47 -32.51
N LEU E 124 50.20 -40.13 -31.42
CA LEU E 124 49.27 -40.83 -30.49
C LEU E 124 48.28 -39.94 -29.70
N GLU E 125 48.46 -38.62 -29.77
CA GLU E 125 47.49 -37.62 -29.23
C GLU E 125 46.68 -36.83 -30.31
N ARG E 126 46.98 -37.04 -31.58
CA ARG E 126 46.18 -36.51 -32.70
C ARG E 126 45.03 -37.45 -33.10
N VAL E 127 45.15 -38.73 -32.76
CA VAL E 127 44.14 -39.75 -33.11
C VAL E 127 43.76 -40.66 -31.93
N LYS E 128 42.61 -41.32 -32.07
CA LYS E 128 42.08 -42.23 -31.05
C LYS E 128 42.44 -43.67 -31.36
N LYS E 129 42.37 -44.05 -32.64
CA LYS E 129 42.90 -45.34 -33.10
C LYS E 129 44.06 -45.08 -34.08
N PRO E 130 45.22 -45.78 -33.90
CA PRO E 130 46.43 -45.54 -34.70
C PRO E 130 46.31 -45.68 -36.24
N GLU E 131 45.45 -46.59 -36.69
CA GLU E 131 45.27 -46.88 -38.12
C GLU E 131 44.28 -45.97 -38.86
N TRP E 132 43.65 -45.05 -38.11
CA TRP E 132 42.70 -44.08 -38.66
C TRP E 132 43.00 -42.65 -38.21
N VAL E 133 43.22 -41.78 -39.18
CA VAL E 133 43.39 -40.35 -38.93
C VAL E 133 42.26 -39.55 -39.60
N ILE E 134 41.51 -38.81 -38.77
CA ILE E 134 40.37 -38.02 -39.22
C ILE E 134 40.68 -36.53 -39.06
N LEU E 135 40.51 -35.79 -40.16
CA LEU E 135 40.94 -34.39 -40.30
C LEU E 135 39.98 -33.56 -41.17
N ILE E 136 39.93 -32.25 -40.95
CA ILE E 136 39.15 -31.35 -41.83
C ILE E 136 40.02 -30.96 -43.00
N GLY E 137 39.46 -31.07 -44.20
CA GLY E 137 40.17 -30.78 -45.46
C GLY E 137 40.12 -29.33 -45.89
N VAL E 138 40.39 -28.43 -44.93
CA VAL E 138 40.57 -27.01 -45.18
C VAL E 138 42.00 -26.61 -44.78
N CYS E 139 42.75 -26.06 -45.73
CA CYS E 139 44.11 -25.56 -45.53
C CYS E 139 44.07 -24.35 -44.60
N THR E 140 44.84 -24.41 -43.52
CA THR E 140 44.72 -23.46 -42.40
C THR E 140 45.13 -22.01 -42.66
N HIS E 141 45.99 -21.78 -43.65
CA HIS E 141 46.46 -20.41 -43.95
C HIS E 141 45.36 -19.49 -44.51
N LEU E 142 44.92 -19.76 -45.75
CA LEU E 142 43.92 -18.92 -46.43
C LEU E 142 42.82 -19.73 -47.16
N GLY E 143 42.59 -20.95 -46.68
CA GLY E 143 41.44 -21.77 -47.09
C GLY E 143 41.42 -22.29 -48.52
N CYS E 144 41.91 -23.50 -48.69
CA CYS E 144 41.83 -24.26 -49.95
C CYS E 144 41.38 -25.69 -49.62
N VAL E 145 41.40 -26.59 -50.60
CA VAL E 145 41.16 -28.02 -50.36
C VAL E 145 42.42 -28.83 -50.75
N PRO E 146 43.20 -29.32 -49.76
CA PRO E 146 44.44 -30.08 -50.06
C PRO E 146 44.20 -31.40 -50.80
N ILE E 147 45.08 -31.70 -51.75
CA ILE E 147 44.98 -32.90 -52.59
C ILE E 147 45.78 -34.05 -51.92
N ALA E 148 45.13 -35.21 -51.83
CA ALA E 148 45.67 -36.41 -51.15
C ALA E 148 46.78 -37.09 -51.93
N ASN E 149 47.63 -37.86 -51.22
CA ASN E 149 48.71 -38.69 -51.81
C ASN E 149 49.69 -37.92 -52.71
N ALA E 150 50.21 -36.80 -52.20
CA ALA E 150 51.14 -35.94 -52.94
C ALA E 150 51.94 -35.07 -51.97
N GLY E 151 52.79 -34.22 -52.53
CA GLY E 151 53.65 -33.33 -51.74
C GLY E 151 55.00 -33.94 -51.43
N ASP E 152 55.81 -33.18 -50.70
CA ASP E 152 57.14 -33.61 -50.30
C ASP E 152 57.08 -34.64 -49.17
N PHE E 153 56.28 -34.33 -48.14
CA PHE E 153 56.20 -35.18 -46.95
C PHE E 153 55.19 -36.34 -47.08
N GLY E 154 54.64 -36.50 -48.28
CA GLY E 154 53.82 -37.65 -48.66
C GLY E 154 52.54 -37.79 -47.85
N GLY E 155 51.69 -36.78 -47.97
CA GLY E 155 50.43 -36.78 -47.24
C GLY E 155 49.40 -35.94 -47.96
N TYR E 156 49.43 -34.66 -47.67
CA TYR E 156 48.58 -33.68 -48.33
C TYR E 156 49.44 -32.49 -48.79
N TYR E 157 49.14 -32.00 -50.01
CA TYR E 157 49.80 -30.84 -50.62
C TYR E 157 48.78 -29.86 -51.22
N CYS E 158 49.09 -28.57 -51.11
CA CYS E 158 48.19 -27.48 -51.52
C CYS E 158 48.84 -26.65 -52.64
N PRO E 159 48.16 -26.54 -53.83
CA PRO E 159 48.70 -25.70 -54.92
C PRO E 159 48.38 -24.18 -54.87
N CYS E 160 47.99 -23.66 -53.69
CA CYS E 160 47.61 -22.25 -53.50
C CYS E 160 48.79 -21.33 -53.20
N HIS E 161 49.55 -21.65 -52.14
CA HIS E 161 50.71 -20.86 -51.68
C HIS E 161 52.01 -21.69 -51.60
N GLY E 162 51.97 -22.83 -50.89
CA GLY E 162 53.12 -23.74 -50.83
C GLY E 162 53.28 -24.52 -49.53
N SER E 163 52.20 -25.15 -49.09
CA SER E 163 52.17 -25.91 -47.83
C SER E 163 52.33 -27.41 -48.05
N HIS E 164 53.07 -28.04 -47.14
CA HIS E 164 53.31 -29.49 -47.15
C HIS E 164 52.93 -30.14 -45.82
N TYR E 165 51.92 -30.99 -45.86
CA TYR E 165 51.46 -31.75 -44.70
C TYR E 165 51.96 -33.17 -44.78
N ASP E 166 52.31 -33.74 -43.62
CA ASP E 166 52.70 -35.15 -43.54
C ASP E 166 51.46 -36.06 -43.52
N ALA E 167 51.68 -37.37 -43.31
CA ALA E 167 50.61 -38.36 -43.23
C ALA E 167 49.74 -38.26 -41.96
N SER E 168 50.28 -37.65 -40.91
CA SER E 168 49.52 -37.35 -39.68
C SER E 168 48.72 -36.02 -39.73
N GLY E 169 48.82 -35.28 -40.83
CA GLY E 169 48.14 -33.98 -41.01
C GLY E 169 48.83 -32.74 -40.44
N ARG E 170 50.08 -32.92 -39.99
CA ARG E 170 50.89 -31.85 -39.38
C ARG E 170 51.68 -31.10 -40.43
N ILE E 171 51.70 -29.78 -40.32
CA ILE E 171 52.46 -28.92 -41.22
C ILE E 171 53.97 -29.11 -40.99
N ARG E 172 54.69 -29.35 -42.09
CA ARG E 172 56.13 -29.58 -42.08
C ARG E 172 56.88 -28.42 -42.74
N LYS E 173 56.60 -28.16 -44.03
CA LYS E 173 57.28 -27.11 -44.80
C LYS E 173 56.31 -26.24 -45.64
N GLY E 174 56.02 -25.04 -45.15
CA GLY E 174 55.10 -24.09 -45.80
C GLY E 174 54.57 -22.95 -44.92
N PRO E 175 53.72 -22.05 -45.50
CA PRO E 175 53.18 -20.86 -44.81
C PRO E 175 52.04 -21.05 -43.79
N ALA E 176 51.48 -22.25 -43.68
CA ALA E 176 50.38 -22.55 -42.74
C ALA E 176 50.81 -22.43 -41.26
N PRO E 177 50.02 -21.76 -40.41
CA PRO E 177 50.38 -21.56 -39.00
C PRO E 177 50.08 -22.76 -38.08
N LEU E 178 48.88 -23.32 -38.18
CA LEU E 178 48.46 -24.45 -37.31
C LEU E 178 48.08 -25.64 -38.19
N ASN E 179 48.40 -26.87 -37.74
CA ASN E 179 48.10 -28.10 -38.48
C ASN E 179 46.63 -28.18 -38.95
N LEU E 180 46.36 -29.08 -39.90
CA LEU E 180 44.99 -29.45 -40.31
C LEU E 180 44.19 -29.94 -39.09
N GLU E 181 42.94 -29.48 -38.99
CA GLU E 181 42.17 -29.56 -37.76
C GLU E 181 41.66 -30.96 -37.44
N VAL E 182 41.88 -31.38 -36.18
CA VAL E 182 41.40 -32.67 -35.65
C VAL E 182 40.02 -32.47 -35.03
N PRO E 183 38.96 -33.00 -35.69
CA PRO E 183 37.61 -32.86 -35.11
C PRO E 183 37.35 -33.78 -33.90
N SER E 184 36.17 -33.56 -33.32
CA SER E 184 35.64 -34.32 -32.22
C SER E 184 34.91 -35.54 -32.79
N TYR E 185 35.26 -36.73 -32.29
CA TYR E 185 34.62 -37.98 -32.77
C TYR E 185 34.78 -39.16 -31.79
N GLU E 186 34.02 -40.22 -32.05
CA GLU E 186 34.17 -41.51 -31.36
C GLU E 186 33.76 -42.68 -32.27
N PHE E 187 34.53 -43.76 -32.20
CA PHE E 187 34.20 -45.03 -32.86
C PHE E 187 33.11 -45.73 -32.06
N THR E 188 32.04 -46.15 -32.73
CA THR E 188 30.94 -46.86 -32.06
C THR E 188 31.09 -48.38 -32.15
N SER E 189 30.65 -48.94 -33.26
CA SER E 189 30.87 -50.34 -33.60
C SER E 189 32.19 -50.36 -34.35
N ASP E 190 33.03 -51.38 -34.15
CA ASP E 190 34.36 -51.38 -34.79
C ASP E 190 34.34 -51.18 -36.34
N ASP E 191 33.17 -51.37 -36.97
CA ASP E 191 32.96 -51.08 -38.42
C ASP E 191 32.61 -49.60 -38.78
N MET E 192 32.09 -48.85 -37.80
CA MET E 192 31.56 -47.50 -38.05
C MET E 192 32.21 -46.41 -37.19
N VAL E 193 32.18 -45.17 -37.71
CA VAL E 193 32.59 -43.96 -36.98
C VAL E 193 31.56 -42.82 -37.18
N ILE E 194 31.26 -42.11 -36.08
CA ILE E 194 30.45 -40.87 -36.12
C ILE E 194 31.38 -39.69 -35.82
N VAL E 195 31.40 -38.72 -36.73
CA VAL E 195 32.16 -37.48 -36.57
C VAL E 195 31.17 -36.40 -36.16
N GLY E 196 31.44 -35.73 -35.04
CA GLY E 196 30.61 -34.63 -34.56
C GLY E 196 30.32 -34.67 -33.08
N ARG F 1 -46.96 17.82 -15.48
CA ARG F 1 -48.44 17.67 -15.40
C ARG F 1 -48.90 16.22 -15.60
N TRP F 2 -48.75 15.71 -16.83
CA TRP F 2 -49.21 14.36 -17.22
C TRP F 2 -48.01 13.40 -17.37
N LEU F 3 -46.86 13.99 -17.69
CA LEU F 3 -45.57 13.28 -17.78
C LEU F 3 -44.94 13.04 -16.40
N GLU F 4 -45.63 13.46 -15.33
CA GLU F 4 -45.14 13.24 -13.95
C GLU F 4 -45.13 11.76 -13.60
N GLY F 5 -45.95 10.98 -14.30
CA GLY F 5 -45.94 9.52 -14.21
C GLY F 5 -44.63 8.92 -14.71
N ILE F 6 -44.17 9.44 -15.85
CA ILE F 6 -42.91 8.98 -16.49
C ILE F 6 -41.68 9.48 -15.71
N ARG F 7 -41.71 10.74 -15.28
CA ARG F 7 -40.65 11.32 -14.44
C ARG F 7 -40.41 10.51 -13.17
N LYS F 8 -41.50 10.07 -12.53
CA LYS F 8 -41.42 9.21 -11.34
C LYS F 8 -40.88 7.82 -11.70
N TRP F 9 -41.27 7.28 -12.87
CA TRP F 9 -40.75 5.98 -13.34
C TRP F 9 -39.26 6.07 -13.62
N TYR F 10 -38.88 7.02 -14.49
CA TYR F 10 -37.50 7.25 -14.87
C TYR F 10 -36.59 7.42 -13.65
N TYR F 11 -37.05 8.20 -12.66
CA TYR F 11 -36.30 8.44 -11.42
C TYR F 11 -35.83 7.14 -10.80
N ASN F 12 -36.77 6.22 -10.61
CA ASN F 12 -36.45 4.94 -10.01
C ASN F 12 -35.67 3.98 -10.90
N ALA F 13 -35.93 4.05 -12.20
CA ALA F 13 -35.16 3.30 -13.20
C ALA F 13 -33.68 3.68 -13.16
N ALA F 14 -33.41 5.00 -13.26
CA ALA F 14 -32.06 5.58 -13.14
C ALA F 14 -31.32 5.05 -11.92
N GLY F 15 -31.98 5.11 -10.77
CA GLY F 15 -31.56 4.41 -9.56
C GLY F 15 -30.40 4.96 -8.76
N PHE F 16 -30.09 6.26 -8.91
CA PHE F 16 -29.04 6.87 -8.08
C PHE F 16 -29.50 6.99 -6.64
N ASN F 17 -30.81 7.08 -6.48
CA ASN F 17 -31.47 7.06 -5.18
C ASN F 17 -31.15 5.84 -4.33
N LYS F 18 -30.85 4.72 -4.97
CA LYS F 18 -30.51 3.48 -4.27
C LYS F 18 -29.16 3.57 -3.54
N LEU F 19 -28.34 4.56 -3.91
CA LEU F 19 -27.07 4.84 -3.23
C LEU F 19 -27.16 6.00 -2.24
N GLY F 20 -28.38 6.48 -2.03
CA GLY F 20 -28.63 7.68 -1.23
C GLY F 20 -27.94 8.90 -1.81
N LEU F 21 -28.16 9.11 -3.11
CA LEU F 21 -27.69 10.32 -3.76
C LEU F 21 -28.89 11.12 -4.15
N MET F 22 -28.75 12.44 -4.15
CA MET F 22 -29.70 13.35 -4.79
C MET F 22 -29.24 13.66 -6.22
N ARG F 23 -30.17 14.09 -7.08
CA ARG F 23 -29.90 14.32 -8.49
C ARG F 23 -28.66 15.20 -8.72
N ASP F 24 -28.60 16.35 -8.04
CA ASP F 24 -27.48 17.29 -8.15
C ASP F 24 -26.10 16.77 -7.69
N ASP F 25 -26.06 15.61 -7.04
CA ASP F 25 -24.80 14.97 -6.72
C ASP F 25 -24.23 14.29 -7.96
N THR F 26 -25.13 13.85 -8.84
CA THR F 26 -24.76 13.09 -10.04
C THR F 26 -24.33 13.96 -11.22
N ILE F 27 -24.50 15.28 -11.09
CA ILE F 27 -24.16 16.24 -12.16
C ILE F 27 -22.69 16.14 -12.48
N HIS F 28 -22.39 16.05 -13.77
CA HIS F 28 -21.03 15.97 -14.28
C HIS F 28 -20.33 17.32 -14.07
N GLU F 29 -19.18 17.30 -13.42
CA GLU F 29 -18.48 18.51 -13.04
C GLU F 29 -17.80 19.18 -14.23
N ASN F 30 -18.41 20.23 -14.77
CA ASN F 30 -17.68 21.13 -15.68
C ASN F 30 -17.18 22.33 -14.86
N ASP F 31 -16.65 23.36 -15.52
CA ASP F 31 -16.15 24.57 -14.85
C ASP F 31 -17.21 25.38 -14.08
N ASP F 32 -18.43 25.41 -14.59
CA ASP F 32 -19.55 26.07 -13.90
C ASP F 32 -19.91 25.34 -12.62
N VAL F 33 -20.03 24.02 -12.70
CA VAL F 33 -20.44 23.19 -11.57
C VAL F 33 -19.39 23.28 -10.45
N LYS F 34 -18.11 23.22 -10.82
CA LYS F 34 -16.97 23.41 -9.91
C LYS F 34 -17.12 24.69 -9.09
N GLU F 35 -17.39 25.79 -9.79
CA GLU F 35 -17.63 27.10 -9.17
C GLU F 35 -18.87 27.13 -8.29
N ALA F 36 -19.93 26.49 -8.78
CA ALA F 36 -21.18 26.39 -8.01
C ALA F 36 -20.94 25.65 -6.69
N ILE F 37 -20.20 24.53 -6.77
CA ILE F 37 -19.84 23.71 -5.62
C ILE F 37 -19.04 24.54 -4.63
N ARG F 38 -18.06 25.27 -5.17
CA ARG F 38 -17.18 26.14 -4.40
C ARG F 38 -17.94 27.22 -3.63
N ARG F 39 -19.12 27.61 -4.13
CA ARG F 39 -19.96 28.61 -3.46
C ARG F 39 -20.98 28.05 -2.45
N LEU F 40 -21.01 26.73 -2.26
CA LEU F 40 -21.95 26.13 -1.31
C LEU F 40 -21.58 26.48 0.14
N PRO F 41 -22.59 26.64 1.05
CA PRO F 41 -22.29 26.87 2.47
C PRO F 41 -21.78 25.60 3.16
N GLU F 42 -21.09 25.76 4.28
CA GLU F 42 -20.44 24.61 4.97
C GLU F 42 -21.31 23.35 5.01
N ASN F 43 -22.53 23.50 5.53
CA ASN F 43 -23.49 22.42 5.66
C ASN F 43 -23.78 21.70 4.33
N LEU F 44 -24.17 22.43 3.28
CA LEU F 44 -24.50 21.81 1.99
C LEU F 44 -23.32 21.13 1.29
N TYR F 45 -22.13 21.70 1.46
CA TYR F 45 -20.93 21.11 0.91
C TYR F 45 -20.59 19.78 1.59
N ASN F 46 -20.51 19.78 2.92
CA ASN F 46 -20.16 18.58 3.70
C ASN F 46 -21.16 17.43 3.55
N ASP F 47 -22.44 17.77 3.34
CA ASP F 47 -23.49 16.80 3.04
C ASP F 47 -23.22 16.15 1.71
N ARG F 48 -22.93 16.98 0.71
CA ARG F 48 -22.59 16.53 -0.63
C ARG F 48 -21.41 15.55 -0.55
N VAL F 49 -20.36 15.98 0.18
CA VAL F 49 -19.12 15.22 0.39
C VAL F 49 -19.45 13.84 0.96
N PHE F 50 -20.31 13.81 1.97
CA PHE F 50 -20.64 12.54 2.58
C PHE F 50 -21.48 11.66 1.69
N ARG F 51 -22.54 12.21 1.11
CA ARG F 51 -23.49 11.43 0.30
C ARG F 51 -22.75 10.66 -0.81
N ILE F 52 -21.76 11.35 -1.41
CA ILE F 52 -20.91 10.82 -2.50
C ILE F 52 -19.98 9.73 -1.96
N LYS F 53 -19.29 10.06 -0.87
CA LYS F 53 -18.42 9.13 -0.14
C LYS F 53 -19.14 7.82 0.12
N ARG F 54 -20.40 7.93 0.59
CA ARG F 54 -21.25 6.79 0.90
C ARG F 54 -21.61 5.98 -0.33
N ALA F 55 -22.01 6.71 -1.38
CA ALA F 55 -22.30 6.12 -2.70
C ALA F 55 -21.10 5.39 -3.35
N LEU F 56 -19.92 6.03 -3.31
CA LEU F 56 -18.68 5.45 -3.81
C LEU F 56 -18.31 4.20 -3.05
N ASP F 57 -18.48 4.22 -1.73
CA ASP F 57 -18.21 3.05 -0.91
C ASP F 57 -19.18 1.91 -1.22
N LEU F 58 -20.46 2.25 -1.43
CA LEU F 58 -21.46 1.27 -1.85
C LEU F 58 -21.14 0.68 -3.22
N SER F 59 -20.80 1.56 -4.17
CA SER F 59 -20.37 1.16 -5.52
C SER F 59 -19.18 0.19 -5.50
N MET F 60 -18.23 0.46 -4.61
CA MET F 60 -17.05 -0.39 -4.37
C MET F 60 -17.43 -1.81 -3.94
N ARG F 61 -18.46 -1.92 -3.10
CA ARG F 61 -18.97 -3.23 -2.67
C ARG F 61 -20.02 -3.86 -3.60
N GLN F 62 -20.45 -3.11 -4.61
CA GLN F 62 -21.53 -3.50 -5.54
C GLN F 62 -22.84 -3.77 -4.82
N GLN F 63 -23.17 -2.89 -3.87
CA GLN F 63 -24.39 -2.99 -3.07
C GLN F 63 -25.14 -1.68 -3.08
N ILE F 64 -26.36 -1.75 -2.58
CA ILE F 64 -27.23 -0.58 -2.52
C ILE F 64 -27.68 -0.45 -1.07
N LEU F 65 -28.39 0.64 -0.76
CA LEU F 65 -28.96 0.83 0.57
C LEU F 65 -30.22 -0.04 0.74
N PRO F 66 -30.69 -0.20 2.00
CA PRO F 66 -32.06 -0.64 2.24
C PRO F 66 -33.10 0.32 1.64
N LYS F 67 -34.23 -0.24 1.16
CA LYS F 67 -35.28 0.51 0.45
C LYS F 67 -35.89 1.68 1.24
N GLU F 68 -35.95 1.56 2.58
CA GLU F 68 -36.40 2.65 3.45
C GLU F 68 -35.50 3.87 3.30
N GLN F 69 -34.20 3.61 3.16
CA GLN F 69 -33.19 4.65 3.07
C GLN F 69 -33.00 5.25 1.68
N TRP F 70 -33.67 4.73 0.64
CA TRP F 70 -33.52 5.30 -0.70
C TRP F 70 -34.07 6.70 -0.76
N THR F 71 -33.44 7.55 -1.58
CA THR F 71 -33.89 8.94 -1.78
C THR F 71 -35.27 8.94 -2.39
N LYS F 72 -36.22 9.56 -1.69
CA LYS F 72 -37.61 9.63 -2.14
C LYS F 72 -37.78 10.70 -3.21
N TYR F 73 -38.36 10.32 -4.35
CA TYR F 73 -38.57 11.25 -5.45
C TYR F 73 -39.00 12.66 -5.00
N GLU F 74 -39.98 12.72 -4.10
CA GLU F 74 -40.58 13.97 -3.61
C GLU F 74 -39.64 14.75 -2.70
N GLU F 75 -38.81 14.04 -1.93
CA GLU F 75 -37.84 14.65 -1.01
C GLU F 75 -36.47 15.02 -1.65
N ASP F 76 -36.35 14.91 -2.98
CA ASP F 76 -35.12 15.28 -3.68
C ASP F 76 -35.07 16.78 -3.91
N LYS F 77 -34.52 17.52 -2.95
CA LYS F 77 -34.35 18.97 -3.07
C LYS F 77 -33.26 19.30 -4.08
N SER F 78 -33.52 20.31 -4.90
CA SER F 78 -32.63 20.72 -5.99
C SER F 78 -31.54 21.71 -5.49
N TYR F 79 -30.69 21.25 -4.54
CA TYR F 79 -29.81 22.11 -3.70
C TYR F 79 -28.80 23.01 -4.43
N LEU F 80 -28.40 22.58 -5.63
CA LEU F 80 -27.36 23.23 -6.42
C LEU F 80 -27.90 24.27 -7.41
N GLU F 81 -29.20 24.19 -7.73
CA GLU F 81 -29.85 25.10 -8.71
C GLU F 81 -29.53 26.60 -8.53
N PRO F 82 -29.86 27.22 -7.35
CA PRO F 82 -29.58 28.66 -7.16
C PRO F 82 -28.13 29.12 -7.39
N TYR F 83 -27.16 28.28 -7.04
CA TYR F 83 -25.76 28.64 -7.19
C TYR F 83 -25.34 28.51 -8.64
N LEU F 84 -25.67 27.36 -9.24
CA LEU F 84 -25.33 27.04 -10.62
C LEU F 84 -25.99 27.95 -11.63
N LYS F 85 -27.27 28.26 -11.39
CA LYS F 85 -28.02 29.20 -12.24
C LYS F 85 -27.30 30.55 -12.36
N GLU F 86 -26.86 31.08 -11.21
CA GLU F 86 -26.14 32.36 -11.12
C GLU F 86 -24.72 32.33 -11.70
N VAL F 87 -24.01 31.24 -11.49
CA VAL F 87 -22.69 31.03 -12.09
C VAL F 87 -22.78 31.12 -13.63
N ILE F 88 -23.80 30.48 -14.19
CA ILE F 88 -24.05 30.47 -15.62
C ILE F 88 -24.49 31.85 -16.11
N ARG F 89 -25.45 32.45 -15.39
CA ARG F 89 -25.97 33.79 -15.66
C ARG F 89 -24.83 34.83 -15.69
N GLU F 90 -23.84 34.65 -14.80
CA GLU F 90 -22.66 35.50 -14.75
C GLU F 90 -21.76 35.35 -15.95
N ARG F 91 -21.46 34.11 -16.32
CA ARG F 91 -20.58 33.82 -17.46
C ARG F 91 -21.14 34.36 -18.77
N LYS F 92 -22.44 34.15 -18.99
CA LYS F 92 -23.16 34.68 -20.16
C LYS F 92 -23.08 36.21 -20.25
N GLU F 93 -23.04 36.89 -19.10
CA GLU F 93 -22.81 38.34 -19.05
C GLU F 93 -21.40 38.72 -19.53
N ARG F 94 -20.38 37.96 -19.12
CA ARG F 94 -19.01 38.24 -19.55
C ARG F 94 -18.81 37.94 -21.03
N GLU F 95 -19.50 36.91 -21.51
CA GLU F 95 -19.46 36.51 -22.91
C GLU F 95 -20.13 37.53 -23.81
N GLU F 96 -21.22 38.12 -23.32
CA GLU F 96 -21.89 39.23 -23.99
C GLU F 96 -20.99 40.46 -24.06
N TRP F 97 -20.44 40.83 -22.91
CA TRP F 97 -19.59 42.00 -22.80
C TRP F 97 -18.35 41.89 -23.66
N ALA F 98 -17.87 40.66 -23.88
CA ALA F 98 -16.76 40.38 -24.78
C ALA F 98 -17.07 40.54 -26.30
N LYS F 99 -18.25 41.09 -26.64
CA LYS F 99 -18.60 41.45 -28.04
C LYS F 99 -19.23 42.85 -28.12
N ARG G 1 -1.47 14.54 -8.92
CA ARG G 1 -1.62 15.26 -7.62
C ARG G 1 -1.59 14.31 -6.40
N GLN G 2 -0.71 14.63 -5.43
CA GLN G 2 -0.37 13.77 -4.27
C GLN G 2 -1.53 13.60 -3.28
N PHE G 3 -1.56 12.50 -2.51
CA PHE G 3 -2.42 12.40 -1.31
C PHE G 3 -2.08 13.51 -0.33
N GLY G 4 -3.10 14.22 0.16
CA GLY G 4 -2.91 15.40 1.01
C GLY G 4 -3.31 16.71 0.34
N HIS G 5 -3.44 16.67 -0.99
CA HIS G 5 -3.87 17.82 -1.81
C HIS G 5 -5.03 17.46 -2.76
N LEU G 6 -5.80 16.43 -2.41
CA LEU G 6 -6.88 15.96 -3.29
C LEU G 6 -8.09 16.84 -3.17
N THR G 7 -8.66 16.91 -1.95
CA THR G 7 -9.89 17.67 -1.68
C THR G 7 -10.17 17.96 -0.19
N ARG G 8 -11.21 18.75 0.10
CA ARG G 8 -11.63 19.09 1.46
C ARG G 8 -12.78 18.19 1.97
N VAL G 9 -12.60 17.55 3.13
CA VAL G 9 -13.58 16.66 3.76
C VAL G 9 -13.68 16.98 5.24
N ARG G 10 -14.91 17.04 5.76
CA ARG G 10 -15.11 17.37 7.18
C ARG G 10 -16.14 16.51 7.90
N HIS G 11 -15.73 16.05 9.09
CA HIS G 11 -16.56 15.32 10.08
C HIS G 11 -17.05 13.94 9.61
N VAL G 12 -16.11 13.17 9.04
CA VAL G 12 -16.39 11.83 8.55
C VAL G 12 -15.39 10.86 9.22
N ILE G 13 -15.90 9.97 10.06
CA ILE G 13 -15.11 8.94 10.74
C ILE G 13 -15.10 7.64 9.92
N THR G 14 -13.95 6.97 9.88
CA THR G 14 -13.82 5.69 9.18
C THR G 14 -13.24 4.68 10.15
N TYR G 15 -14.00 3.61 10.42
CA TYR G 15 -13.52 2.48 11.20
C TYR G 15 -13.16 1.33 10.26
N SER G 16 -12.08 0.59 10.56
CA SER G 16 -11.65 -0.56 9.76
C SER G 16 -10.78 -1.55 10.54
N LEU G 17 -10.77 -2.80 10.07
CA LEU G 17 -10.02 -3.89 10.70
C LEU G 17 -8.80 -4.30 9.90
N SER G 18 -7.81 -4.84 10.61
CA SER G 18 -6.64 -5.46 10.02
C SER G 18 -7.06 -6.67 9.25
N PRO G 19 -6.40 -6.92 8.10
CA PRO G 19 -6.70 -8.11 7.31
C PRO G 19 -6.35 -9.44 8.00
N PHE G 20 -5.50 -9.39 9.04
CA PHE G 20 -5.19 -10.60 9.81
C PHE G 20 -6.23 -10.90 10.88
N GLU G 21 -7.05 -9.90 11.21
CA GLU G 21 -8.12 -10.03 12.19
C GLU G 21 -9.41 -10.57 11.56
N GLN G 22 -9.50 -10.51 10.24
CA GLN G 22 -10.74 -10.90 9.55
C GLN G 22 -10.59 -11.99 8.49
N ARG G 23 -11.72 -12.53 8.04
CA ARG G 23 -11.77 -13.61 7.06
C ARG G 23 -11.86 -13.04 5.67
N ALA G 24 -11.23 -13.73 4.72
CA ALA G 24 -11.19 -13.32 3.31
C ALA G 24 -12.56 -13.41 2.61
N PHE G 25 -13.35 -14.40 3.03
CA PHE G 25 -14.64 -14.69 2.40
C PHE G 25 -15.81 -14.71 3.40
N PRO G 26 -16.08 -13.58 4.07
CA PRO G 26 -17.21 -13.62 5.02
C PRO G 26 -18.54 -13.75 4.27
N HIS G 27 -19.32 -14.77 4.62
CA HIS G 27 -20.67 -14.99 4.06
C HIS G 27 -20.69 -14.97 2.51
N TYR G 28 -19.71 -15.67 1.93
CA TYR G 28 -19.41 -15.72 0.48
C TYR G 28 -20.55 -16.26 -0.40
N PHE G 29 -21.15 -17.37 0.05
CA PHE G 29 -22.37 -17.90 -0.59
C PHE G 29 -23.64 -17.28 0.01
N SER G 30 -23.72 -17.22 1.35
CA SER G 30 -24.87 -16.67 2.12
C SER G 30 -25.39 -15.32 1.64
N LYS G 31 -24.49 -14.34 1.53
CA LYS G 31 -24.81 -12.99 1.09
C LYS G 31 -24.43 -12.77 -0.39
N GLY G 32 -23.50 -13.57 -0.91
CA GLY G 32 -22.99 -13.44 -2.28
C GLY G 32 -24.01 -13.80 -3.34
N ILE G 33 -24.58 -15.00 -3.22
CA ILE G 33 -25.60 -15.51 -4.14
C ILE G 33 -26.78 -14.53 -4.30
N PRO G 34 -27.43 -14.07 -3.19
CA PRO G 34 -28.53 -13.12 -3.37
C PRO G 34 -28.13 -11.79 -4.02
N ASN G 35 -26.95 -11.28 -3.68
CA ASN G 35 -26.46 -10.04 -4.26
C ASN G 35 -26.19 -10.19 -5.76
N VAL G 36 -25.72 -11.37 -6.19
CA VAL G 36 -25.55 -11.71 -7.62
C VAL G 36 -26.87 -11.66 -8.38
N LEU G 37 -27.88 -12.34 -7.83
CA LEU G 37 -29.22 -12.40 -8.41
C LEU G 37 -29.85 -11.01 -8.50
N ARG G 38 -29.60 -10.17 -7.48
CA ARG G 38 -30.08 -8.77 -7.45
C ARG G 38 -29.45 -7.98 -8.58
N ARG G 39 -28.15 -8.16 -8.75
CA ARG G 39 -27.38 -7.47 -9.77
C ARG G 39 -27.72 -7.95 -11.18
N THR G 40 -27.97 -9.25 -11.31
CA THR G 40 -28.38 -9.86 -12.59
C THR G 40 -29.78 -9.39 -13.01
N ARG G 41 -30.74 -9.43 -12.07
CA ARG G 41 -32.12 -8.94 -12.29
C ARG G 41 -32.13 -7.46 -12.70
N ALA G 42 -31.24 -6.67 -12.09
CA ALA G 42 -31.19 -5.21 -12.30
C ALA G 42 -30.77 -4.81 -13.72
N CYS G 43 -29.85 -5.56 -14.32
CA CYS G 43 -29.38 -5.21 -15.64
C CYS G 43 -29.93 -6.08 -16.78
N ILE G 44 -30.61 -7.19 -16.46
CA ILE G 44 -31.00 -8.21 -17.46
C ILE G 44 -31.78 -7.69 -18.66
N LEU G 45 -32.82 -6.89 -18.42
CA LEU G 45 -33.63 -6.40 -19.52
C LEU G 45 -33.16 -5.05 -20.08
N ARG G 46 -31.93 -4.68 -19.77
CA ARG G 46 -31.17 -3.68 -20.53
C ARG G 46 -30.18 -4.37 -21.43
N VAL G 47 -29.48 -5.39 -20.87
CA VAL G 47 -28.39 -6.12 -21.53
C VAL G 47 -28.92 -7.15 -22.55
N ALA G 48 -29.88 -7.98 -22.10
CA ALA G 48 -30.35 -9.15 -22.87
C ALA G 48 -31.10 -8.87 -24.18
N PRO G 49 -32.15 -8.01 -24.19
CA PRO G 49 -32.95 -7.80 -25.41
C PRO G 49 -32.17 -7.65 -26.76
N PRO G 50 -31.10 -6.80 -26.81
CA PRO G 50 -30.30 -6.72 -28.05
C PRO G 50 -29.67 -8.04 -28.48
N PHE G 51 -29.17 -8.82 -27.52
CA PHE G 51 -28.56 -10.09 -27.84
C PHE G 51 -29.55 -11.20 -28.21
N VAL G 52 -30.77 -11.13 -27.68
CA VAL G 52 -31.88 -11.97 -28.15
C VAL G 52 -32.09 -11.65 -29.63
N ALA G 53 -32.21 -10.35 -29.93
CA ALA G 53 -32.38 -9.84 -31.30
C ALA G 53 -31.28 -10.29 -32.27
N PHE G 54 -30.02 -10.26 -31.80
CA PHE G 54 -28.89 -10.78 -32.58
C PHE G 54 -29.10 -12.26 -32.89
N TYR G 55 -29.40 -13.05 -31.86
CA TYR G 55 -29.64 -14.48 -32.01
C TYR G 55 -30.70 -14.77 -33.09
N LEU G 56 -31.76 -13.94 -33.09
CA LEU G 56 -32.87 -14.13 -34.01
C LEU G 56 -32.50 -13.72 -35.42
N VAL G 57 -31.91 -12.54 -35.58
CA VAL G 57 -31.44 -12.06 -36.90
C VAL G 57 -30.37 -12.99 -37.51
N TYR G 58 -29.58 -13.61 -36.62
CA TYR G 58 -28.58 -14.58 -37.03
C TYR G 58 -29.21 -15.89 -37.52
N THR G 59 -30.01 -16.55 -36.67
CA THR G 59 -30.62 -17.85 -37.02
C THR G 59 -31.64 -17.75 -38.18
N TRP G 60 -32.25 -16.58 -38.32
CA TRP G 60 -33.13 -16.30 -39.48
C TRP G 60 -32.29 -16.25 -40.76
N GLY G 61 -31.28 -15.37 -40.75
CA GLY G 61 -30.40 -15.15 -41.89
C GLY G 61 -29.62 -16.37 -42.34
N THR G 62 -29.25 -17.24 -41.39
CA THR G 62 -28.47 -18.44 -41.68
C THR G 62 -29.29 -19.43 -42.51
N GLN G 63 -30.45 -19.84 -41.99
CA GLN G 63 -31.27 -20.83 -42.67
C GLN G 63 -32.04 -20.25 -43.87
N GLU G 64 -32.09 -18.93 -43.97
CA GLU G 64 -32.57 -18.23 -45.17
C GLU G 64 -31.57 -18.36 -46.32
N PHE G 65 -30.28 -18.28 -46.00
CA PHE G 65 -29.20 -18.54 -46.95
C PHE G 65 -29.19 -20.00 -47.45
N GLU G 66 -29.55 -20.94 -46.57
CA GLU G 66 -29.65 -22.36 -46.96
C GLU G 66 -30.83 -22.63 -47.90
N LYS G 67 -32.01 -22.12 -47.54
CA LYS G 67 -33.22 -22.26 -48.36
C LYS G 67 -33.04 -21.66 -49.75
N SER G 68 -32.47 -20.45 -49.80
CA SER G 68 -32.23 -19.76 -51.07
C SER G 68 -31.35 -20.54 -52.05
N LYS G 69 -30.41 -21.33 -51.53
CA LYS G 69 -29.53 -22.17 -52.36
C LYS G 69 -30.15 -23.49 -52.90
N ARG G 70 -31.27 -23.91 -52.31
CA ARG G 70 -32.05 -25.03 -52.85
C ARG G 70 -32.81 -24.63 -54.12
N LYS G 71 -33.17 -25.62 -54.94
CA LYS G 71 -34.07 -25.43 -56.09
C LYS G 71 -35.51 -25.24 -55.62
N ASN G 72 -36.28 -24.45 -56.39
CA ASN G 72 -37.68 -24.16 -56.09
C ASN G 72 -38.60 -25.10 -56.91
N PRO G 73 -39.70 -25.64 -56.32
CA PRO G 73 -40.52 -26.57 -57.13
C PRO G 73 -41.39 -25.90 -58.25
N ALA G 74 -40.74 -25.44 -59.32
CA ALA G 74 -41.36 -24.80 -60.51
C ALA G 74 -40.31 -24.55 -61.60
N LEU H 1 -13.28 -60.79 -47.12
CA LEU H 1 -13.16 -59.53 -46.33
C LEU H 1 -14.38 -58.62 -46.52
N VAL H 2 -15.12 -58.41 -45.42
CA VAL H 2 -16.21 -57.43 -45.36
C VAL H 2 -15.74 -56.16 -44.65
N ASP H 3 -16.01 -55.00 -45.28
CA ASP H 3 -15.71 -53.67 -44.71
C ASP H 3 -16.73 -53.38 -43.62
N PRO H 4 -16.27 -52.97 -42.41
CA PRO H 4 -17.24 -52.51 -41.42
C PRO H 4 -18.08 -51.31 -41.88
N LEU H 5 -17.52 -50.48 -42.77
CA LEU H 5 -18.20 -49.29 -43.32
C LEU H 5 -19.50 -49.62 -44.05
N THR H 6 -19.40 -50.47 -45.07
CA THR H 6 -20.55 -50.85 -45.89
C THR H 6 -21.64 -51.63 -45.11
N THR H 7 -21.24 -52.32 -44.03
CA THR H 7 -22.19 -52.96 -43.08
C THR H 7 -23.02 -51.90 -42.38
N VAL H 8 -22.34 -50.91 -41.79
CA VAL H 8 -22.99 -49.83 -41.02
C VAL H 8 -23.83 -48.88 -41.90
N ARG H 9 -23.35 -48.60 -43.12
CA ARG H 9 -24.12 -47.82 -44.10
C ARG H 9 -25.48 -48.44 -44.43
N GLU H 10 -25.52 -49.77 -44.51
CA GLU H 10 -26.76 -50.53 -44.63
C GLU H 10 -27.63 -50.40 -43.37
N GLN H 11 -27.02 -50.64 -42.19
CA GLN H 11 -27.71 -50.58 -40.89
C GLN H 11 -28.41 -49.24 -40.68
N CYS H 12 -27.70 -48.15 -40.97
CA CYS H 12 -28.22 -46.78 -40.85
C CYS H 12 -29.28 -46.44 -41.90
N GLU H 13 -29.15 -47.02 -43.11
CA GLU H 13 -30.09 -46.77 -44.23
C GLU H 13 -31.56 -47.13 -43.93
N GLN H 14 -31.77 -48.12 -43.04
CA GLN H 14 -33.11 -48.54 -42.63
C GLN H 14 -33.54 -47.85 -41.32
N LEU H 15 -33.44 -46.52 -41.29
CA LEU H 15 -34.02 -45.67 -40.22
C LEU H 15 -35.07 -44.73 -40.78
N GLU H 16 -35.99 -44.25 -39.95
CA GLU H 16 -37.13 -43.40 -40.39
C GLU H 16 -36.71 -42.12 -41.14
N LYS H 17 -35.68 -41.45 -40.62
CA LYS H 17 -35.12 -40.22 -41.21
C LYS H 17 -34.42 -40.52 -42.55
N CYS H 18 -33.78 -41.69 -42.64
CA CYS H 18 -33.12 -42.13 -43.88
C CYS H 18 -34.12 -42.54 -44.98
N VAL H 19 -35.01 -43.49 -44.65
CA VAL H 19 -36.01 -44.03 -45.56
C VAL H 19 -36.98 -42.98 -46.12
N LYS H 20 -37.34 -41.97 -45.30
CA LYS H 20 -38.10 -40.80 -45.77
C LYS H 20 -37.33 -39.94 -46.79
N ALA H 21 -36.04 -39.75 -46.54
CA ALA H 21 -35.12 -39.03 -47.43
C ALA H 21 -34.75 -39.82 -48.68
N ARG H 22 -34.73 -41.15 -48.55
CA ARG H 22 -34.43 -42.08 -49.64
C ARG H 22 -35.59 -42.11 -50.64
N GLU H 23 -36.81 -41.95 -50.14
CA GLU H 23 -38.00 -41.84 -50.98
C GLU H 23 -38.07 -40.50 -51.71
N ARG H 24 -37.63 -39.43 -51.06
CA ARG H 24 -37.48 -38.11 -51.70
C ARG H 24 -36.49 -38.18 -52.87
N LEU H 25 -35.41 -38.95 -52.68
CA LEU H 25 -34.42 -39.23 -53.71
C LEU H 25 -35.00 -40.02 -54.88
N GLU H 26 -35.78 -41.04 -54.58
CA GLU H 26 -36.38 -41.89 -55.60
C GLU H 26 -37.52 -41.22 -56.37
N LEU H 27 -38.18 -40.24 -55.73
CA LEU H 27 -39.22 -39.44 -56.37
C LEU H 27 -38.67 -38.71 -57.57
N CYS H 28 -37.60 -37.94 -57.38
CA CYS H 28 -36.98 -37.18 -58.45
C CYS H 28 -36.15 -38.06 -59.39
N ASP H 29 -35.72 -39.24 -58.93
CA ASP H 29 -35.06 -40.23 -59.80
C ASP H 29 -35.97 -40.55 -60.98
N GLU H 30 -37.16 -41.09 -60.68
CA GLU H 30 -38.16 -41.33 -61.73
C GLU H 30 -39.17 -40.19 -61.87
N ARG H 31 -38.65 -38.96 -61.83
CA ARG H 31 -39.35 -37.75 -62.30
C ARG H 31 -38.51 -37.13 -63.41
N VAL H 32 -37.21 -36.98 -63.17
CA VAL H 32 -36.28 -36.43 -64.17
C VAL H 32 -35.87 -37.48 -65.23
N SER H 33 -35.71 -38.74 -64.82
CA SER H 33 -35.37 -39.79 -65.77
C SER H 33 -36.59 -40.28 -66.56
N SER H 34 -37.79 -39.91 -66.14
CA SER H 34 -39.03 -40.14 -66.91
C SER H 34 -39.38 -38.99 -67.89
N ARG H 35 -39.29 -37.75 -67.41
CA ARG H 35 -39.50 -36.55 -68.25
C ARG H 35 -38.31 -36.34 -69.20
N SER H 36 -38.59 -35.69 -70.32
CA SER H 36 -37.56 -35.35 -71.28
C SER H 36 -37.26 -33.85 -71.23
N GLN H 37 -36.01 -33.49 -71.59
CA GLN H 37 -35.56 -32.10 -71.76
C GLN H 37 -35.98 -31.08 -70.67
N THR H 38 -35.51 -31.29 -69.43
CA THR H 38 -35.49 -30.24 -68.38
C THR H 38 -34.13 -30.31 -67.66
N GLU H 39 -33.46 -29.16 -67.59
CA GLU H 39 -32.08 -29.07 -67.12
C GLU H 39 -31.89 -29.28 -65.60
N GLU H 40 -32.99 -29.55 -64.88
CA GLU H 40 -33.00 -29.83 -63.44
C GLU H 40 -32.41 -31.23 -63.17
N ASP H 41 -31.62 -31.34 -62.10
CA ASP H 41 -30.99 -32.61 -61.68
C ASP H 41 -31.42 -33.01 -60.25
N CYS H 42 -30.72 -33.99 -59.67
CA CYS H 42 -31.05 -34.51 -58.33
C CYS H 42 -29.90 -34.52 -57.32
N THR H 43 -29.00 -33.54 -57.37
CA THR H 43 -27.88 -33.45 -56.41
C THR H 43 -28.41 -33.21 -55.00
N GLU H 44 -29.26 -32.19 -54.86
CA GLU H 44 -29.91 -31.81 -53.62
C GLU H 44 -30.47 -32.98 -52.81
N GLU H 45 -31.26 -33.84 -53.46
CA GLU H 45 -31.94 -34.95 -52.78
C GLU H 45 -30.99 -36.02 -52.28
N LEU H 46 -29.91 -36.25 -53.03
CA LEU H 46 -28.85 -37.18 -52.64
C LEU H 46 -28.14 -36.71 -51.37
N LEU H 47 -27.86 -35.42 -51.33
CA LEU H 47 -27.13 -34.82 -50.22
C LEU H 47 -27.96 -34.79 -48.94
N ASP H 48 -29.29 -34.62 -49.08
CA ASP H 48 -30.24 -34.75 -47.97
C ASP H 48 -30.16 -36.13 -47.37
N PHE H 49 -30.10 -37.15 -48.24
CA PHE H 49 -30.00 -38.54 -47.81
C PHE H 49 -28.66 -38.83 -47.13
N LEU H 50 -27.57 -38.40 -47.75
CA LEU H 50 -26.23 -38.64 -47.20
C LEU H 50 -25.96 -37.94 -45.87
N HIS H 51 -26.49 -36.72 -45.70
CA HIS H 51 -26.42 -35.95 -44.44
C HIS H 51 -27.00 -36.73 -43.28
N ALA H 52 -28.21 -37.26 -43.47
CA ALA H 52 -28.86 -38.12 -42.49
C ALA H 52 -28.16 -39.48 -42.30
N ARG H 53 -27.72 -40.09 -43.41
CA ARG H 53 -27.04 -41.39 -43.37
C ARG H 53 -25.68 -41.31 -42.65
N ASP H 54 -24.78 -40.48 -43.18
CA ASP H 54 -23.40 -40.42 -42.70
C ASP H 54 -23.23 -39.82 -41.31
N HIS H 55 -24.25 -39.08 -40.85
CA HIS H 55 -24.30 -38.63 -39.46
C HIS H 55 -24.42 -39.83 -38.53
N CYS H 56 -25.35 -40.73 -38.85
CA CYS H 56 -25.52 -42.02 -38.14
C CYS H 56 -24.29 -42.92 -38.24
N VAL H 57 -23.69 -42.99 -39.44
CA VAL H 57 -22.51 -43.85 -39.72
C VAL H 57 -21.37 -43.45 -38.77
N ALA H 58 -21.12 -42.14 -38.68
CA ALA H 58 -20.13 -41.55 -37.78
C ALA H 58 -20.28 -42.02 -36.33
N HIS H 59 -21.52 -42.04 -35.84
CA HIS H 59 -21.80 -42.34 -34.43
C HIS H 59 -21.43 -43.74 -33.97
N LYS H 60 -21.24 -44.66 -34.92
CA LYS H 60 -20.85 -46.05 -34.57
C LYS H 60 -19.91 -46.82 -35.54
N LEU H 61 -19.42 -46.18 -36.59
CA LEU H 61 -18.41 -46.79 -37.48
C LEU H 61 -17.09 -47.06 -36.75
N PHE H 62 -16.69 -46.11 -35.92
CA PHE H 62 -15.39 -46.14 -35.27
C PHE H 62 -15.23 -47.22 -34.21
N ASN H 63 -16.34 -47.87 -33.86
CA ASN H 63 -16.34 -49.00 -32.95
C ASN H 63 -15.58 -50.21 -33.52
N SER H 64 -15.68 -50.41 -34.84
CA SER H 64 -15.08 -51.55 -35.52
C SER H 64 -13.65 -51.33 -36.03
N LEU H 65 -12.93 -50.37 -35.43
CA LEU H 65 -11.62 -49.96 -35.93
C LEU H 65 -10.55 -49.84 -34.83
N ALA I 1 15.56 14.14 30.32
CA ALA I 1 15.19 12.76 29.89
C ALA I 1 13.69 12.43 30.03
N VAL I 2 12.99 13.15 30.92
CA VAL I 2 11.51 13.05 31.08
C VAL I 2 10.81 14.08 30.13
N PRO I 3 9.75 13.65 29.35
CA PRO I 3 9.01 14.62 28.48
C PRO I 3 8.14 15.53 29.34
N ALA I 4 7.84 16.74 28.86
CA ALA I 4 7.19 17.74 29.71
C ALA I 4 5.72 17.54 29.93
N THR I 5 5.20 18.40 30.82
CA THR I 5 3.82 18.51 31.21
C THR I 5 2.86 18.69 30.01
N SER I 6 3.32 19.43 28.99
CA SER I 6 2.60 19.70 27.75
C SER I 6 3.57 19.69 26.56
N GLU I 7 3.28 18.86 25.56
CA GLU I 7 4.03 18.82 24.28
C GLU I 7 3.60 20.00 23.42
N SER I 8 4.56 20.78 22.94
CA SER I 8 4.30 22.09 22.30
C SER I 8 4.23 21.92 20.79
N PRO I 9 3.16 22.46 20.14
CA PRO I 9 3.11 22.75 18.71
C PRO I 9 2.83 24.24 18.42
N VAL I 10 3.28 24.66 17.23
CA VAL I 10 3.06 26.02 16.66
C VAL I 10 1.95 25.87 15.62
N LEU I 11 1.05 26.85 15.54
CA LEU I 11 -0.10 26.81 14.64
C LEU I 11 -1.14 25.72 14.98
N ASP I 12 -1.20 25.27 16.24
CA ASP I 12 -2.21 24.26 16.70
C ASP I 12 -3.34 24.91 17.52
N LEU I 13 -4.61 24.77 17.08
CA LEU I 13 -5.79 25.48 17.64
C LEU I 13 -5.97 25.31 19.16
N LYS I 14 -6.32 26.41 19.82
CA LYS I 14 -6.24 26.54 21.27
C LYS I 14 -7.35 25.77 21.98
N ARG I 15 -7.05 25.37 23.22
CA ARG I 15 -7.93 24.52 24.02
C ARG I 15 -8.95 25.38 24.79
N SER I 16 -10.24 25.07 24.64
CA SER I 16 -11.35 25.84 25.24
C SER I 16 -11.49 25.71 26.76
N VAL I 17 -12.14 26.70 27.36
CA VAL I 17 -12.56 26.71 28.77
C VAL I 17 -14.06 27.01 28.82
N LEU I 18 -14.83 26.20 29.56
CA LEU I 18 -16.31 26.30 29.62
C LEU I 18 -16.96 26.48 31.02
N CYS I 19 -16.18 26.42 32.10
CA CYS I 19 -16.72 26.41 33.47
C CYS I 19 -15.75 26.99 34.53
N ARG I 20 -16.24 27.22 35.76
CA ARG I 20 -15.42 27.68 36.91
C ARG I 20 -14.35 26.65 37.31
N GLU I 21 -14.75 25.37 37.33
CA GLU I 21 -13.91 24.24 37.73
C GLU I 21 -12.64 24.04 36.91
N SER I 22 -12.69 24.40 35.61
CA SER I 22 -11.52 24.36 34.73
C SER I 22 -10.76 25.69 34.68
N LEU I 23 -11.46 26.80 34.94
CA LEU I 23 -10.88 28.15 34.86
C LEU I 23 -10.05 28.62 36.08
N ARG I 24 -10.32 28.09 37.29
CA ARG I 24 -9.52 28.41 38.51
C ARG I 24 -8.14 27.73 38.46
N GLY I 25 -7.12 28.43 38.95
CA GLY I 25 -5.71 28.02 38.83
C GLY I 25 -4.95 28.82 37.79
N GLN I 26 -5.70 29.41 36.85
CA GLN I 26 -5.20 30.23 35.72
C GLN I 26 -4.72 31.63 36.13
N ALA I 27 -5.45 32.29 37.02
CA ALA I 27 -5.16 33.67 37.43
C ALA I 27 -3.76 33.76 38.02
N ALA I 28 -2.89 34.53 37.34
CA ALA I 28 -1.47 34.66 37.69
C ALA I 28 -1.25 35.36 39.02
N GLY I 29 -0.34 34.81 39.81
CA GLY I 29 -0.12 35.27 41.18
C GLY I 29 1.31 35.66 41.49
N ARG I 30 2.22 35.29 40.59
CA ARG I 30 3.66 35.56 40.73
C ARG I 30 4.27 35.86 39.31
N PRO I 31 5.43 36.57 39.23
CA PRO I 31 5.95 37.03 37.91
C PRO I 31 6.49 35.91 37.04
N LEU I 32 6.75 36.18 35.77
CA LEU I 32 7.04 35.11 34.84
C LEU I 32 8.43 34.49 34.97
N VAL I 33 8.49 33.21 34.62
CA VAL I 33 9.71 32.44 34.52
C VAL I 33 9.70 31.81 33.14
N ALA I 34 10.86 31.67 32.52
CA ALA I 34 10.97 30.99 31.24
C ALA I 34 12.11 29.99 31.27
N SER I 35 11.82 28.72 30.93
CA SER I 35 12.87 27.72 30.70
C SER I 35 12.92 27.29 29.23
N VAL I 36 14.13 27.01 28.74
CA VAL I 36 14.35 26.32 27.46
C VAL I 36 15.35 25.22 27.81
N SER I 37 15.44 24.16 26.99
CA SER I 37 16.31 23.04 27.34
C SER I 37 17.06 22.37 26.16
N LEU I 38 17.70 21.24 26.48
CA LEU I 38 18.13 20.23 25.52
C LEU I 38 17.10 19.09 25.37
N ASN I 39 16.61 18.60 26.51
CA ASN I 39 15.70 17.46 26.56
C ASN I 39 14.22 17.78 26.76
N VAL I 40 13.90 18.73 27.65
CA VAL I 40 12.50 19.01 28.09
C VAL I 40 11.86 20.16 27.25
N PRO I 41 10.55 20.01 26.86
CA PRO I 41 9.79 21.10 26.20
C PRO I 41 9.81 22.42 26.96
N ALA I 42 9.86 23.52 26.19
CA ALA I 42 9.96 24.87 26.74
C ALA I 42 8.66 25.28 27.44
N SER I 43 8.79 25.83 28.65
CA SER I 43 7.66 26.26 29.49
C SER I 43 7.77 27.70 30.00
N VAL I 44 6.61 28.29 30.28
CA VAL I 44 6.47 29.65 30.82
C VAL I 44 5.61 29.59 32.10
N ARG I 45 6.14 30.02 33.25
CA ARG I 45 5.43 29.90 34.54
C ARG I 45 4.89 31.22 35.07
N TYR I 46 3.88 31.16 35.92
CA TYR I 46 3.62 32.23 36.89
C TYR I 46 4.52 31.94 38.12
N ALA J 1 1.60 -27.84 22.62
CA ALA J 1 2.06 -27.47 21.24
C ALA J 1 1.15 -26.43 20.56
N PRO J 2 1.73 -25.37 19.95
CA PRO J 2 0.93 -24.43 19.15
C PRO J 2 0.53 -25.07 17.81
N THR J 3 -0.47 -24.50 17.14
CA THR J 3 -1.01 -25.04 15.86
C THR J 3 0.00 -25.18 14.70
N LEU J 4 -0.40 -25.89 13.63
CA LEU J 4 0.47 -26.21 12.49
C LEU J 4 0.95 -24.97 11.73
N THR J 5 -0.01 -24.11 11.39
CA THR J 5 0.24 -22.83 10.75
C THR J 5 1.21 -21.97 11.59
N ALA J 6 1.04 -22.01 12.92
CA ALA J 6 1.93 -21.29 13.86
C ALA J 6 3.38 -21.78 13.87
N ARG J 7 3.57 -23.11 13.86
CA ARG J 7 4.90 -23.72 13.71
C ARG J 7 5.55 -23.28 12.42
N LEU J 8 4.77 -23.30 11.32
CA LEU J 8 5.20 -22.84 9.99
C LEU J 8 5.69 -21.40 9.97
N TYR J 9 4.95 -20.52 10.68
CA TYR J 9 5.28 -19.10 10.77
C TYR J 9 6.59 -18.87 11.51
N SER J 10 6.68 -19.35 12.75
CA SER J 10 7.87 -19.16 13.59
C SER J 10 9.15 -19.78 12.98
N LEU J 11 9.03 -20.95 12.36
CA LEU J 11 10.18 -21.67 11.80
C LEU J 11 10.56 -21.22 10.40
N LEU J 12 9.58 -20.99 9.54
CA LEU J 12 9.86 -20.65 8.13
C LEU J 12 9.59 -19.21 7.68
N PHE J 13 8.47 -18.61 8.12
CA PHE J 13 7.93 -17.39 7.50
C PHE J 13 8.24 -16.06 8.16
N ARG J 14 8.76 -16.07 9.38
CA ARG J 14 8.92 -14.81 10.12
C ARG J 14 10.09 -13.95 9.60
N ARG J 15 11.31 -14.51 9.65
CA ARG J 15 12.46 -13.88 8.99
C ARG J 15 12.29 -14.00 7.48
N THR J 16 12.47 -12.89 6.77
CA THR J 16 12.27 -12.86 5.32
C THR J 16 13.35 -13.67 4.60
N SER J 17 14.53 -13.78 5.21
CA SER J 17 15.58 -14.66 4.71
C SER J 17 15.17 -16.16 4.72
N THR J 18 14.56 -16.63 5.82
CA THR J 18 14.04 -18.02 5.89
C THR J 18 12.85 -18.27 4.95
N PHE J 19 11.98 -17.26 4.83
CA PHE J 19 10.80 -17.24 3.96
C PHE J 19 11.20 -17.47 2.50
N ALA J 20 12.29 -16.84 2.09
CA ALA J 20 12.80 -16.96 0.72
C ALA J 20 13.49 -18.30 0.46
N LEU J 21 14.31 -18.76 1.40
CA LEU J 21 14.95 -20.06 1.27
C LEU J 21 13.92 -21.17 1.22
N THR J 22 12.85 -21.04 2.02
CA THR J 22 11.68 -21.93 1.99
C THR J 22 11.07 -22.03 0.61
N ILE J 23 10.88 -20.88 -0.04
CA ILE J 23 10.26 -20.83 -1.36
C ILE J 23 11.13 -21.56 -2.40
N VAL J 24 12.43 -21.29 -2.37
CA VAL J 24 13.39 -21.89 -3.30
C VAL J 24 13.47 -23.43 -3.16
N VAL J 25 13.56 -23.90 -1.91
CA VAL J 25 13.54 -25.35 -1.59
C VAL J 25 12.22 -25.99 -2.02
N GLY J 26 11.11 -25.42 -1.55
CA GLY J 26 9.76 -25.90 -1.87
C GLY J 26 9.45 -25.95 -3.34
N ALA J 27 9.98 -24.97 -4.09
CA ALA J 27 9.77 -24.94 -5.52
C ALA J 27 10.48 -26.10 -6.22
N LEU J 28 11.65 -26.52 -5.73
CA LEU J 28 12.33 -27.68 -6.28
C LEU J 28 11.52 -28.95 -6.06
N PHE J 29 11.13 -29.19 -4.81
CA PHE J 29 10.31 -30.35 -4.39
C PHE J 29 8.96 -30.35 -5.08
N PHE J 30 8.39 -29.16 -5.28
CA PHE J 30 7.11 -29.03 -5.98
C PHE J 30 7.25 -29.35 -7.46
N GLU J 31 8.27 -28.79 -8.08
CA GLU J 31 8.51 -28.96 -9.51
C GLU J 31 8.56 -30.45 -9.90
N ARG J 32 9.42 -31.21 -9.25
CA ARG J 32 9.58 -32.65 -9.54
C ARG J 32 8.31 -33.43 -9.20
N ALA J 33 7.66 -33.09 -8.09
CA ALA J 33 6.40 -33.72 -7.68
C ALA J 33 5.29 -33.48 -8.69
N PHE J 34 5.06 -32.20 -9.03
CA PHE J 34 4.01 -31.78 -9.97
C PHE J 34 4.21 -32.37 -11.36
N ASP J 35 5.44 -32.26 -11.89
CA ASP J 35 5.80 -32.81 -13.20
C ASP J 35 5.54 -34.32 -13.26
N GLN J 36 6.12 -35.05 -12.31
CA GLN J 36 5.97 -36.50 -12.29
C GLN J 36 4.52 -36.93 -12.11
N GLY J 37 3.81 -36.25 -11.20
CA GLY J 37 2.39 -36.52 -10.92
C GLY J 37 1.43 -36.20 -12.06
N ALA J 38 1.69 -35.09 -12.76
CA ALA J 38 0.85 -34.68 -13.89
C ALA J 38 1.09 -35.51 -15.13
N ASP J 39 2.34 -35.93 -15.34
CA ASP J 39 2.71 -36.80 -16.46
C ASP J 39 2.07 -38.16 -16.35
N ALA J 40 2.00 -38.68 -15.12
CA ALA J 40 1.30 -39.92 -14.81
C ALA J 40 -0.16 -39.84 -15.21
N ILE J 41 -0.80 -38.72 -14.85
CA ILE J 41 -2.21 -38.46 -15.17
C ILE J 41 -2.43 -38.43 -16.70
N TYR J 42 -1.49 -37.81 -17.41
CA TYR J 42 -1.54 -37.73 -18.87
C TYR J 42 -1.37 -39.08 -19.56
N GLU J 43 -0.33 -39.82 -19.14
CA GLU J 43 0.02 -41.10 -19.74
C GLU J 43 -1.01 -42.22 -19.45
N HIS J 44 -1.68 -42.15 -18.29
CA HIS J 44 -2.81 -43.05 -17.97
C HIS J 44 -4.02 -42.72 -18.87
N ILE J 45 -4.31 -41.43 -19.04
CA ILE J 45 -5.38 -40.93 -19.92
C ILE J 45 -5.17 -41.39 -21.38
N ASN J 46 -3.91 -41.54 -21.77
CA ASN J 46 -3.54 -41.96 -23.12
C ASN J 46 -2.76 -43.26 -23.11
N GLU J 47 -3.27 -44.25 -22.37
CA GLU J 47 -2.61 -45.55 -22.21
C GLU J 47 -2.50 -46.26 -23.55
N GLY J 48 -1.30 -46.74 -23.86
CA GLY J 48 -1.06 -47.47 -25.10
C GLY J 48 -1.05 -46.66 -26.40
N LYS J 49 -1.42 -45.38 -26.33
CA LYS J 49 -1.45 -44.48 -27.50
C LYS J 49 -0.08 -43.83 -27.81
N LEU J 50 0.74 -43.59 -26.78
CA LEU J 50 2.03 -42.90 -26.91
C LEU J 50 3.17 -43.83 -27.36
N TRP J 51 4.17 -43.25 -28.05
CA TRP J 51 5.41 -43.95 -28.44
C TRP J 51 6.10 -44.60 -27.24
N LYS J 52 6.04 -43.93 -26.10
CA LYS J 52 6.59 -44.42 -24.82
C LYS J 52 6.00 -45.76 -24.42
N HIS J 53 4.71 -45.96 -24.69
CA HIS J 53 4.00 -47.22 -24.39
C HIS J 53 4.19 -48.33 -25.43
N ILE J 54 4.35 -47.95 -26.71
CA ILE J 54 4.54 -48.93 -27.82
C ILE J 54 6.01 -49.10 -28.27
N LYS J 55 6.93 -48.44 -27.58
CA LYS J 55 8.38 -48.49 -27.86
C LYS J 55 8.91 -49.92 -27.91
N HIS J 56 8.54 -50.71 -26.89
CA HIS J 56 9.03 -52.08 -26.67
C HIS J 56 8.82 -53.06 -27.84
N LYS J 57 7.83 -52.77 -28.69
CA LYS J 57 7.45 -53.63 -29.80
C LYS J 57 8.48 -53.64 -30.95
N TYR J 58 9.37 -52.65 -31.01
CA TYR J 58 10.36 -52.54 -32.09
C TYR J 58 11.83 -52.40 -31.61
N GLU J 59 12.18 -53.05 -30.49
CA GLU J 59 13.51 -52.90 -29.85
C GLU J 59 14.17 -54.22 -29.46
#